data_2GLV
#
_entry.id   2GLV
#
_cell.length_a   266.525
_cell.length_b   76.913
_cell.length_c   113.187
_cell.angle_alpha   90.00
_cell.angle_beta   102.25
_cell.angle_gamma   90.00
#
_symmetry.space_group_name_H-M   'C 1 2 1'
#
loop_
_entity.id
_entity.type
_entity.pdbx_description
1 polymer '(3R)-hydroxymyristoyl-acyl carrier protein dehydratase'
2 non-polymer 'CHLORIDE ION'
3 water water
#
_entity_poly.entity_id   1
_entity_poly.type   'polypeptide(L)'
_entity_poly.pdbx_seq_one_letter_code
;MRGSHHHHHHGSMEQSHQNLQSQFFIEHILQILPHRYPMLLVDRITELQANQKIVAYKNITFNEDVFNGHFPNKPIFPGV
LIVEGMAQSGGFLAFTSLWGFDPEIAKTKIVAFMTIDKVKFRIPVTPGDRLEYHLEVLKHKGMIWQVGGTAQVDGKVVAE
AELKAMIAERE
;
_entity_poly.pdbx_strand_id   A,B,C,D,E,F,G,H,I,J,K,L
#
loop_
_chem_comp.id
_chem_comp.type
_chem_comp.name
_chem_comp.formula
CL non-polymer 'CHLORIDE ION' 'Cl -1'
#
# COMPACT_ATOMS: atom_id res chain seq x y z
N LEU A 20 12.99 17.31 15.70
CA LEU A 20 13.14 17.49 14.23
C LEU A 20 12.33 16.38 13.53
N GLN A 21 12.89 15.79 12.47
CA GLN A 21 12.21 14.73 11.73
C GLN A 21 13.08 14.04 10.68
N SER A 22 12.45 13.18 9.88
CA SER A 22 13.16 12.46 8.85
C SER A 22 12.21 12.13 7.71
N GLN A 23 11.01 12.70 7.76
CA GLN A 23 10.03 12.54 6.70
C GLN A 23 9.32 13.86 6.47
N PHE A 24 9.53 14.46 5.30
CA PHE A 24 8.89 15.72 5.01
C PHE A 24 8.12 15.68 3.72
N PHE A 25 7.00 16.38 3.72
CA PHE A 25 6.15 16.43 2.55
C PHE A 25 6.29 17.79 1.86
N ILE A 26 5.48 18.00 0.83
CA ILE A 26 5.53 19.24 0.05
C ILE A 26 5.25 20.52 0.86
N GLU A 27 4.37 20.46 1.87
CA GLU A 27 4.09 21.66 2.65
C GLU A 27 5.36 22.09 3.36
N HIS A 28 6.10 21.11 3.87
CA HIS A 28 7.35 21.34 4.59
C HIS A 28 8.44 21.86 3.63
N ILE A 29 8.64 21.11 2.54
CA ILE A 29 9.61 21.46 1.53
C ILE A 29 9.44 22.93 1.12
N LEU A 30 8.20 23.30 0.80
CA LEU A 30 7.83 24.65 0.43
C LEU A 30 8.22 25.67 1.50
N GLN A 31 8.21 25.25 2.76
CA GLN A 31 8.57 26.16 3.85
C GLN A 31 10.07 26.37 4.03
N ILE A 32 10.90 25.52 3.44
CA ILE A 32 12.35 25.65 3.58
C ILE A 32 13.03 26.16 2.34
N LEU A 33 12.75 25.53 1.20
CA LEU A 33 13.37 25.96 -0.05
C LEU A 33 12.58 27.11 -0.69
N PRO A 34 13.30 28.04 -1.32
CA PRO A 34 12.67 29.20 -1.97
C PRO A 34 12.19 28.87 -3.38
N HIS A 35 12.64 27.75 -3.93
CA HIS A 35 12.21 27.37 -5.27
C HIS A 35 10.68 27.24 -5.35
N ARG A 36 10.12 27.68 -6.47
CA ARG A 36 8.71 27.60 -6.72
C ARG A 36 8.49 27.16 -8.15
N TYR A 37 7.24 26.95 -8.54
CA TYR A 37 6.90 26.50 -9.89
C TYR A 37 7.37 27.50 -10.94
N PRO A 38 7.95 27.02 -12.06
CA PRO A 38 8.22 25.61 -12.43
C PRO A 38 9.62 25.11 -12.11
N MET A 39 10.21 25.54 -11.01
CA MET A 39 11.54 25.10 -10.65
C MET A 39 11.68 24.42 -9.29
N LEU A 40 10.56 24.02 -8.68
CA LEU A 40 10.65 23.28 -7.41
C LEU A 40 10.57 21.83 -7.88
N LEU A 41 11.75 21.20 -7.98
CA LEU A 41 11.87 19.83 -8.48
C LEU A 41 12.04 18.71 -7.45
N VAL A 42 11.44 18.87 -6.28
CA VAL A 42 11.49 17.87 -5.21
C VAL A 42 10.10 17.84 -4.58
N ASP A 43 9.47 16.66 -4.54
CA ASP A 43 8.12 16.52 -4.00
C ASP A 43 7.99 16.09 -2.57
N ARG A 44 8.88 15.21 -2.13
CA ARG A 44 8.84 14.67 -0.78
C ARG A 44 10.22 14.18 -0.33
N ILE A 45 10.53 14.32 0.96
CA ILE A 45 11.81 13.86 1.50
C ILE A 45 11.52 12.59 2.30
N THR A 46 11.99 11.45 1.83
CA THR A 46 11.75 10.21 2.57
C THR A 46 12.72 9.99 3.73
N GLU A 47 14.00 10.21 3.50
CA GLU A 47 15.00 10.01 4.56
C GLU A 47 15.88 11.25 4.72
N LEU A 48 16.29 11.52 5.95
CA LEU A 48 17.10 12.69 6.21
C LEU A 48 17.96 12.52 7.44
N GLN A 49 19.27 12.77 7.32
CA GLN A 49 20.19 12.66 8.45
C GLN A 49 21.08 13.89 8.52
N ALA A 50 20.81 14.77 9.47
CA ALA A 50 21.57 16.01 9.62
C ALA A 50 23.05 15.84 9.34
N ASN A 51 23.61 16.74 8.55
CA ASN A 51 25.02 16.70 8.23
C ASN A 51 25.43 15.48 7.40
N GLN A 52 24.72 14.37 7.55
CA GLN A 52 25.06 13.13 6.83
C GLN A 52 24.58 12.99 5.37
N LYS A 53 23.42 12.36 5.18
CA LYS A 53 22.88 12.11 3.84
C LYS A 53 21.40 12.48 3.73
N ILE A 54 20.83 12.31 2.54
CA ILE A 54 19.42 12.63 2.34
C ILE A 54 18.83 11.87 1.17
N VAL A 55 17.60 11.41 1.35
CA VAL A 55 16.88 10.68 0.30
C VAL A 55 15.49 11.31 0.07
N ALA A 56 15.23 11.68 -1.17
CA ALA A 56 13.97 12.29 -1.53
C ALA A 56 13.64 11.90 -2.96
N TYR A 57 12.50 12.37 -3.45
CA TYR A 57 12.16 12.06 -4.82
C TYR A 57 11.23 13.10 -5.41
N LYS A 58 11.04 13.01 -6.72
CA LYS A 58 10.16 13.88 -7.46
C LYS A 58 9.47 12.93 -8.44
N ASN A 59 8.15 13.04 -8.58
CA ASN A 59 7.47 12.18 -9.54
C ASN A 59 7.55 12.86 -10.90
N ILE A 60 7.82 12.08 -11.94
CA ILE A 60 7.88 12.63 -13.28
C ILE A 60 6.56 12.27 -13.94
N THR A 61 5.87 13.27 -14.51
CA THR A 61 4.58 13.04 -15.17
C THR A 61 4.45 13.82 -16.47
N PHE A 62 3.75 13.28 -17.44
CA PHE A 62 3.56 13.98 -18.70
C PHE A 62 2.93 15.36 -18.54
N ASN A 63 2.16 15.56 -17.46
CA ASN A 63 1.51 16.85 -17.23
C ASN A 63 2.45 17.95 -16.72
N GLU A 64 3.69 17.96 -17.23
CA GLU A 64 4.67 18.98 -16.86
C GLU A 64 4.99 19.76 -18.15
N ASP A 65 5.10 21.09 -18.01
CA ASP A 65 5.38 21.98 -19.14
C ASP A 65 6.64 21.62 -19.91
N VAL A 66 7.72 21.34 -19.19
CA VAL A 66 8.99 21.02 -19.82
C VAL A 66 8.92 19.97 -20.94
N PHE A 67 7.92 19.10 -20.89
CA PHE A 67 7.77 18.06 -21.89
C PHE A 67 7.20 18.57 -23.21
N ASN A 68 6.69 19.78 -23.23
CA ASN A 68 6.18 20.30 -24.48
C ASN A 68 7.34 20.54 -25.42
N GLY A 69 8.56 20.47 -24.89
CA GLY A 69 9.71 20.71 -25.74
C GLY A 69 10.91 19.80 -25.56
N HIS A 70 10.86 18.90 -24.58
CA HIS A 70 12.01 18.02 -24.36
C HIS A 70 11.62 16.53 -24.20
N PHE A 71 11.25 15.84 -25.28
CA PHE A 71 11.16 16.39 -26.63
C PHE A 71 9.80 16.03 -27.18
N PRO A 72 9.32 16.78 -28.17
CA PRO A 72 8.00 16.51 -28.78
C PRO A 72 7.89 15.06 -29.24
N ASN A 73 6.80 14.39 -28.86
CA ASN A 73 6.56 13.01 -29.23
C ASN A 73 7.65 12.06 -28.75
N LYS A 74 8.27 12.43 -27.64
CA LYS A 74 9.31 11.60 -27.04
C LYS A 74 9.75 12.27 -25.76
N PRO A 75 8.88 12.25 -24.73
CA PRO A 75 9.16 12.86 -23.43
C PRO A 75 10.39 12.32 -22.71
N ILE A 76 11.32 13.22 -22.41
CA ILE A 76 12.54 12.88 -21.70
C ILE A 76 12.78 14.01 -20.68
N PHE A 77 12.69 13.69 -19.39
CA PHE A 77 12.91 14.69 -18.36
C PHE A 77 14.35 15.17 -18.55
N PRO A 78 14.56 16.49 -18.69
CA PRO A 78 15.89 17.09 -18.89
C PRO A 78 16.99 16.66 -17.91
N GLY A 79 18.11 16.24 -18.48
CA GLY A 79 19.23 15.82 -17.66
C GLY A 79 19.61 16.87 -16.65
N VAL A 80 19.73 18.12 -17.12
CA VAL A 80 20.09 19.22 -16.23
C VAL A 80 19.09 19.38 -15.10
N LEU A 81 17.83 19.05 -15.36
CA LEU A 81 16.82 19.19 -14.31
C LEU A 81 16.98 18.09 -13.27
N ILE A 82 17.57 16.96 -13.67
CA ILE A 82 17.82 15.89 -12.71
C ILE A 82 18.87 16.43 -11.73
N VAL A 83 19.89 17.09 -12.27
CA VAL A 83 20.95 17.67 -11.46
C VAL A 83 20.41 18.72 -10.51
N GLU A 84 19.53 19.58 -11.05
CA GLU A 84 18.92 20.65 -10.27
C GLU A 84 18.11 20.06 -9.11
N GLY A 85 17.49 18.92 -9.35
CA GLY A 85 16.71 18.27 -8.31
C GLY A 85 17.57 17.75 -7.16
N MET A 86 18.78 17.31 -7.47
CA MET A 86 19.66 16.80 -6.44
C MET A 86 20.21 17.93 -5.57
N ALA A 87 20.44 19.09 -6.19
CA ALA A 87 20.95 20.26 -5.49
C ALA A 87 19.93 20.78 -4.50
N GLN A 88 18.65 20.76 -4.88
CA GLN A 88 17.61 21.22 -3.98
C GLN A 88 17.54 20.26 -2.80
N SER A 89 17.59 18.98 -3.10
CA SER A 89 17.54 17.96 -2.05
C SER A 89 18.72 18.20 -1.12
N GLY A 90 19.86 18.55 -1.70
CA GLY A 90 21.05 18.83 -0.91
C GLY A 90 20.79 20.09 -0.12
N GLY A 91 20.14 21.05 -0.77
CA GLY A 91 19.81 22.31 -0.13
C GLY A 91 18.92 22.12 1.07
N PHE A 92 17.90 21.29 0.93
CA PHE A 92 17.00 21.04 2.06
C PHE A 92 17.84 20.46 3.19
N LEU A 93 18.70 19.51 2.87
CA LEU A 93 19.55 18.86 3.87
C LEU A 93 20.47 19.86 4.53
N ALA A 94 21.08 20.73 3.72
CA ALA A 94 22.00 21.73 4.24
C ALA A 94 21.27 22.66 5.19
N PHE A 95 20.20 23.28 4.71
CA PHE A 95 19.44 24.20 5.55
C PHE A 95 19.06 23.54 6.88
N THR A 96 18.43 22.38 6.79
CA THR A 96 17.99 21.60 7.96
C THR A 96 19.13 21.33 8.95
N SER A 97 20.31 21.04 8.42
CA SER A 97 21.49 20.75 9.25
C SER A 97 21.97 22.00 9.96
N LEU A 98 21.90 23.13 9.28
CA LEU A 98 22.37 24.38 9.82
C LEU A 98 21.46 25.06 10.85
N TRP A 99 20.14 24.96 10.69
CA TRP A 99 19.22 25.64 11.61
C TRP A 99 18.04 24.80 12.10
N GLY A 100 18.04 23.51 11.79
CA GLY A 100 16.93 22.66 12.20
C GLY A 100 15.76 22.99 11.28
N PHE A 101 14.54 22.63 11.66
CA PHE A 101 13.41 22.95 10.80
C PHE A 101 12.96 24.38 11.14
N ASP A 102 13.44 25.38 10.37
CA ASP A 102 13.09 26.77 10.66
C ASP A 102 12.62 27.64 9.47
N PRO A 103 11.29 27.65 9.21
CA PRO A 103 10.73 28.44 8.10
C PRO A 103 11.04 29.94 8.16
N GLU A 104 10.88 30.52 9.35
CA GLU A 104 11.15 31.94 9.55
C GLU A 104 12.55 32.34 9.06
N ILE A 105 13.56 31.56 9.44
CA ILE A 105 14.89 31.90 9.00
C ILE A 105 15.12 31.51 7.53
N ALA A 106 14.60 30.36 7.12
CA ALA A 106 14.76 29.93 5.72
C ALA A 106 14.19 30.98 4.77
N LYS A 107 13.14 31.64 5.23
CA LYS A 107 12.41 32.67 4.46
C LYS A 107 13.32 33.74 3.87
N THR A 108 14.50 33.88 4.46
CA THR A 108 15.46 34.89 4.04
C THR A 108 16.58 34.41 3.11
N LYS A 109 16.53 33.16 2.66
CA LYS A 109 17.59 32.61 1.81
C LYS A 109 17.29 32.22 0.36
N ILE A 110 18.36 32.17 -0.41
CA ILE A 110 18.35 31.82 -1.83
C ILE A 110 19.34 30.66 -1.94
N VAL A 111 19.30 29.93 -3.05
CA VAL A 111 20.25 28.83 -3.23
C VAL A 111 21.00 29.03 -4.53
N ALA A 112 22.25 29.46 -4.40
CA ALA A 112 23.12 29.70 -5.55
C ALA A 112 23.94 28.45 -5.89
N PHE A 113 24.06 28.17 -7.19
CA PHE A 113 24.81 27.00 -7.65
C PHE A 113 26.26 27.43 -7.78
N MET A 114 27.19 26.69 -7.17
CA MET A 114 28.61 27.05 -7.27
C MET A 114 29.37 26.25 -8.32
N THR A 115 29.48 24.94 -8.11
CA THR A 115 30.19 24.09 -9.06
C THR A 115 29.47 22.77 -9.29
N ILE A 116 29.67 22.22 -10.48
CA ILE A 116 29.06 20.95 -10.84
C ILE A 116 30.16 20.08 -11.43
N ASP A 117 30.28 18.84 -10.93
CA ASP A 117 31.29 17.89 -11.44
C ASP A 117 30.92 16.42 -11.37
N LYS A 118 31.55 15.65 -12.26
CA LYS A 118 31.35 14.21 -12.30
C LYS A 118 29.86 13.88 -12.42
N VAL A 119 29.24 14.47 -13.43
CA VAL A 119 27.83 14.26 -13.71
C VAL A 119 27.76 13.19 -14.79
N LYS A 120 27.05 12.11 -14.51
CA LYS A 120 26.93 11.02 -15.47
C LYS A 120 25.49 10.55 -15.67
N PHE A 121 25.01 10.66 -16.91
CA PHE A 121 23.65 10.25 -17.26
C PHE A 121 23.69 8.84 -17.81
N ARG A 122 23.09 7.89 -17.09
CA ARG A 122 23.09 6.49 -17.54
C ARG A 122 21.81 6.06 -18.25
N ILE A 123 20.67 6.30 -17.61
CA ILE A 123 19.36 5.91 -18.15
C ILE A 123 18.46 7.13 -18.25
N PRO A 124 17.65 7.22 -19.31
CA PRO A 124 16.77 8.38 -19.40
C PRO A 124 15.63 8.28 -18.39
N VAL A 125 15.12 9.44 -17.97
CA VAL A 125 14.02 9.53 -17.02
C VAL A 125 12.82 10.01 -17.82
N THR A 126 11.74 9.23 -17.78
CA THR A 126 10.51 9.52 -18.52
C THR A 126 9.27 9.52 -17.61
N PRO A 127 8.13 9.98 -18.15
CA PRO A 127 6.86 10.05 -17.41
C PRO A 127 6.43 8.72 -16.79
N GLY A 128 6.21 8.73 -15.48
CA GLY A 128 5.82 7.54 -14.77
C GLY A 128 6.93 7.05 -13.87
N ASP A 129 8.13 7.60 -14.06
CA ASP A 129 9.29 7.22 -13.24
C ASP A 129 9.21 7.91 -11.88
N ARG A 130 9.89 7.34 -10.90
CA ARG A 130 9.91 7.93 -9.58
C ARG A 130 11.35 8.37 -9.35
N LEU A 131 11.72 9.49 -9.95
CA LEU A 131 13.06 10.06 -9.86
C LEU A 131 13.43 10.25 -8.40
N GLU A 132 14.30 9.38 -7.89
CA GLU A 132 14.75 9.42 -6.50
C GLU A 132 16.12 10.08 -6.30
N TYR A 133 16.20 10.96 -5.31
CA TYR A 133 17.44 11.67 -5.01
C TYR A 133 18.17 11.06 -3.83
N HIS A 134 19.44 10.72 -4.05
CA HIS A 134 20.30 10.13 -3.02
C HIS A 134 21.53 11.00 -2.90
N LEU A 135 21.57 11.78 -1.82
CA LEU A 135 22.68 12.68 -1.61
C LEU A 135 23.42 12.44 -0.31
N GLU A 136 24.73 12.56 -0.41
CA GLU A 136 25.62 12.41 0.73
C GLU A 136 26.46 13.67 0.77
N VAL A 137 26.79 14.08 1.98
CA VAL A 137 27.58 15.28 2.20
C VAL A 137 29.10 15.01 2.15
N LEU A 138 29.72 15.55 1.12
CA LEU A 138 31.16 15.42 0.94
C LEU A 138 31.83 16.42 1.90
N LYS A 139 31.81 17.70 1.53
CA LYS A 139 32.40 18.75 2.35
C LYS A 139 31.36 19.88 2.58
N HIS A 140 31.62 20.74 3.58
CA HIS A 140 30.73 21.86 3.90
C HIS A 140 31.33 22.75 5.00
N LYS A 141 31.19 24.06 4.85
CA LYS A 141 31.74 25.01 5.83
C LYS A 141 30.62 25.95 6.29
N GLY A 142 30.41 27.03 5.55
CA GLY A 142 29.37 27.96 5.96
C GLY A 142 28.11 27.65 5.17
N MET A 143 27.65 28.63 4.41
CA MET A 143 26.47 28.47 3.59
C MET A 143 26.89 27.75 2.29
N ILE A 144 28.02 27.03 2.35
CA ILE A 144 28.53 26.28 1.19
C ILE A 144 28.62 24.79 1.45
N TRP A 145 27.91 24.01 0.64
CA TRP A 145 27.88 22.56 0.81
C TRP A 145 28.18 21.77 -0.45
N GLN A 146 29.24 20.98 -0.40
CA GLN A 146 29.58 20.16 -1.55
C GLN A 146 29.02 18.78 -1.21
N VAL A 147 28.09 18.30 -2.03
CA VAL A 147 27.46 17.00 -1.83
C VAL A 147 27.56 16.18 -3.11
N GLY A 148 27.25 14.91 -3.00
CA GLY A 148 27.29 14.04 -4.15
C GLY A 148 26.39 12.86 -3.93
N GLY A 149 25.94 12.26 -5.03
CA GLY A 149 25.06 11.12 -4.92
C GLY A 149 24.60 10.60 -6.25
N THR A 150 23.36 10.13 -6.30
CA THR A 150 22.84 9.58 -7.54
C THR A 150 21.35 9.80 -7.64
N ALA A 151 20.84 9.62 -8.86
CA ALA A 151 19.42 9.74 -9.13
C ALA A 151 19.03 8.31 -9.46
N GLN A 152 17.97 7.82 -8.85
CA GLN A 152 17.53 6.45 -9.09
C GLN A 152 16.03 6.27 -9.38
N VAL A 153 15.75 5.37 -10.32
CA VAL A 153 14.40 5.02 -10.72
C VAL A 153 14.35 3.50 -10.62
N ASP A 154 13.46 2.98 -9.76
CA ASP A 154 13.33 1.53 -9.55
C ASP A 154 14.65 0.88 -9.13
N GLY A 155 15.34 1.44 -8.15
CA GLY A 155 16.61 0.86 -7.71
C GLY A 155 17.80 1.11 -8.63
N LYS A 156 17.54 1.26 -9.93
CA LYS A 156 18.59 1.51 -10.94
C LYS A 156 19.12 2.96 -10.91
N VAL A 157 20.43 3.11 -11.06
CA VAL A 157 21.02 4.46 -11.06
C VAL A 157 20.87 5.09 -12.44
N VAL A 158 20.06 6.15 -12.52
CA VAL A 158 19.83 6.81 -13.80
C VAL A 158 20.83 7.91 -14.02
N ALA A 159 21.51 8.30 -12.95
CA ALA A 159 22.49 9.36 -13.06
C ALA A 159 23.19 9.60 -11.74
N GLU A 160 24.42 10.08 -11.83
CA GLU A 160 25.21 10.41 -10.66
C GLU A 160 25.81 11.77 -10.91
N ALA A 161 26.12 12.49 -9.85
CA ALA A 161 26.70 13.80 -10.02
C ALA A 161 27.13 14.39 -8.70
N GLU A 162 27.87 15.47 -8.81
CA GLU A 162 28.34 16.17 -7.63
C GLU A 162 28.12 17.65 -7.89
N LEU A 163 27.97 18.40 -6.82
CA LEU A 163 27.75 19.83 -6.92
C LEU A 163 28.00 20.53 -5.60
N LYS A 164 28.15 21.85 -5.70
CA LYS A 164 28.38 22.69 -4.54
C LYS A 164 27.40 23.86 -4.67
N ALA A 165 26.37 23.84 -3.84
CA ALA A 165 25.38 24.90 -3.88
C ALA A 165 25.77 25.96 -2.86
N MET A 166 25.00 27.03 -2.84
CA MET A 166 25.26 28.15 -1.98
C MET A 166 23.95 28.59 -1.32
N ILE A 167 23.97 28.71 0.00
CA ILE A 167 22.76 29.13 0.71
C ILE A 167 22.93 30.59 1.11
N ALA A 168 23.00 31.46 0.11
CA ALA A 168 23.16 32.89 0.34
C ALA A 168 21.87 33.53 0.82
N GLU A 169 22.00 34.48 1.75
CA GLU A 169 20.84 35.21 2.26
C GLU A 169 20.11 35.76 1.03
N ARG A 170 18.82 36.03 1.14
CA ARG A 170 17.98 36.51 0.03
C ARG A 170 18.08 38.00 -0.35
N GLU A 171 18.70 38.81 0.50
CA GLU A 171 18.82 40.23 0.23
C GLU A 171 19.46 40.97 1.40
N LEU B 20 27.73 24.17 -43.99
CA LEU B 20 28.00 25.15 -42.91
C LEU B 20 28.03 26.59 -43.44
N GLN B 21 27.72 27.54 -42.55
CA GLN B 21 27.68 28.98 -42.84
C GLN B 21 28.29 29.56 -41.56
N SER B 22 28.05 30.84 -41.26
CA SER B 22 28.61 31.38 -40.01
C SER B 22 27.61 32.24 -39.26
N GLN B 23 26.41 32.30 -39.79
CA GLN B 23 25.37 33.08 -39.16
C GLN B 23 24.07 32.30 -39.31
N PHE B 24 23.52 31.92 -38.17
CA PHE B 24 22.26 31.18 -38.16
C PHE B 24 21.31 31.84 -37.18
N PHE B 25 20.06 31.97 -37.61
CA PHE B 25 19.03 32.59 -36.79
C PHE B 25 18.10 31.53 -36.24
N ILE B 26 17.24 31.91 -35.30
CA ILE B 26 16.33 30.94 -34.70
C ILE B 26 15.64 30.07 -35.75
N GLU B 27 15.43 30.61 -36.95
CA GLU B 27 14.78 29.84 -38.01
C GLU B 27 15.67 28.70 -38.52
N HIS B 28 16.96 28.79 -38.26
CA HIS B 28 17.89 27.73 -38.67
C HIS B 28 17.98 26.74 -37.53
N ILE B 29 18.19 27.26 -36.33
CA ILE B 29 18.28 26.45 -35.13
C ILE B 29 17.05 25.53 -35.03
N LEU B 30 15.88 26.11 -35.23
CA LEU B 30 14.64 25.34 -35.17
C LEU B 30 14.72 24.12 -36.06
N GLN B 31 15.26 24.31 -37.27
CA GLN B 31 15.38 23.24 -38.25
C GLN B 31 16.46 22.20 -37.94
N ILE B 32 17.32 22.45 -36.96
CA ILE B 32 18.36 21.48 -36.67
C ILE B 32 18.32 20.84 -35.30
N LEU B 33 18.03 21.62 -34.27
CA LEU B 33 17.92 21.09 -32.93
C LEU B 33 16.49 20.54 -32.75
N PRO B 34 16.31 19.54 -31.89
CA PRO B 34 14.95 19.00 -31.71
C PRO B 34 14.19 19.74 -30.59
N HIS B 35 14.96 20.33 -29.68
CA HIS B 35 14.40 21.05 -28.55
C HIS B 35 13.37 22.07 -29.01
N ARG B 36 12.39 22.32 -28.14
CA ARG B 36 11.31 23.27 -28.40
C ARG B 36 10.88 23.87 -27.07
N TYR B 37 9.93 24.81 -27.15
CA TYR B 37 9.42 25.49 -25.96
C TYR B 37 8.94 24.50 -24.91
N PRO B 38 9.33 24.71 -23.63
CA PRO B 38 10.17 25.78 -23.12
C PRO B 38 11.59 25.32 -22.84
N MET B 39 12.17 24.57 -23.78
CA MET B 39 13.52 24.07 -23.60
C MET B 39 14.49 24.37 -24.74
N LEU B 40 14.10 25.24 -25.68
CA LEU B 40 15.05 25.63 -26.73
C LEU B 40 15.73 26.85 -26.14
N LEU B 41 16.97 26.67 -25.67
CA LEU B 41 17.71 27.73 -25.01
C LEU B 41 18.81 28.41 -25.82
N VAL B 42 18.70 28.38 -27.13
CA VAL B 42 19.67 29.04 -28.01
C VAL B 42 18.87 29.86 -28.99
N ASP B 43 19.11 31.16 -29.04
CA ASP B 43 18.38 32.02 -29.95
C ASP B 43 19.12 32.33 -31.23
N ARG B 44 20.43 32.54 -31.16
CA ARG B 44 21.15 32.88 -32.38
C ARG B 44 22.60 32.40 -32.38
N ILE B 45 23.08 32.04 -33.56
CA ILE B 45 24.45 31.56 -33.75
C ILE B 45 25.20 32.58 -34.60
N THR B 46 25.92 33.46 -33.91
CA THR B 46 26.69 34.54 -34.51
C THR B 46 27.93 34.12 -35.30
N GLU B 47 28.69 33.17 -34.77
CA GLU B 47 29.91 32.73 -35.45
C GLU B 47 30.00 31.23 -35.40
N LEU B 48 30.40 30.63 -36.52
CA LEU B 48 30.52 29.19 -36.56
C LEU B 48 31.60 28.73 -37.52
N GLN B 49 32.46 27.85 -37.00
CA GLN B 49 33.58 27.27 -37.73
C GLN B 49 33.50 25.77 -37.42
N ALA B 50 33.12 24.98 -38.43
CA ALA B 50 32.96 23.53 -38.30
C ALA B 50 34.08 22.81 -37.54
N ASN B 51 33.78 21.66 -36.95
CA ASN B 51 34.77 20.90 -36.19
C ASN B 51 35.52 21.76 -35.16
N GLN B 52 35.60 23.06 -35.41
CA GLN B 52 36.30 23.98 -34.53
C GLN B 52 35.44 24.45 -33.36
N LYS B 53 34.98 25.69 -33.49
CA LYS B 53 34.19 26.32 -32.44
C LYS B 53 32.86 26.89 -32.91
N ILE B 54 32.13 27.47 -31.96
CA ILE B 54 30.84 28.11 -32.21
C ILE B 54 30.57 29.15 -31.13
N VAL B 55 29.91 30.22 -31.55
CA VAL B 55 29.53 31.33 -30.68
C VAL B 55 28.06 31.62 -30.94
N ALA B 56 27.22 31.29 -29.98
CA ALA B 56 25.78 31.55 -30.12
C ALA B 56 25.36 32.32 -28.89
N TYR B 57 24.06 32.49 -28.71
CA TYR B 57 23.56 33.17 -27.54
C TYR B 57 22.05 33.10 -27.39
N LYS B 58 21.60 33.24 -26.15
CA LYS B 58 20.19 33.22 -25.82
C LYS B 58 19.92 34.51 -25.11
N ASN B 59 18.85 35.18 -25.49
CA ASN B 59 18.47 36.42 -24.84
C ASN B 59 17.73 36.06 -23.57
N ILE B 60 17.95 36.82 -22.50
CA ILE B 60 17.29 36.57 -21.23
C ILE B 60 16.38 37.75 -20.91
N THR B 61 15.08 37.49 -20.83
CA THR B 61 14.12 38.55 -20.52
C THR B 61 13.39 38.11 -19.26
N PHE B 62 12.59 39.00 -18.68
CA PHE B 62 11.84 38.65 -17.48
C PHE B 62 10.65 37.81 -17.90
N ASN B 63 10.21 38.02 -19.13
CA ASN B 63 9.05 37.35 -19.71
C ASN B 63 9.22 35.85 -19.97
N GLU B 64 9.88 35.16 -19.06
CA GLU B 64 10.08 33.73 -19.20
C GLU B 64 9.41 33.09 -18.00
N ASP B 65 8.66 32.02 -18.25
CA ASP B 65 7.93 31.33 -17.20
C ASP B 65 8.81 30.87 -16.06
N VAL B 66 10.02 30.43 -16.38
CA VAL B 66 10.96 29.95 -15.39
C VAL B 66 11.14 30.92 -14.22
N PHE B 67 11.16 32.23 -14.49
CA PHE B 67 11.33 33.21 -13.43
C PHE B 67 10.20 33.28 -12.41
N ASN B 68 9.09 32.58 -12.65
CA ASN B 68 8.00 32.59 -11.67
C ASN B 68 8.41 31.84 -10.41
N GLY B 69 9.35 30.90 -10.55
CA GLY B 69 9.77 30.15 -9.39
C GLY B 69 11.26 30.16 -9.05
N HIS B 70 12.08 30.87 -9.82
CA HIS B 70 13.51 30.91 -9.56
C HIS B 70 14.03 32.34 -9.67
N PHE B 71 13.75 33.22 -8.70
CA PHE B 71 12.95 32.95 -7.49
C PHE B 71 11.96 34.12 -7.36
N PRO B 72 10.89 33.95 -6.57
CA PRO B 72 9.92 35.04 -6.42
C PRO B 72 10.63 36.31 -5.90
N ASN B 73 10.61 37.37 -6.71
CA ASN B 73 11.24 38.66 -6.38
C ASN B 73 12.77 38.61 -6.32
N LYS B 74 13.36 37.99 -7.34
CA LYS B 74 14.80 37.87 -7.44
C LYS B 74 15.05 36.86 -8.55
N PRO B 75 14.72 37.22 -9.79
CA PRO B 75 14.94 36.29 -10.89
C PRO B 75 16.41 36.05 -11.20
N ILE B 76 16.78 34.77 -11.21
CA ILE B 76 18.14 34.34 -11.50
C ILE B 76 17.96 33.22 -12.53
N PHE B 77 18.62 33.35 -13.68
CA PHE B 77 18.52 32.30 -14.69
C PHE B 77 19.25 31.13 -14.05
N PRO B 78 18.60 29.96 -13.96
CA PRO B 78 19.21 28.76 -13.35
C PRO B 78 20.53 28.37 -14.02
N GLY B 79 21.56 28.20 -13.20
CA GLY B 79 22.84 27.81 -13.74
C GLY B 79 22.71 26.57 -14.60
N VAL B 80 21.91 25.62 -14.15
CA VAL B 80 21.75 24.39 -14.90
C VAL B 80 21.14 24.60 -16.26
N LEU B 81 20.43 25.71 -16.46
CA LEU B 81 19.84 25.98 -17.77
C LEU B 81 20.90 26.64 -18.66
N ILE B 82 21.90 27.25 -18.02
CA ILE B 82 23.01 27.88 -18.73
C ILE B 82 23.80 26.76 -19.36
N VAL B 83 23.98 25.68 -18.61
CA VAL B 83 24.70 24.52 -19.12
C VAL B 83 23.91 23.88 -20.25
N GLU B 84 22.59 23.76 -20.06
CA GLU B 84 21.74 23.17 -21.08
C GLU B 84 21.86 24.02 -22.34
N GLY B 85 21.93 25.33 -22.16
CA GLY B 85 22.07 26.21 -23.29
C GLY B 85 23.41 25.99 -23.98
N MET B 86 24.44 25.69 -23.19
CA MET B 86 25.76 25.47 -23.76
C MET B 86 25.76 24.16 -24.51
N ALA B 87 25.14 23.15 -23.93
CA ALA B 87 25.08 21.85 -24.55
C ALA B 87 24.42 21.96 -25.92
N GLN B 88 23.24 22.56 -25.96
CA GLN B 88 22.53 22.70 -27.21
C GLN B 88 23.42 23.36 -28.26
N SER B 89 24.12 24.44 -27.87
CA SER B 89 25.01 25.15 -28.81
C SER B 89 26.02 24.17 -29.40
N GLY B 90 26.69 23.42 -28.52
CA GLY B 90 27.64 22.45 -29.01
C GLY B 90 26.90 21.49 -29.93
N GLY B 91 25.79 20.96 -29.44
CA GLY B 91 25.00 20.05 -30.25
C GLY B 91 24.84 20.62 -31.63
N PHE B 92 24.33 21.84 -31.76
CA PHE B 92 24.16 22.44 -33.08
C PHE B 92 25.47 22.42 -33.84
N LEU B 93 26.56 22.75 -33.15
CA LEU B 93 27.87 22.75 -33.77
C LEU B 93 28.16 21.36 -34.31
N ALA B 94 27.93 20.36 -33.47
CA ALA B 94 28.17 18.97 -33.85
C ALA B 94 27.48 18.56 -35.14
N PHE B 95 26.16 18.76 -35.22
CA PHE B 95 25.44 18.38 -36.42
C PHE B 95 25.95 19.06 -37.69
N THR B 96 25.96 20.39 -37.72
CA THR B 96 26.45 21.11 -38.89
C THR B 96 27.92 20.78 -39.17
N SER B 97 28.61 20.30 -38.13
CA SER B 97 30.02 19.94 -38.22
C SER B 97 30.17 18.45 -38.57
N LEU B 98 29.41 17.99 -39.57
CA LEU B 98 29.46 16.59 -40.00
C LEU B 98 28.55 16.40 -41.20
N TRP B 99 27.27 16.74 -41.01
CA TRP B 99 26.26 16.63 -42.06
C TRP B 99 25.95 18.04 -42.58
N GLY B 100 26.50 19.05 -41.91
CA GLY B 100 26.24 20.42 -42.32
C GLY B 100 24.78 20.80 -42.12
N PHE B 101 24.43 22.05 -42.38
CA PHE B 101 23.04 22.47 -42.23
C PHE B 101 22.23 21.59 -43.13
N ASP B 102 21.71 20.52 -42.58
CA ASP B 102 20.93 19.58 -43.34
C ASP B 102 19.71 19.16 -42.50
N PRO B 103 18.61 19.93 -42.59
CA PRO B 103 17.42 19.57 -41.82
C PRO B 103 17.11 18.07 -41.83
N GLU B 104 17.23 17.43 -43.00
CA GLU B 104 16.95 15.99 -43.13
C GLU B 104 17.58 15.12 -42.06
N ILE B 105 18.79 14.62 -42.30
CA ILE B 105 19.42 13.75 -41.31
C ILE B 105 19.00 14.21 -39.91
N ALA B 106 19.05 15.51 -39.68
CA ALA B 106 18.66 16.11 -38.40
C ALA B 106 17.36 15.53 -37.79
N LYS B 107 16.27 15.62 -38.54
CA LYS B 107 14.98 15.09 -38.09
C LYS B 107 15.19 13.68 -37.54
N THR B 108 16.14 12.95 -38.14
CA THR B 108 16.48 11.59 -37.71
C THR B 108 17.17 11.66 -36.35
N LYS B 109 18.50 11.72 -36.42
CA LYS B 109 19.42 11.81 -35.29
C LYS B 109 18.91 12.76 -34.21
N ILE B 110 19.52 12.70 -33.03
CA ILE B 110 19.12 13.58 -31.94
C ILE B 110 20.07 13.64 -30.75
N VAL B 111 20.49 14.87 -30.42
CA VAL B 111 21.39 15.16 -29.32
C VAL B 111 20.96 14.51 -27.99
N ALA B 112 21.95 14.21 -27.16
CA ALA B 112 21.70 13.61 -25.86
C ALA B 112 23.02 13.73 -25.12
N PHE B 113 23.04 14.50 -24.03
CA PHE B 113 24.26 14.68 -23.29
C PHE B 113 24.46 13.64 -22.22
N MET B 114 25.61 12.97 -22.30
CA MET B 114 25.93 11.89 -21.37
C MET B 114 26.70 12.33 -20.14
N THR B 115 27.44 13.44 -20.24
CA THR B 115 28.19 13.94 -19.09
C THR B 115 28.36 15.45 -19.06
N ILE B 116 28.85 15.92 -17.91
CA ILE B 116 29.09 17.33 -17.66
C ILE B 116 30.25 17.43 -16.64
N ASP B 117 31.28 18.21 -16.98
CA ASP B 117 32.41 18.37 -16.09
C ASP B 117 32.88 19.81 -15.97
N LYS B 118 33.62 20.05 -14.89
CA LYS B 118 34.20 21.36 -14.58
C LYS B 118 33.27 22.52 -14.83
N VAL B 119 32.13 22.52 -14.16
CA VAL B 119 31.16 23.59 -14.32
C VAL B 119 31.35 24.55 -13.18
N LYS B 120 31.66 25.79 -13.51
CA LYS B 120 31.83 26.82 -12.50
C LYS B 120 30.89 27.96 -12.85
N PHE B 121 30.10 28.41 -11.87
CA PHE B 121 29.17 29.52 -12.03
C PHE B 121 29.76 30.71 -11.27
N ARG B 122 30.11 31.77 -12.01
CA ARG B 122 30.73 32.95 -11.39
C ARG B 122 29.86 34.20 -11.19
N ILE B 123 28.88 34.40 -12.05
CA ILE B 123 28.02 35.57 -11.94
C ILE B 123 26.56 35.23 -12.28
N PRO B 124 25.64 35.54 -11.36
CA PRO B 124 24.24 35.24 -11.63
C PRO B 124 23.73 35.98 -12.85
N VAL B 125 23.02 35.26 -13.71
CA VAL B 125 22.44 35.84 -14.91
C VAL B 125 21.04 36.26 -14.53
N THR B 126 20.59 37.41 -15.01
CA THR B 126 19.27 37.92 -14.70
C THR B 126 18.66 38.53 -15.95
N PRO B 127 17.38 38.93 -15.89
CA PRO B 127 16.72 39.52 -17.06
C PRO B 127 17.51 40.71 -17.59
N GLY B 128 17.65 40.79 -18.91
CA GLY B 128 18.38 41.88 -19.52
C GLY B 128 19.78 41.49 -19.97
N ASP B 129 20.24 40.31 -19.57
CA ASP B 129 21.56 39.82 -19.98
C ASP B 129 21.42 39.14 -21.33
N ARG B 130 22.52 39.09 -22.05
CA ARG B 130 22.62 38.45 -23.35
C ARG B 130 23.65 37.36 -23.08
N LEU B 131 23.16 36.17 -22.74
CA LEU B 131 24.01 35.04 -22.40
C LEU B 131 24.71 34.46 -23.63
N GLU B 132 25.96 34.87 -23.84
CA GLU B 132 26.70 34.39 -24.99
C GLU B 132 27.31 33.01 -24.74
N TYR B 133 27.12 32.11 -25.69
CA TYR B 133 27.66 30.76 -25.58
C TYR B 133 28.93 30.57 -26.41
N HIS B 134 30.05 30.36 -25.71
CA HIS B 134 31.35 30.15 -26.36
C HIS B 134 31.82 28.71 -26.13
N LEU B 135 31.75 27.88 -27.17
CA LEU B 135 32.16 26.48 -27.10
C LEU B 135 33.17 26.14 -28.21
N GLU B 136 34.06 25.21 -27.88
CA GLU B 136 35.07 24.74 -28.82
C GLU B 136 35.12 23.22 -28.69
N VAL B 137 35.33 22.54 -29.81
CA VAL B 137 35.40 21.08 -29.82
C VAL B 137 36.59 20.57 -29.00
N LEU B 138 36.42 19.42 -28.34
CA LEU B 138 37.49 18.82 -27.54
C LEU B 138 37.63 17.34 -27.90
N LYS B 139 38.14 16.55 -26.94
CA LYS B 139 38.32 15.09 -27.11
C LYS B 139 37.07 14.46 -27.71
N HIS B 140 37.02 14.35 -29.04
CA HIS B 140 35.84 13.81 -29.72
C HIS B 140 36.02 12.45 -30.43
N LYS B 141 35.05 11.55 -30.22
CA LYS B 141 35.04 10.19 -30.80
C LYS B 141 34.52 10.13 -32.23
N GLY B 142 33.20 9.97 -32.38
CA GLY B 142 32.56 9.90 -33.68
C GLY B 142 31.16 10.46 -33.51
N MET B 143 30.37 9.81 -32.66
CA MET B 143 29.01 10.26 -32.37
C MET B 143 29.07 10.91 -31.01
N ILE B 144 30.27 10.90 -30.43
CA ILE B 144 30.47 11.46 -29.11
C ILE B 144 31.41 12.66 -29.15
N TRP B 145 30.81 13.84 -29.21
CA TRP B 145 31.55 15.07 -29.24
C TRP B 145 31.72 15.59 -27.84
N GLN B 146 32.93 16.03 -27.51
CA GLN B 146 33.14 16.62 -26.19
C GLN B 146 33.30 18.11 -26.53
N VAL B 147 32.94 18.96 -25.58
CA VAL B 147 33.04 20.40 -25.79
C VAL B 147 33.35 21.10 -24.49
N GLY B 148 34.13 22.17 -24.61
CA GLY B 148 34.48 22.97 -23.45
C GLY B 148 34.19 24.37 -23.92
N GLY B 149 34.30 25.34 -23.02
CA GLY B 149 34.04 26.71 -23.39
C GLY B 149 33.36 27.46 -22.25
N THR B 150 32.78 28.61 -22.56
CA THR B 150 32.12 29.40 -21.54
C THR B 150 30.88 30.15 -22.02
N ALA B 151 30.19 30.73 -21.05
CA ALA B 151 29.01 31.53 -21.29
C ALA B 151 29.44 32.87 -20.76
N GLN B 152 29.20 33.93 -21.52
CA GLN B 152 29.60 35.27 -21.10
C GLN B 152 28.49 36.31 -21.23
N VAL B 153 28.64 37.39 -20.46
CA VAL B 153 27.70 38.49 -20.50
C VAL B 153 28.55 39.77 -20.51
N ASP B 154 28.27 40.63 -21.50
CA ASP B 154 28.98 41.89 -21.68
C ASP B 154 30.50 41.75 -21.58
N GLY B 155 31.04 40.70 -22.19
CA GLY B 155 32.47 40.46 -22.16
C GLY B 155 32.95 39.56 -21.03
N LYS B 156 32.39 39.69 -19.84
CA LYS B 156 32.83 38.87 -18.71
C LYS B 156 32.22 37.46 -18.65
N VAL B 157 33.00 36.54 -18.07
CA VAL B 157 32.62 35.14 -17.94
C VAL B 157 31.66 34.76 -16.82
N VAL B 158 30.39 34.60 -17.15
CA VAL B 158 29.42 34.23 -16.13
C VAL B 158 29.50 32.76 -15.74
N ALA B 159 30.07 31.91 -16.59
CA ALA B 159 30.19 30.49 -16.28
C ALA B 159 31.09 29.71 -17.24
N GLU B 160 31.48 28.49 -16.84
CA GLU B 160 32.29 27.64 -17.69
C GLU B 160 31.95 26.17 -17.50
N ALA B 161 32.23 25.34 -18.51
CA ALA B 161 31.90 23.92 -18.41
C ALA B 161 32.39 23.06 -19.59
N GLU B 162 32.41 21.74 -19.38
CA GLU B 162 32.82 20.74 -20.38
C GLU B 162 31.73 19.65 -20.51
N LEU B 163 31.30 19.36 -21.74
CA LEU B 163 30.26 18.36 -21.93
C LEU B 163 30.53 17.36 -23.03
N LYS B 164 30.14 16.11 -22.81
CA LYS B 164 30.28 15.06 -23.84
C LYS B 164 28.87 14.73 -24.33
N ALA B 165 28.62 14.93 -25.61
CA ALA B 165 27.31 14.66 -26.18
C ALA B 165 27.35 13.67 -27.32
N MET B 166 26.33 12.81 -27.38
CA MET B 166 26.20 11.79 -28.42
C MET B 166 25.00 12.09 -29.29
N ILE B 167 25.19 12.02 -30.60
CA ILE B 167 24.10 12.27 -31.51
C ILE B 167 23.37 10.93 -31.65
N ALA B 168 22.34 10.75 -30.83
CA ALA B 168 21.54 9.54 -30.85
C ALA B 168 20.63 9.58 -32.07
N GLU B 169 19.60 8.74 -32.05
CA GLU B 169 18.62 8.66 -33.15
C GLU B 169 17.22 8.44 -32.57
N LEU C 20 21.39 60.37 -7.81
CA LEU C 20 20.55 59.84 -8.91
C LEU C 20 21.32 58.81 -9.71
N GLN C 21 20.73 57.62 -9.85
CA GLN C 21 21.37 56.52 -10.56
C GLN C 21 21.03 56.53 -12.04
N SER C 22 21.93 55.95 -12.81
CA SER C 22 21.79 55.88 -14.25
C SER C 22 20.87 54.73 -14.69
N GLN C 23 21.36 53.50 -14.61
CA GLN C 23 20.60 52.31 -14.99
C GLN C 23 19.62 51.82 -13.93
N PHE C 24 18.52 51.23 -14.40
CA PHE C 24 17.52 50.66 -13.52
C PHE C 24 17.23 49.23 -13.93
N PHE C 25 17.54 48.29 -13.05
CA PHE C 25 17.37 46.88 -13.32
C PHE C 25 15.98 46.35 -13.01
N ILE C 26 15.78 45.09 -13.37
CA ILE C 26 14.50 44.41 -13.20
C ILE C 26 13.91 44.55 -11.80
N GLU C 27 14.75 44.42 -10.77
CA GLU C 27 14.26 44.56 -9.40
C GLU C 27 13.64 45.95 -9.22
N HIS C 28 14.33 46.97 -9.75
CA HIS C 28 13.85 48.34 -9.67
C HIS C 28 12.53 48.47 -10.43
N ILE C 29 12.46 47.87 -11.62
CA ILE C 29 11.25 47.93 -12.41
C ILE C 29 10.08 47.28 -11.65
N LEU C 30 10.31 46.10 -11.09
CA LEU C 30 9.27 45.40 -10.34
C LEU C 30 8.75 46.29 -9.22
N GLN C 31 9.62 47.14 -8.68
CA GLN C 31 9.22 48.02 -7.59
C GLN C 31 8.40 49.23 -7.99
N ILE C 32 8.28 49.48 -9.29
CA ILE C 32 7.52 50.63 -9.78
C ILE C 32 6.29 50.25 -10.60
N LEU C 33 6.51 49.60 -11.74
CA LEU C 33 5.38 49.18 -12.57
C LEU C 33 4.62 48.06 -11.87
N PRO C 34 3.29 48.02 -12.02
CA PRO C 34 2.46 46.98 -11.39
C PRO C 34 2.38 45.72 -12.27
N HIS C 35 2.92 45.82 -13.48
CA HIS C 35 2.91 44.70 -14.42
C HIS C 35 3.75 43.51 -13.95
N ARG C 36 3.19 42.33 -14.16
CA ARG C 36 3.86 41.10 -13.79
C ARG C 36 3.72 40.13 -14.95
N TYR C 37 4.47 39.04 -14.89
CA TYR C 37 4.45 38.01 -15.93
C TYR C 37 3.01 37.57 -16.15
N PRO C 38 2.60 37.36 -17.42
CA PRO C 38 3.39 37.49 -18.65
C PRO C 38 3.15 38.81 -19.38
N MET C 39 3.00 39.91 -18.64
CA MET C 39 2.76 41.22 -19.25
C MET C 39 3.75 42.33 -18.89
N LEU C 40 4.82 42.02 -18.17
CA LEU C 40 5.83 43.03 -17.86
C LEU C 40 6.84 42.90 -19.01
N LEU C 41 6.78 43.84 -19.96
CA LEU C 41 7.64 43.75 -21.11
C LEU C 41 8.77 44.76 -21.21
N VAL C 42 9.45 44.99 -20.08
CA VAL C 42 10.58 45.92 -20.02
C VAL C 42 11.58 45.31 -19.05
N ASP C 43 12.80 45.07 -19.54
CA ASP C 43 13.82 44.43 -18.72
C ASP C 43 14.86 45.29 -18.06
N ARG C 44 15.20 46.43 -18.67
CA ARG C 44 16.24 47.30 -18.10
C ARG C 44 16.07 48.73 -18.57
N ILE C 45 16.55 49.68 -17.75
CA ILE C 45 16.48 51.08 -18.11
C ILE C 45 17.90 51.64 -18.15
N THR C 46 18.35 51.96 -19.36
CA THR C 46 19.70 52.47 -19.57
C THR C 46 19.84 53.98 -19.49
N GLU C 47 18.71 54.70 -19.47
CA GLU C 47 18.76 56.16 -19.42
C GLU C 47 17.42 56.76 -18.98
N LEU C 48 17.45 57.57 -17.93
CA LEU C 48 16.24 58.20 -17.40
C LEU C 48 16.47 59.68 -17.12
N GLN C 49 15.66 60.52 -17.76
CA GLN C 49 15.72 61.98 -17.59
C GLN C 49 14.32 62.40 -17.20
N ALA C 50 14.10 62.63 -15.91
CA ALA C 50 12.77 62.98 -15.46
C ALA C 50 12.11 64.02 -16.35
N ASN C 51 10.86 63.78 -16.70
CA ASN C 51 10.06 64.72 -17.49
C ASN C 51 10.57 64.98 -18.91
N GLN C 52 11.32 64.03 -19.45
CA GLN C 52 11.82 64.20 -20.80
C GLN C 52 11.97 62.92 -21.61
N LYS C 53 13.09 62.22 -21.46
CA LYS C 53 13.27 61.01 -22.23
C LYS C 53 13.78 59.79 -21.46
N ILE C 54 13.16 58.64 -21.75
CA ILE C 54 13.57 57.40 -21.13
C ILE C 54 14.01 56.44 -22.22
N VAL C 55 15.06 55.69 -21.94
CA VAL C 55 15.57 54.71 -22.89
C VAL C 55 15.72 53.41 -22.13
N ALA C 56 14.93 52.40 -22.52
CA ALA C 56 14.98 51.10 -21.86
C ALA C 56 14.86 50.00 -22.91
N TYR C 57 14.98 48.75 -22.46
CA TYR C 57 14.88 47.64 -23.37
C TYR C 57 14.35 46.34 -22.77
N LYS C 58 13.90 45.47 -23.65
CA LYS C 58 13.40 44.17 -23.27
C LYS C 58 14.07 43.18 -24.23
N ASN C 59 14.66 42.11 -23.69
CA ASN C 59 15.27 41.11 -24.53
C ASN C 59 14.18 40.18 -25.11
N ILE C 60 14.34 39.81 -26.37
CA ILE C 60 13.37 38.94 -27.03
C ILE C 60 14.04 37.60 -27.25
N THR C 61 13.59 36.58 -26.51
CA THR C 61 14.13 35.24 -26.61
C THR C 61 13.02 34.34 -27.17
N PHE C 62 13.36 33.13 -27.60
CA PHE C 62 12.36 32.19 -28.13
C PHE C 62 11.62 31.52 -26.95
N ASN C 63 12.25 31.55 -25.78
CA ASN C 63 11.69 30.96 -24.58
C ASN C 63 10.58 31.80 -23.94
N GLU C 64 9.65 32.26 -24.77
CA GLU C 64 8.53 33.07 -24.31
C GLU C 64 7.24 32.46 -24.83
N ASP C 65 6.35 32.10 -23.92
CA ASP C 65 5.08 31.48 -24.26
C ASP C 65 4.41 32.11 -25.48
N VAL C 66 4.52 33.44 -25.60
CA VAL C 66 3.93 34.16 -26.72
C VAL C 66 4.33 33.62 -28.10
N PHE C 67 5.50 32.98 -28.20
CA PHE C 67 5.92 32.45 -29.49
C PHE C 67 5.25 31.16 -29.93
N ASN C 68 4.54 30.53 -29.02
CA ASN C 68 3.84 29.29 -29.36
C ASN C 68 2.74 29.62 -30.35
N GLY C 69 2.23 30.84 -30.28
CA GLY C 69 1.16 31.19 -31.18
C GLY C 69 1.38 32.32 -32.16
N HIS C 70 2.56 32.91 -32.19
CA HIS C 70 2.78 34.03 -33.10
C HIS C 70 4.15 34.08 -33.79
N PHE C 71 4.38 33.21 -34.77
CA PHE C 71 3.43 32.18 -35.20
C PHE C 71 4.23 30.87 -35.15
N PRO C 72 3.55 29.73 -35.20
CA PRO C 72 4.34 28.48 -35.16
C PRO C 72 5.29 28.34 -36.36
N ASN C 73 6.57 28.10 -36.04
CA ASN C 73 7.66 27.96 -37.01
C ASN C 73 8.14 29.27 -37.61
N LYS C 74 7.67 30.37 -37.04
CA LYS C 74 8.06 31.70 -37.50
C LYS C 74 7.79 32.68 -36.37
N PRO C 75 8.62 32.63 -35.33
CA PRO C 75 8.47 33.51 -34.17
C PRO C 75 8.70 34.99 -34.49
N ILE C 76 7.65 35.77 -34.32
CA ILE C 76 7.70 37.21 -34.54
C ILE C 76 7.04 37.85 -33.34
N PHE C 77 7.78 38.70 -32.62
CA PHE C 77 7.25 39.35 -31.45
C PHE C 77 6.08 40.25 -31.86
N PRO C 78 4.88 40.01 -31.30
CA PRO C 78 3.65 40.77 -31.61
C PRO C 78 3.81 42.30 -31.69
N GLY C 79 3.27 42.90 -32.75
CA GLY C 79 3.34 44.34 -32.92
C GLY C 79 2.73 45.10 -31.74
N VAL C 80 1.53 44.72 -31.32
CA VAL C 80 0.88 45.36 -30.19
C VAL C 80 1.70 45.26 -28.90
N LEU C 81 2.49 44.19 -28.77
CA LEU C 81 3.29 44.02 -27.57
C LEU C 81 4.49 44.97 -27.60
N ILE C 82 4.85 45.45 -28.79
CA ILE C 82 5.94 46.41 -28.91
C ILE C 82 5.38 47.72 -28.37
N VAL C 83 4.15 48.01 -28.76
CA VAL C 83 3.47 49.22 -28.31
C VAL C 83 3.42 49.17 -26.79
N GLU C 84 2.87 48.08 -26.26
CA GLU C 84 2.75 47.85 -24.83
C GLU C 84 4.07 48.07 -24.11
N GLY C 85 5.16 47.62 -24.74
CA GLY C 85 6.47 47.78 -24.15
C GLY C 85 6.84 49.24 -24.02
N MET C 86 6.61 50.00 -25.09
CA MET C 86 6.92 51.42 -25.08
C MET C 86 6.03 52.11 -24.06
N ALA C 87 4.77 51.68 -23.98
CA ALA C 87 3.83 52.24 -23.03
C ALA C 87 4.29 52.02 -21.59
N GLN C 88 4.98 50.89 -21.35
CA GLN C 88 5.47 50.57 -20.02
C GLN C 88 6.71 51.41 -19.73
N SER C 89 7.56 51.59 -20.74
CA SER C 89 8.75 52.39 -20.59
C SER C 89 8.33 53.80 -20.24
N GLY C 90 7.25 54.23 -20.87
CA GLY C 90 6.74 55.56 -20.61
C GLY C 90 6.20 55.63 -19.20
N GLY C 91 5.43 54.61 -18.81
CA GLY C 91 4.86 54.57 -17.49
C GLY C 91 5.91 54.74 -16.41
N PHE C 92 7.10 54.20 -16.65
CA PHE C 92 8.19 54.31 -15.68
C PHE C 92 8.50 55.79 -15.49
N LEU C 93 8.48 56.52 -16.60
CA LEU C 93 8.74 57.95 -16.59
C LEU C 93 7.65 58.60 -15.72
N ALA C 94 6.40 58.29 -16.05
CA ALA C 94 5.29 58.84 -15.30
C ALA C 94 5.42 58.65 -13.78
N PHE C 95 5.33 57.41 -13.30
CA PHE C 95 5.41 57.11 -11.87
C PHE C 95 6.54 57.89 -11.20
N THR C 96 7.77 57.65 -11.67
CA THR C 96 8.93 58.32 -11.11
C THR C 96 8.84 59.86 -11.15
N SER C 97 8.76 60.42 -12.35
CA SER C 97 8.68 61.87 -12.46
C SER C 97 7.61 62.42 -11.49
N LEU C 98 6.51 61.69 -11.38
CA LEU C 98 5.39 62.07 -10.54
C LEU C 98 5.59 61.82 -9.03
N TRP C 99 6.65 61.09 -8.66
CA TRP C 99 6.90 60.81 -7.25
C TRP C 99 8.33 60.43 -6.89
N GLY C 100 9.22 60.31 -7.88
CA GLY C 100 10.58 59.89 -7.60
C GLY C 100 10.58 58.38 -7.40
N PHE C 101 11.76 57.76 -7.25
CA PHE C 101 11.81 56.31 -7.07
C PHE C 101 11.25 55.92 -5.71
N ASP C 102 9.93 55.81 -5.61
CA ASP C 102 9.27 55.49 -4.37
C ASP C 102 8.28 54.34 -4.54
N PRO C 103 8.68 53.11 -4.16
CA PRO C 103 7.84 51.92 -4.27
C PRO C 103 6.52 51.92 -3.50
N GLU C 104 6.48 52.58 -2.34
CA GLU C 104 5.24 52.59 -1.56
C GLU C 104 4.15 53.40 -2.27
N ILE C 105 4.51 54.61 -2.71
CA ILE C 105 3.58 55.50 -3.40
C ILE C 105 3.21 54.95 -4.79
N ALA C 106 3.94 53.93 -5.24
CA ALA C 106 3.70 53.32 -6.54
C ALA C 106 2.87 52.06 -6.45
N LYS C 107 2.84 51.44 -5.28
CA LYS C 107 2.10 50.20 -5.10
C LYS C 107 0.58 50.36 -5.10
N THR C 108 0.12 51.61 -5.09
CA THR C 108 -1.33 51.84 -5.09
C THR C 108 -1.87 52.03 -6.51
N LYS C 109 -0.98 52.35 -7.44
CA LYS C 109 -1.38 52.57 -8.81
C LYS C 109 -1.30 51.41 -9.78
N ILE C 110 -1.81 51.68 -10.98
CA ILE C 110 -1.81 50.77 -12.13
C ILE C 110 -1.74 51.76 -13.29
N VAL C 111 -1.60 51.27 -14.51
CA VAL C 111 -1.57 52.20 -15.62
C VAL C 111 -2.68 51.89 -16.61
N ALA C 112 -3.42 52.96 -16.93
CA ALA C 112 -4.54 52.91 -17.86
C ALA C 112 -4.07 53.43 -19.21
N PHE C 113 -4.37 52.66 -20.25
CA PHE C 113 -3.99 53.03 -21.60
C PHE C 113 -5.13 53.93 -22.12
N MET C 114 -4.81 55.13 -22.60
CA MET C 114 -5.89 56.00 -23.09
C MET C 114 -5.96 56.10 -24.60
N THR C 115 -4.84 56.36 -25.26
CA THR C 115 -4.82 56.47 -26.71
C THR C 115 -3.50 55.99 -27.31
N ILE C 116 -3.57 55.59 -28.58
CA ILE C 116 -2.39 55.14 -29.33
C ILE C 116 -2.49 55.78 -30.71
N ASP C 117 -1.37 56.31 -31.21
CA ASP C 117 -1.37 56.99 -32.51
C ASP C 117 -0.09 56.95 -33.33
N LYS C 118 -0.25 57.17 -34.63
CA LYS C 118 0.86 57.21 -35.55
C LYS C 118 1.84 56.08 -35.30
N VAL C 119 1.34 54.85 -35.11
CA VAL C 119 2.26 53.75 -34.89
C VAL C 119 2.47 53.07 -36.22
N LYS C 120 3.72 52.75 -36.50
CA LYS C 120 4.06 52.09 -37.75
C LYS C 120 5.11 51.04 -37.42
N PHE C 121 4.92 49.83 -37.97
CA PHE C 121 5.89 48.76 -37.75
C PHE C 121 6.70 48.69 -39.04
N ARG C 122 8.03 48.69 -38.92
CA ARG C 122 8.88 48.67 -40.10
C ARG C 122 9.66 47.39 -40.26
N ILE C 123 10.19 46.87 -39.17
CA ILE C 123 10.94 45.64 -39.24
C ILE C 123 10.43 44.65 -38.20
N PRO C 124 10.14 43.41 -38.61
CA PRO C 124 9.66 42.46 -37.59
C PRO C 124 10.73 42.18 -36.52
N VAL C 125 10.27 41.96 -35.29
CA VAL C 125 11.17 41.65 -34.18
C VAL C 125 11.14 40.14 -33.99
N THR C 126 12.30 39.54 -33.73
CA THR C 126 12.34 38.09 -33.58
C THR C 126 13.31 37.72 -32.48
N PRO C 127 13.37 36.42 -32.12
CA PRO C 127 14.28 35.96 -31.08
C PRO C 127 15.71 36.35 -31.42
N GLY C 128 16.34 37.02 -30.46
CA GLY C 128 17.71 37.46 -30.66
C GLY C 128 17.81 38.98 -30.59
N ASP C 129 16.74 39.68 -30.98
CA ASP C 129 16.71 41.15 -30.97
C ASP C 129 16.59 41.81 -29.60
N ARG C 130 17.31 42.93 -29.42
CA ARG C 130 17.25 43.71 -28.19
C ARG C 130 16.25 44.82 -28.48
N LEU C 131 15.01 44.63 -28.05
CA LEU C 131 13.96 45.62 -28.32
C LEU C 131 14.15 46.87 -27.47
N GLU C 132 14.65 47.92 -28.11
CA GLU C 132 14.90 49.19 -27.43
C GLU C 132 13.70 50.12 -27.48
N TYR C 133 13.37 50.71 -26.34
CA TYR C 133 12.26 51.64 -26.31
C TYR C 133 12.84 53.04 -26.13
N HIS C 134 12.61 53.90 -27.12
CA HIS C 134 13.10 55.28 -27.06
C HIS C 134 11.90 56.19 -27.04
N LEU C 135 11.53 56.65 -25.85
CA LEU C 135 10.39 57.55 -25.77
C LEU C 135 10.78 58.86 -25.14
N GLU C 136 10.00 59.88 -25.46
CA GLU C 136 10.23 61.18 -24.89
C GLU C 136 8.85 61.77 -24.61
N VAL C 137 8.74 62.48 -23.50
CA VAL C 137 7.48 63.09 -23.11
C VAL C 137 7.08 64.10 -24.20
N LEU C 138 5.81 64.44 -24.24
CA LEU C 138 5.34 65.41 -25.22
C LEU C 138 4.38 66.35 -24.52
N LYS C 139 3.78 65.84 -23.45
CA LYS C 139 2.81 66.62 -22.69
C LYS C 139 2.31 65.80 -21.51
N HIS C 140 2.01 66.48 -20.39
CA HIS C 140 1.51 65.78 -19.22
C HIS C 140 0.76 66.68 -18.23
N LYS C 141 0.17 66.03 -17.23
CA LYS C 141 -0.61 66.71 -16.19
C LYS C 141 -1.26 65.66 -15.30
N GLY C 142 -1.08 65.77 -13.99
CA GLY C 142 -1.70 64.81 -13.09
C GLY C 142 -1.25 63.40 -13.39
N MET C 143 -2.21 62.49 -13.54
CA MET C 143 -1.89 61.09 -13.84
C MET C 143 -1.87 60.85 -15.33
N ILE C 144 -2.05 61.93 -16.09
CA ILE C 144 -2.10 61.84 -17.54
C ILE C 144 -0.80 62.28 -18.21
N TRP C 145 -0.31 61.44 -19.11
CA TRP C 145 0.95 61.72 -19.79
C TRP C 145 0.89 61.24 -21.24
N GLN C 146 1.47 62.02 -22.14
CA GLN C 146 1.51 61.62 -23.54
C GLN C 146 2.97 61.48 -23.87
N VAL C 147 3.32 60.35 -24.48
CA VAL C 147 4.71 60.10 -24.83
C VAL C 147 4.74 59.64 -26.29
N GLY C 148 5.89 59.85 -26.93
CA GLY C 148 6.03 59.46 -28.33
C GLY C 148 7.44 58.99 -28.55
N GLY C 149 7.64 58.15 -29.56
CA GLY C 149 8.97 57.65 -29.81
C GLY C 149 9.03 56.48 -30.76
N THR C 150 10.09 55.70 -30.62
CA THR C 150 10.29 54.55 -31.47
C THR C 150 10.84 53.34 -30.71
N ALA C 151 10.83 52.21 -31.38
CA ALA C 151 11.37 50.99 -30.81
C ALA C 151 12.51 50.74 -31.79
N GLN C 152 13.65 50.27 -31.29
CA GLN C 152 14.79 50.03 -32.17
C GLN C 152 15.57 48.75 -31.88
N VAL C 153 16.14 48.17 -32.93
CA VAL C 153 16.95 46.99 -32.78
C VAL C 153 18.28 47.33 -33.45
N ASP C 154 19.37 46.98 -32.78
CA ASP C 154 20.71 47.25 -33.28
C ASP C 154 20.83 48.61 -33.95
N GLY C 155 20.16 49.62 -33.40
CA GLY C 155 20.24 50.96 -33.95
C GLY C 155 19.22 51.34 -35.01
N LYS C 156 18.66 50.36 -35.72
CA LYS C 156 17.68 50.65 -36.76
C LYS C 156 16.26 50.67 -36.20
N VAL C 157 15.43 51.60 -36.65
CA VAL C 157 14.05 51.70 -36.18
C VAL C 157 13.21 50.50 -36.62
N VAL C 158 12.41 50.00 -35.69
CA VAL C 158 11.52 48.87 -35.97
C VAL C 158 10.08 49.36 -35.89
N ALA C 159 9.83 50.28 -34.97
CA ALA C 159 8.49 50.82 -34.80
C ALA C 159 8.49 52.27 -34.36
N GLU C 160 7.33 52.91 -34.53
CA GLU C 160 7.11 54.30 -34.16
C GLU C 160 5.76 54.37 -33.50
N ALA C 161 5.59 55.24 -32.51
CA ALA C 161 4.30 55.35 -31.86
C ALA C 161 4.14 56.55 -30.96
N GLU C 162 2.89 56.92 -30.73
CA GLU C 162 2.56 58.02 -29.86
C GLU C 162 1.44 57.43 -29.04
N LEU C 163 1.45 57.70 -27.74
CA LEU C 163 0.42 57.17 -26.87
C LEU C 163 0.30 58.05 -25.65
N LYS C 164 -0.86 57.99 -25.01
CA LYS C 164 -1.12 58.77 -23.82
C LYS C 164 -1.72 57.84 -22.78
N ALA C 165 -1.22 57.92 -21.55
CA ALA C 165 -1.75 57.06 -20.51
C ALA C 165 -2.02 57.80 -19.21
N MET C 166 -2.77 57.12 -18.35
CA MET C 166 -3.12 57.64 -17.03
C MET C 166 -2.64 56.64 -15.98
N ILE C 167 -2.23 57.19 -14.85
CA ILE C 167 -1.80 56.36 -13.75
C ILE C 167 -3.03 56.31 -12.85
N ALA C 168 -3.82 55.26 -13.04
CA ALA C 168 -5.05 55.05 -12.29
C ALA C 168 -4.81 54.52 -10.88
N GLU C 169 -5.89 54.50 -10.11
CA GLU C 169 -5.89 54.03 -8.73
C GLU C 169 -6.45 52.60 -8.65
N ARG C 170 -5.77 51.75 -7.90
CA ARG C 170 -6.21 50.36 -7.75
C ARG C 170 -7.64 50.37 -7.14
N GLU C 171 -7.87 51.30 -6.21
CA GLU C 171 -9.19 51.49 -5.58
C GLU C 171 -9.68 50.36 -4.66
N GLN D 21 -20.19 31.41 -45.98
CA GLN D 21 -21.02 31.33 -44.74
C GLN D 21 -20.98 32.67 -44.01
N SER D 22 -22.02 32.97 -43.24
CA SER D 22 -22.08 34.24 -42.51
C SER D 22 -21.60 34.11 -41.06
N GLN D 23 -21.61 32.89 -40.55
CA GLN D 23 -21.18 32.65 -39.18
C GLN D 23 -20.10 31.59 -39.18
N PHE D 24 -19.13 31.75 -38.30
CA PHE D 24 -18.06 30.78 -38.19
C PHE D 24 -17.73 30.55 -36.73
N PHE D 25 -17.37 29.32 -36.41
CA PHE D 25 -17.01 28.98 -35.05
C PHE D 25 -15.51 28.77 -34.93
N ILE D 26 -15.02 28.59 -33.71
CA ILE D 26 -13.59 28.43 -33.47
C ILE D 26 -12.87 27.45 -34.41
N GLU D 27 -13.56 26.39 -34.84
CA GLU D 27 -12.98 25.41 -35.75
C GLU D 27 -12.45 26.10 -37.01
N HIS D 28 -13.31 26.93 -37.62
CA HIS D 28 -12.95 27.63 -38.85
C HIS D 28 -11.84 28.65 -38.63
N ILE D 29 -11.95 29.43 -37.57
CA ILE D 29 -10.95 30.43 -37.26
C ILE D 29 -9.58 29.77 -37.17
N LEU D 30 -9.54 28.57 -36.59
CA LEU D 30 -8.28 27.85 -36.46
C LEU D 30 -7.75 27.43 -37.82
N GLN D 31 -8.66 27.16 -38.75
CA GLN D 31 -8.28 26.73 -40.09
C GLN D 31 -7.85 27.93 -40.95
N ILE D 32 -8.51 29.07 -40.77
CA ILE D 32 -8.17 30.25 -41.55
C ILE D 32 -6.99 31.04 -40.97
N LEU D 33 -7.14 31.56 -39.76
CA LEU D 33 -6.07 32.32 -39.16
C LEU D 33 -4.80 31.52 -38.82
N PRO D 34 -3.63 32.15 -38.96
CA PRO D 34 -2.34 31.51 -38.66
C PRO D 34 -2.01 31.58 -37.17
N HIS D 35 -2.69 32.46 -36.44
CA HIS D 35 -2.45 32.62 -35.02
C HIS D 35 -2.84 31.37 -34.24
N ARG D 36 -2.20 31.19 -33.08
CA ARG D 36 -2.48 30.06 -32.20
C ARG D 36 -2.31 30.53 -30.77
N TYR D 37 -2.57 29.66 -29.79
CA TYR D 37 -2.44 30.00 -28.38
C TYR D 37 -0.98 30.30 -28.06
N PRO D 38 -0.72 31.35 -27.25
CA PRO D 38 -1.67 32.28 -26.64
C PRO D 38 -1.87 33.61 -27.37
N MET D 39 -2.01 33.57 -28.70
CA MET D 39 -2.22 34.78 -29.48
C MET D 39 -3.40 34.76 -30.45
N LEU D 40 -4.31 33.80 -30.29
CA LEU D 40 -5.52 33.73 -31.12
C LEU D 40 -6.58 34.33 -30.20
N LEU D 41 -6.97 35.57 -30.47
CA LEU D 41 -7.91 36.27 -29.62
C LEU D 41 -9.28 36.53 -30.19
N VAL D 42 -9.78 35.58 -30.98
CA VAL D 42 -11.12 35.67 -31.57
C VAL D 42 -11.71 34.28 -31.44
N ASP D 43 -12.89 34.18 -30.85
CA ASP D 43 -13.54 32.88 -30.64
C ASP D 43 -14.62 32.51 -31.65
N ARG D 44 -15.52 33.45 -31.94
CA ARG D 44 -16.61 33.19 -32.87
C ARG D 44 -16.86 34.38 -33.80
N ILE D 45 -17.40 34.06 -34.97
CA ILE D 45 -17.73 35.07 -35.97
C ILE D 45 -19.23 35.13 -36.20
N THR D 46 -19.77 36.33 -36.05
CA THR D 46 -21.20 36.55 -36.20
C THR D 46 -21.67 37.19 -37.51
N GLU D 47 -20.85 38.04 -38.12
CA GLU D 47 -21.22 38.68 -39.39
C GLU D 47 -20.00 38.77 -40.29
N LEU D 48 -20.22 38.60 -41.59
CA LEU D 48 -19.14 38.68 -42.56
C LEU D 48 -19.66 39.15 -43.93
N GLN D 49 -18.93 40.08 -44.55
CA GLN D 49 -19.27 40.63 -45.86
C GLN D 49 -17.99 40.76 -46.67
N ALA D 50 -17.71 39.80 -47.54
CA ALA D 50 -16.48 39.86 -48.33
C ALA D 50 -16.20 41.29 -48.76
N ASN D 51 -14.96 41.73 -48.60
CA ASN D 51 -14.57 43.07 -49.00
C ASN D 51 -15.33 44.21 -48.31
N GLN D 52 -16.14 43.88 -47.31
CA GLN D 52 -16.92 44.91 -46.62
C GLN D 52 -16.70 44.95 -45.12
N LYS D 53 -17.70 44.49 -44.37
CA LYS D 53 -17.62 44.49 -42.90
C LYS D 53 -17.62 43.09 -42.28
N ILE D 54 -17.28 43.05 -41.00
CA ILE D 54 -17.25 41.81 -40.23
C ILE D 54 -17.29 42.18 -38.77
N VAL D 55 -18.20 41.54 -38.04
CA VAL D 55 -18.31 41.73 -36.61
C VAL D 55 -18.04 40.34 -36.03
N ALA D 56 -17.40 40.28 -34.86
CA ALA D 56 -17.07 39.02 -34.21
C ALA D 56 -16.93 39.26 -32.73
N TYR D 57 -16.28 38.35 -32.02
CA TYR D 57 -16.07 38.57 -30.62
C TYR D 57 -15.12 37.57 -29.98
N LYS D 58 -14.68 37.93 -28.79
CA LYS D 58 -13.80 37.09 -27.99
C LYS D 58 -14.31 37.14 -26.56
N ASN D 59 -14.47 35.98 -25.94
CA ASN D 59 -14.92 35.97 -24.56
C ASN D 59 -13.71 36.20 -23.67
N ILE D 60 -13.89 37.01 -22.64
CA ILE D 60 -12.80 37.29 -21.71
C ILE D 60 -13.12 36.53 -20.43
N THR D 61 -12.13 35.76 -19.97
CA THR D 61 -12.29 34.94 -18.76
C THR D 61 -11.03 35.01 -17.88
N PHE D 62 -11.21 34.86 -16.57
CA PHE D 62 -10.09 34.91 -15.64
C PHE D 62 -9.10 33.79 -15.92
N ASN D 63 -9.60 32.67 -16.45
CA ASN D 63 -8.78 31.51 -16.76
C ASN D 63 -7.82 31.72 -17.94
N GLU D 64 -7.27 32.93 -18.04
CA GLU D 64 -6.33 33.27 -19.10
C GLU D 64 -5.03 33.69 -18.43
N ASP D 65 -3.91 33.23 -18.98
CA ASP D 65 -2.60 33.54 -18.42
C ASP D 65 -2.29 35.04 -18.29
N VAL D 66 -2.63 35.86 -19.29
CA VAL D 66 -2.33 37.29 -19.17
C VAL D 66 -2.75 37.89 -17.84
N PHE D 67 -3.89 37.45 -17.32
CA PHE D 67 -4.38 38.00 -16.06
C PHE D 67 -3.46 37.72 -14.85
N ASN D 68 -2.46 36.88 -15.04
CA ASN D 68 -1.53 36.63 -13.96
C ASN D 68 -0.70 37.89 -13.76
N GLY D 69 -0.52 38.65 -14.83
CA GLY D 69 0.28 39.85 -14.73
C GLY D 69 -0.35 41.17 -15.13
N HIS D 70 -1.62 41.15 -15.48
CA HIS D 70 -2.29 42.38 -15.88
C HIS D 70 -3.73 42.47 -15.34
N PHE D 71 -3.90 42.79 -14.06
CA PHE D 71 -2.85 43.07 -13.09
C PHE D 71 -3.21 42.22 -11.88
N PRO D 72 -2.20 41.68 -11.15
CA PRO D 72 -2.59 40.89 -9.98
C PRO D 72 -3.61 41.60 -9.10
N ASN D 73 -4.67 40.87 -8.76
CA ASN D 73 -5.76 41.38 -7.92
C ASN D 73 -6.71 42.31 -8.67
N LYS D 74 -6.29 42.76 -9.84
CA LYS D 74 -7.15 43.63 -10.64
C LYS D 74 -7.03 43.24 -12.11
N PRO D 75 -7.73 42.16 -12.51
CA PRO D 75 -7.68 41.71 -13.91
C PRO D 75 -8.30 42.67 -14.93
N ILE D 76 -7.50 43.07 -15.90
CA ILE D 76 -7.94 43.99 -16.93
C ILE D 76 -7.34 43.53 -18.26
N PHE D 77 -8.18 43.14 -19.21
CA PHE D 77 -7.70 42.69 -20.52
C PHE D 77 -6.84 43.81 -21.12
N PRO D 78 -5.59 43.50 -21.47
CA PRO D 78 -4.71 44.53 -22.05
C PRO D 78 -5.33 45.28 -23.23
N GLY D 79 -5.25 46.61 -23.19
CA GLY D 79 -5.79 47.42 -24.26
C GLY D 79 -5.21 47.01 -25.60
N VAL D 80 -3.90 46.82 -25.66
CA VAL D 80 -3.23 46.41 -26.89
C VAL D 80 -3.81 45.11 -27.43
N LEU D 81 -4.28 44.24 -26.54
CA LEU D 81 -4.85 42.96 -26.97
C LEU D 81 -6.27 43.10 -27.51
N ILE D 82 -6.92 44.22 -27.21
CA ILE D 82 -8.25 44.42 -27.75
C ILE D 82 -8.04 44.80 -29.22
N VAL D 83 -6.96 45.54 -29.45
CA VAL D 83 -6.61 45.97 -30.79
C VAL D 83 -6.20 44.73 -31.57
N GLU D 84 -5.38 43.89 -30.95
CA GLU D 84 -4.96 42.68 -31.64
C GLU D 84 -6.21 41.90 -32.03
N GLY D 85 -7.15 41.82 -31.09
CA GLY D 85 -8.40 41.11 -31.34
C GLY D 85 -9.15 41.64 -32.53
N MET D 86 -9.08 42.96 -32.74
CA MET D 86 -9.77 43.59 -33.86
C MET D 86 -8.98 43.35 -35.14
N ALA D 87 -7.67 43.27 -35.01
CA ALA D 87 -6.81 43.03 -36.16
C ALA D 87 -7.08 41.62 -36.66
N GLN D 88 -7.24 40.66 -35.74
CA GLN D 88 -7.49 39.29 -36.16
C GLN D 88 -8.80 39.17 -36.91
N SER D 89 -9.86 39.75 -36.38
CA SER D 89 -11.18 39.71 -37.03
C SER D 89 -11.04 40.26 -38.45
N GLY D 90 -10.22 41.29 -38.60
CA GLY D 90 -9.99 41.86 -39.91
C GLY D 90 -9.28 40.82 -40.75
N GLY D 91 -8.15 40.31 -40.24
CA GLY D 91 -7.39 39.29 -40.96
C GLY D 91 -8.27 38.16 -41.46
N PHE D 92 -9.22 37.73 -40.65
CA PHE D 92 -10.14 36.67 -41.04
C PHE D 92 -11.06 37.11 -42.17
N LEU D 93 -11.48 38.38 -42.11
CA LEU D 93 -12.34 38.92 -43.15
C LEU D 93 -11.51 39.02 -44.41
N ALA D 94 -10.27 39.46 -44.25
CA ALA D 94 -9.36 39.61 -45.36
C ALA D 94 -9.06 38.29 -46.03
N PHE D 95 -8.60 37.32 -45.24
CA PHE D 95 -8.24 36.04 -45.83
C PHE D 95 -9.38 35.39 -46.59
N THR D 96 -10.57 35.32 -46.00
CA THR D 96 -11.69 34.71 -46.69
C THR D 96 -12.05 35.50 -47.96
N SER D 97 -11.82 36.81 -47.93
CA SER D 97 -12.11 37.64 -49.08
C SER D 97 -11.19 37.30 -50.26
N LEU D 98 -9.91 37.06 -49.99
CA LEU D 98 -8.95 36.75 -51.05
C LEU D 98 -8.88 35.30 -51.54
N TRP D 99 -9.36 34.35 -50.74
CA TRP D 99 -9.30 32.92 -51.11
C TRP D 99 -10.53 32.10 -50.76
N GLY D 100 -11.46 32.70 -50.01
CA GLY D 100 -12.62 31.95 -49.60
C GLY D 100 -12.13 31.01 -48.52
N PHE D 101 -13.02 30.22 -47.93
CA PHE D 101 -12.60 29.30 -46.87
C PHE D 101 -11.55 28.36 -47.44
N ASP D 102 -10.28 28.63 -47.17
CA ASP D 102 -9.22 27.80 -47.71
C ASP D 102 -8.08 27.43 -46.74
N PRO D 103 -8.25 26.30 -46.02
CA PRO D 103 -7.25 25.83 -45.05
C PRO D 103 -5.84 25.56 -45.58
N GLU D 104 -5.74 25.09 -46.83
CA GLU D 104 -4.43 24.78 -47.38
C GLU D 104 -3.60 26.02 -47.68
N ILE D 105 -4.25 27.16 -47.83
CA ILE D 105 -3.52 28.39 -48.10
C ILE D 105 -3.13 29.04 -46.78
N ALA D 106 -4.11 29.18 -45.90
CA ALA D 106 -3.91 29.80 -44.59
C ALA D 106 -2.60 29.37 -43.90
N LYS D 107 -2.21 28.12 -44.10
CA LYS D 107 -1.00 27.59 -43.48
C LYS D 107 0.25 28.06 -44.19
N THR D 108 0.06 28.71 -45.32
CA THR D 108 1.16 29.23 -46.13
C THR D 108 1.31 30.74 -45.90
N LYS D 109 0.42 31.29 -45.09
CA LYS D 109 0.42 32.71 -44.80
C LYS D 109 0.49 33.06 -43.31
N ILE D 110 0.64 34.34 -43.06
CA ILE D 110 0.67 34.90 -41.72
C ILE D 110 0.15 36.30 -41.93
N VAL D 111 -0.16 36.99 -40.84
CA VAL D 111 -0.66 38.34 -40.89
C VAL D 111 0.46 39.19 -40.31
N ALA D 112 0.58 40.41 -40.79
CA ALA D 112 1.62 41.30 -40.29
C ALA D 112 1.08 42.70 -40.13
N PHE D 113 1.12 43.21 -38.91
CA PHE D 113 0.64 44.55 -38.61
C PHE D 113 1.46 45.57 -39.39
N MET D 114 0.81 46.60 -39.91
CA MET D 114 1.48 47.65 -40.68
C MET D 114 1.43 48.95 -39.89
N THR D 115 0.22 49.40 -39.57
CA THR D 115 0.02 50.63 -38.80
C THR D 115 -1.19 50.47 -37.90
N ILE D 116 -1.27 51.36 -36.90
CA ILE D 116 -2.39 51.40 -35.96
C ILE D 116 -2.64 52.90 -35.76
N ASP D 117 -3.91 53.30 -35.82
CA ASP D 117 -4.21 54.70 -35.67
C ASP D 117 -5.52 55.04 -35.01
N LYS D 118 -5.54 56.24 -34.46
CA LYS D 118 -6.71 56.78 -33.79
C LYS D 118 -7.45 55.70 -33.02
N VAL D 119 -6.75 55.13 -32.04
CA VAL D 119 -7.29 54.10 -31.19
C VAL D 119 -7.46 54.66 -29.79
N LYS D 120 -8.70 54.63 -29.32
CA LYS D 120 -9.08 55.13 -28.00
C LYS D 120 -9.74 54.06 -27.14
N PHE D 121 -9.33 54.01 -25.87
CA PHE D 121 -9.88 53.06 -24.90
C PHE D 121 -10.80 53.85 -24.00
N ARG D 122 -12.02 53.39 -23.81
CA ARG D 122 -12.92 54.15 -22.97
C ARG D 122 -13.40 53.46 -21.71
N ILE D 123 -13.75 52.19 -21.80
CA ILE D 123 -14.20 51.46 -20.62
C ILE D 123 -13.33 50.23 -20.50
N PRO D 124 -12.77 49.98 -19.32
CA PRO D 124 -11.94 48.79 -19.20
C PRO D 124 -12.72 47.51 -19.47
N VAL D 125 -12.04 46.51 -20.03
CA VAL D 125 -12.63 45.22 -20.34
C VAL D 125 -12.13 44.24 -19.28
N THR D 126 -13.06 43.49 -18.70
CA THR D 126 -12.73 42.57 -17.63
C THR D 126 -13.30 41.18 -17.78
N PRO D 127 -12.82 40.22 -16.95
CA PRO D 127 -13.34 38.85 -17.03
C PRO D 127 -14.84 38.88 -16.90
N GLY D 128 -15.52 38.18 -17.81
CA GLY D 128 -16.97 38.14 -17.77
C GLY D 128 -17.59 38.85 -18.95
N ASP D 129 -16.82 39.73 -19.58
CA ASP D 129 -17.28 40.50 -20.73
C ASP D 129 -17.20 39.74 -22.05
N ARG D 130 -18.21 39.94 -22.90
CA ARG D 130 -18.25 39.36 -24.26
C ARG D 130 -17.68 40.52 -25.10
N LEU D 131 -16.41 40.43 -25.45
CA LEU D 131 -15.75 41.48 -26.21
C LEU D 131 -16.05 41.38 -27.69
N GLU D 132 -16.93 42.26 -28.18
CA GLU D 132 -17.27 42.25 -29.59
C GLU D 132 -16.35 43.12 -30.39
N TYR D 133 -16.03 42.66 -31.60
CA TYR D 133 -15.18 43.41 -32.49
C TYR D 133 -16.08 43.79 -33.68
N HIS D 134 -16.15 45.08 -33.99
CA HIS D 134 -16.95 45.57 -35.12
C HIS D 134 -16.00 46.25 -36.07
N LEU D 135 -15.92 45.75 -37.28
CA LEU D 135 -15.02 46.36 -38.25
C LEU D 135 -15.61 46.48 -39.65
N GLU D 136 -15.14 47.49 -40.37
CA GLU D 136 -15.55 47.74 -41.72
C GLU D 136 -14.27 48.10 -42.45
N VAL D 137 -14.12 47.61 -43.68
CA VAL D 137 -12.93 47.90 -44.47
C VAL D 137 -13.02 49.35 -44.90
N LEU D 138 -11.86 49.98 -45.06
CA LEU D 138 -11.80 51.38 -45.49
C LEU D 138 -10.87 51.45 -46.72
N LYS D 139 -9.91 50.52 -46.77
CA LYS D 139 -9.01 50.45 -47.91
C LYS D 139 -8.62 48.99 -48.09
N HIS D 140 -9.08 48.43 -49.19
CA HIS D 140 -8.88 47.03 -49.56
C HIS D 140 -7.50 46.70 -50.18
N LYS D 141 -7.17 47.36 -51.27
CA LYS D 141 -5.90 47.17 -51.99
C LYS D 141 -5.02 45.92 -51.79
N GLY D 142 -5.27 44.90 -52.64
CA GLY D 142 -4.51 43.66 -52.64
C GLY D 142 -4.49 42.77 -51.41
N MET D 143 -3.29 42.51 -50.91
CA MET D 143 -3.12 41.71 -49.72
C MET D 143 -3.30 42.62 -48.51
N ILE D 144 -2.74 43.82 -48.64
CA ILE D 144 -2.80 44.86 -47.63
C ILE D 144 -4.24 45.27 -47.37
N TRP D 145 -4.66 45.28 -46.11
CA TRP D 145 -6.02 45.66 -45.75
C TRP D 145 -6.00 46.72 -44.68
N GLN D 146 -7.10 47.46 -44.60
CA GLN D 146 -7.26 48.52 -43.64
C GLN D 146 -8.71 48.54 -43.20
N VAL D 147 -8.91 48.40 -41.89
CA VAL D 147 -10.26 48.39 -41.33
C VAL D 147 -10.31 49.31 -40.13
N GLY D 148 -11.53 49.65 -39.73
CA GLY D 148 -11.70 50.52 -38.60
C GLY D 148 -12.97 50.10 -37.90
N GLY D 149 -13.08 50.44 -36.62
CA GLY D 149 -14.26 50.07 -35.88
C GLY D 149 -14.14 50.21 -34.38
N THR D 150 -14.98 49.45 -33.68
CA THR D 150 -15.03 49.49 -32.22
C THR D 150 -15.07 48.08 -31.58
N ALA D 151 -14.87 48.06 -30.27
CA ALA D 151 -14.95 46.83 -29.49
C ALA D 151 -16.11 47.18 -28.57
N GLN D 152 -17.05 46.26 -28.38
CA GLN D 152 -18.22 46.55 -27.56
C GLN D 152 -18.56 45.47 -26.55
N VAL D 153 -18.90 45.90 -25.35
CA VAL D 153 -19.28 44.97 -24.31
C VAL D 153 -20.70 45.39 -23.96
N ASP D 154 -21.65 44.47 -24.14
CA ASP D 154 -23.05 44.73 -23.84
C ASP D 154 -23.59 46.00 -24.51
N GLY D 155 -23.45 46.05 -25.83
CA GLY D 155 -23.93 47.20 -26.59
C GLY D 155 -23.35 48.53 -26.18
N LYS D 156 -22.08 48.55 -25.82
CA LYS D 156 -21.45 49.79 -25.41
C LYS D 156 -20.03 49.84 -25.96
N VAL D 157 -19.67 50.94 -26.60
CA VAL D 157 -18.34 51.07 -27.17
C VAL D 157 -17.29 51.15 -26.07
N VAL D 158 -16.44 50.13 -26.04
CA VAL D 158 -15.38 50.02 -25.05
C VAL D 158 -14.04 50.51 -25.62
N ALA D 159 -13.92 50.49 -26.93
CA ALA D 159 -12.70 50.94 -27.59
C ALA D 159 -12.99 51.15 -29.05
N GLU D 160 -12.08 51.84 -29.71
CA GLU D 160 -12.22 52.11 -31.12
C GLU D 160 -10.82 52.23 -31.67
N ALA D 161 -10.69 51.90 -32.95
CA ALA D 161 -9.38 51.97 -33.56
C ALA D 161 -9.48 51.69 -35.03
N GLU D 162 -8.40 52.03 -35.71
CA GLU D 162 -8.25 51.83 -37.13
C GLU D 162 -6.93 51.12 -37.22
N LEU D 163 -6.81 50.19 -38.15
CA LEU D 163 -5.58 49.44 -38.32
C LEU D 163 -5.44 48.97 -39.75
N LYS D 164 -4.21 48.64 -40.11
CA LYS D 164 -3.89 48.15 -41.45
C LYS D 164 -2.88 47.02 -41.30
N ALA D 165 -3.11 45.92 -42.01
CA ALA D 165 -2.21 44.79 -41.94
C ALA D 165 -2.06 44.10 -43.29
N MET D 166 -0.93 43.43 -43.47
CA MET D 166 -0.63 42.72 -44.70
C MET D 166 -0.64 41.18 -44.52
N ILE D 167 -1.40 40.50 -45.37
CA ILE D 167 -1.45 39.05 -45.34
C ILE D 167 -0.36 38.62 -46.31
N ALA D 168 0.84 38.32 -45.80
CA ALA D 168 1.94 37.93 -46.67
C ALA D 168 2.55 36.57 -46.37
N GLU D 169 3.25 36.04 -47.38
CA GLU D 169 3.92 34.75 -47.32
C GLU D 169 4.63 34.42 -46.01
N ARG D 170 4.69 33.13 -45.70
CA ARG D 170 5.38 32.65 -44.50
C ARG D 170 6.72 32.16 -45.02
N GLU D 171 7.63 31.81 -44.13
CA GLU D 171 8.93 31.30 -44.56
C GLU D 171 9.70 30.70 -43.37
N GLN E 21 -25.01 43.61 -3.30
CA GLN E 21 -24.54 42.22 -2.99
C GLN E 21 -25.40 41.11 -3.62
N SER E 22 -25.77 41.29 -4.88
CA SER E 22 -26.54 40.28 -5.62
C SER E 22 -25.62 39.87 -6.78
N GLN E 23 -25.05 40.89 -7.44
CA GLN E 23 -24.08 40.68 -8.53
C GLN E 23 -22.69 40.79 -7.90
N PHE E 24 -21.85 39.80 -8.17
CA PHE E 24 -20.48 39.82 -7.66
C PHE E 24 -19.58 39.64 -8.86
N PHE E 25 -18.57 40.49 -8.98
CA PHE E 25 -17.65 40.39 -10.10
C PHE E 25 -16.39 39.64 -9.71
N ILE E 26 -15.58 39.29 -10.70
CA ILE E 26 -14.35 38.54 -10.45
C ILE E 26 -13.61 39.04 -9.22
N GLU E 27 -13.52 40.35 -9.06
CA GLU E 27 -12.85 40.96 -7.91
C GLU E 27 -13.36 40.33 -6.61
N HIS E 28 -14.68 40.34 -6.44
CA HIS E 28 -15.32 39.78 -5.25
C HIS E 28 -15.12 38.28 -5.11
N ILE E 29 -15.07 37.58 -6.25
CA ILE E 29 -14.89 36.14 -6.26
C ILE E 29 -13.50 35.72 -5.78
N LEU E 30 -12.47 36.50 -6.13
CA LEU E 30 -11.11 36.19 -5.69
C LEU E 30 -11.00 36.30 -4.17
N GLN E 31 -11.78 37.18 -3.58
CA GLN E 31 -11.73 37.41 -2.13
C GLN E 31 -12.49 36.38 -1.31
N ILE E 32 -13.38 35.64 -1.96
CA ILE E 32 -14.16 34.63 -1.26
C ILE E 32 -13.62 33.23 -1.51
N LEU E 33 -13.44 32.87 -2.77
CA LEU E 33 -12.93 31.54 -3.10
C LEU E 33 -11.40 31.47 -3.02
N PRO E 34 -10.86 30.32 -2.60
CA PRO E 34 -9.41 30.11 -2.48
C PRO E 34 -8.76 29.75 -3.81
N HIS E 35 -9.59 29.30 -4.77
CA HIS E 35 -9.11 28.93 -6.10
C HIS E 35 -8.45 30.07 -6.86
N ARG E 36 -7.43 29.74 -7.64
CA ARG E 36 -6.72 30.72 -8.43
C ARG E 36 -6.39 30.11 -9.78
N TYR E 37 -5.86 30.91 -10.67
CA TYR E 37 -5.50 30.42 -11.99
C TYR E 37 -4.57 29.23 -11.81
N PRO E 38 -4.76 28.16 -12.59
CA PRO E 38 -5.78 27.99 -13.63
C PRO E 38 -6.95 27.13 -13.17
N MET E 39 -7.39 27.33 -11.93
CA MET E 39 -8.50 26.54 -11.40
C MET E 39 -9.67 27.33 -10.79
N LEU E 40 -9.77 28.61 -11.11
CA LEU E 40 -10.88 29.42 -10.63
C LEU E 40 -11.76 29.46 -11.86
N LEU E 41 -12.85 28.71 -11.84
CA LEU E 41 -13.71 28.65 -13.00
C LEU E 41 -15.04 29.38 -12.88
N VAL E 42 -15.05 30.48 -12.15
CA VAL E 42 -16.26 31.28 -12.01
C VAL E 42 -15.88 32.74 -12.24
N ASP E 43 -16.50 33.39 -13.22
CA ASP E 43 -16.17 34.78 -13.54
C ASP E 43 -17.08 35.84 -12.99
N ARG E 44 -18.29 35.48 -12.58
CA ARG E 44 -19.21 36.48 -12.08
C ARG E 44 -20.46 35.82 -11.52
N ILE E 45 -20.95 36.34 -10.39
CA ILE E 45 -22.16 35.82 -9.76
C ILE E 45 -23.30 36.78 -10.12
N THR E 46 -24.27 36.30 -10.89
CA THR E 46 -25.40 37.14 -11.31
C THR E 46 -26.61 37.05 -10.38
N GLU E 47 -26.70 36.00 -9.58
CA GLU E 47 -27.80 35.81 -8.63
C GLU E 47 -27.30 35.09 -7.39
N LEU E 48 -27.74 35.53 -6.23
CA LEU E 48 -27.33 34.89 -4.98
C LEU E 48 -28.41 35.09 -3.92
N GLN E 49 -28.85 34.00 -3.31
CA GLN E 49 -29.88 34.06 -2.27
C GLN E 49 -29.51 33.08 -1.17
N ALA E 50 -29.10 33.65 -0.05
CA ALA E 50 -28.64 32.92 1.12
C ALA E 50 -29.29 31.57 1.38
N ASN E 51 -28.44 30.58 1.64
CA ASN E 51 -28.85 29.19 1.91
C ASN E 51 -29.82 28.57 0.91
N GLN E 52 -30.10 29.26 -0.20
CA GLN E 52 -31.05 28.72 -1.18
C GLN E 52 -30.45 28.41 -2.54
N LYS E 53 -30.06 29.46 -3.26
CA LYS E 53 -29.51 29.29 -4.59
C LYS E 53 -28.53 30.38 -5.04
N ILE E 54 -27.86 30.10 -6.17
CA ILE E 54 -26.91 31.01 -6.76
C ILE E 54 -26.85 30.75 -8.26
N VAL E 55 -26.74 31.84 -9.01
CA VAL E 55 -26.63 31.76 -10.45
C VAL E 55 -25.36 32.53 -10.80
N ALA E 56 -24.47 31.87 -11.53
CA ALA E 56 -23.21 32.47 -11.93
C ALA E 56 -22.82 31.92 -13.29
N TYR E 57 -21.69 32.37 -13.80
CA TYR E 57 -21.22 31.87 -15.07
C TYR E 57 -19.74 32.09 -15.26
N LYS E 58 -19.20 31.46 -16.30
CA LYS E 58 -17.79 31.58 -16.66
C LYS E 58 -17.78 31.60 -18.19
N ASN E 59 -17.02 32.52 -18.78
CA ASN E 59 -16.92 32.57 -20.22
C ASN E 59 -15.92 31.54 -20.74
N ILE E 60 -16.21 30.94 -21.88
CA ILE E 60 -15.31 29.98 -22.47
C ILE E 60 -14.63 30.65 -23.67
N THR E 61 -13.32 30.81 -23.61
CA THR E 61 -12.60 31.43 -24.71
C THR E 61 -11.51 30.47 -25.16
N PHE E 62 -10.99 30.66 -26.38
CA PHE E 62 -9.96 29.78 -26.87
C PHE E 62 -8.63 30.01 -26.16
N ASN E 63 -8.42 31.25 -25.74
CA ASN E 63 -7.18 31.60 -25.07
C ASN E 63 -7.08 31.03 -23.67
N GLU E 64 -7.40 29.76 -23.54
CA GLU E 64 -7.30 29.06 -22.26
C GLU E 64 -6.36 27.88 -22.48
N ASP E 65 -5.44 27.69 -21.55
CA ASP E 65 -4.47 26.60 -21.65
C ASP E 65 -5.14 25.26 -21.89
N VAL E 66 -6.13 24.89 -21.07
CA VAL E 66 -6.81 23.61 -21.24
C VAL E 66 -7.02 23.25 -22.69
N PHE E 67 -7.35 24.22 -23.53
CA PHE E 67 -7.63 23.90 -24.92
C PHE E 67 -6.48 23.39 -25.78
N ASN E 68 -5.26 23.46 -25.27
CA ASN E 68 -4.10 22.94 -26.00
C ASN E 68 -4.12 21.42 -26.10
N GLY E 69 -4.78 20.77 -25.14
CA GLY E 69 -4.83 19.32 -25.16
C GLY E 69 -6.21 18.68 -25.05
N HIS E 70 -7.28 19.46 -25.24
CA HIS E 70 -8.65 18.94 -25.14
C HIS E 70 -9.63 19.65 -26.08
N PHE E 71 -9.53 19.40 -27.39
CA PHE E 71 -8.53 18.51 -27.95
C PHE E 71 -7.87 19.28 -29.08
N PRO E 72 -6.60 18.96 -29.39
CA PRO E 72 -5.99 19.72 -30.49
C PRO E 72 -6.88 19.69 -31.73
N ASN E 73 -7.12 20.86 -32.30
CA ASN E 73 -7.94 21.02 -33.50
C ASN E 73 -9.43 20.77 -33.30
N LYS E 74 -9.86 20.78 -32.03
CA LYS E 74 -11.26 20.60 -31.71
C LYS E 74 -11.44 20.97 -30.24
N PRO E 75 -11.44 22.27 -29.95
CA PRO E 75 -11.60 22.74 -28.57
C PRO E 75 -12.94 22.40 -27.94
N ILE E 76 -12.89 21.50 -26.97
CA ILE E 76 -14.08 21.06 -26.23
C ILE E 76 -13.83 21.31 -24.73
N PHE E 77 -14.59 22.19 -24.10
CA PHE E 77 -14.40 22.43 -22.68
C PHE E 77 -14.63 21.09 -21.96
N PRO E 78 -13.77 20.71 -21.01
CA PRO E 78 -13.93 19.44 -20.30
C PRO E 78 -15.16 19.37 -19.40
N GLY E 79 -15.97 18.34 -19.60
CA GLY E 79 -17.15 18.15 -18.78
C GLY E 79 -16.84 18.23 -17.29
N VAL E 80 -15.77 17.57 -16.85
CA VAL E 80 -15.41 17.60 -15.42
C VAL E 80 -15.13 19.01 -14.93
N LEU E 81 -14.60 19.89 -15.78
CA LEU E 81 -14.33 21.26 -15.37
C LEU E 81 -15.66 21.97 -15.20
N ILE E 82 -16.65 21.55 -15.99
CA ILE E 82 -17.99 22.14 -15.89
C ILE E 82 -18.51 21.78 -14.50
N VAL E 83 -18.29 20.54 -14.08
CA VAL E 83 -18.74 20.15 -12.74
C VAL E 83 -17.97 20.98 -11.71
N GLU E 84 -16.67 21.14 -11.92
CA GLU E 84 -15.81 21.92 -11.01
C GLU E 84 -16.35 23.33 -10.85
N GLY E 85 -16.81 23.93 -11.94
CA GLY E 85 -17.35 25.27 -11.86
C GLY E 85 -18.61 25.29 -11.00
N MET E 86 -19.54 24.37 -11.26
CA MET E 86 -20.79 24.28 -10.52
C MET E 86 -20.49 24.16 -9.04
N ALA E 87 -19.46 23.36 -8.71
CA ALA E 87 -19.07 23.19 -7.32
C ALA E 87 -18.50 24.48 -6.74
N GLN E 88 -17.67 25.17 -7.51
CA GLN E 88 -17.09 26.43 -7.05
C GLN E 88 -18.18 27.45 -6.82
N SER E 89 -19.16 27.50 -7.73
CA SER E 89 -20.28 28.43 -7.56
C SER E 89 -20.95 28.09 -6.24
N GLY E 90 -21.18 26.79 -6.01
CA GLY E 90 -21.80 26.35 -4.77
C GLY E 90 -20.96 26.74 -3.56
N GLY E 91 -19.64 26.70 -3.71
CA GLY E 91 -18.78 27.06 -2.60
C GLY E 91 -18.90 28.53 -2.26
N PHE E 92 -19.21 29.36 -3.27
CA PHE E 92 -19.37 30.79 -3.04
C PHE E 92 -20.64 30.93 -2.20
N LEU E 93 -21.64 30.14 -2.54
CA LEU E 93 -22.91 30.12 -1.83
C LEU E 93 -22.71 29.75 -0.37
N ALA E 94 -21.89 28.73 -0.12
CA ALA E 94 -21.63 28.29 1.25
C ALA E 94 -20.92 29.38 2.06
N PHE E 95 -19.78 29.85 1.56
CA PHE E 95 -19.03 30.91 2.24
C PHE E 95 -19.88 32.08 2.65
N THR E 96 -20.54 32.73 1.70
CA THR E 96 -21.35 33.87 2.03
C THR E 96 -22.52 33.48 2.94
N SER E 97 -23.22 32.39 2.63
CA SER E 97 -24.33 31.96 3.49
C SER E 97 -23.89 31.78 4.95
N LEU E 98 -22.69 31.25 5.16
CA LEU E 98 -22.19 31.03 6.52
C LEU E 98 -21.52 32.23 7.20
N TRP E 99 -20.88 33.11 6.42
CA TRP E 99 -20.20 34.27 7.01
C TRP E 99 -20.40 35.55 6.22
N GLY E 100 -21.47 35.64 5.45
CA GLY E 100 -21.67 36.85 4.68
C GLY E 100 -20.45 37.07 3.79
N PHE E 101 -20.18 38.31 3.42
CA PHE E 101 -19.02 38.58 2.57
C PHE E 101 -17.80 38.94 3.41
N ASP E 102 -17.04 37.93 3.85
CA ASP E 102 -15.85 38.15 4.67
C ASP E 102 -14.58 37.63 4.01
N PRO E 103 -13.76 38.54 3.45
CA PRO E 103 -12.50 38.20 2.76
C PRO E 103 -11.39 37.49 3.53
N GLU E 104 -11.45 37.48 4.87
CA GLU E 104 -10.39 36.85 5.64
C GLU E 104 -10.73 35.52 6.28
N ILE E 105 -11.98 35.33 6.69
CA ILE E 105 -12.36 34.05 7.26
C ILE E 105 -12.18 33.07 6.09
N ALA E 106 -12.35 33.61 4.89
CA ALA E 106 -12.24 32.84 3.65
C ALA E 106 -10.80 32.50 3.26
N LYS E 107 -9.83 33.21 3.82
CA LYS E 107 -8.43 32.93 3.48
C LYS E 107 -7.98 31.69 4.24
N THR E 108 -8.87 31.20 5.10
CA THR E 108 -8.60 30.04 5.93
C THR E 108 -9.68 28.98 5.80
N LYS E 109 -10.13 28.69 4.58
CA LYS E 109 -11.19 27.69 4.39
C LYS E 109 -11.24 27.13 2.97
N ILE E 110 -10.36 26.17 2.62
CA ILE E 110 -10.39 25.61 1.26
C ILE E 110 -11.74 24.94 0.97
N VAL E 111 -11.90 24.48 -0.26
CA VAL E 111 -13.14 23.80 -0.63
C VAL E 111 -12.78 22.40 -1.11
N ALA E 112 -13.10 21.40 -0.28
CA ALA E 112 -12.83 20.01 -0.62
C ALA E 112 -14.08 19.38 -1.23
N PHE E 113 -13.87 18.54 -2.24
CA PHE E 113 -14.94 17.84 -2.95
C PHE E 113 -15.24 16.50 -2.27
N MET E 114 -16.50 16.23 -1.95
CA MET E 114 -16.84 14.96 -1.30
C MET E 114 -17.50 13.94 -2.22
N THR E 115 -18.52 14.38 -2.98
CA THR E 115 -19.23 13.48 -3.90
C THR E 115 -19.82 14.19 -5.10
N ILE E 116 -20.05 13.42 -6.15
CA ILE E 116 -20.68 13.91 -7.38
C ILE E 116 -21.56 12.75 -7.84
N ASP E 117 -22.76 13.06 -8.30
CA ASP E 117 -23.68 12.00 -8.73
C ASP E 117 -24.72 12.58 -9.68
N LYS E 118 -25.39 11.73 -10.43
CA LYS E 118 -26.43 12.18 -11.35
C LYS E 118 -25.96 13.28 -12.30
N VAL E 119 -24.73 13.18 -12.80
CA VAL E 119 -24.25 14.18 -13.75
C VAL E 119 -24.45 13.66 -15.18
N LYS E 120 -24.81 14.59 -16.06
CA LYS E 120 -25.05 14.25 -17.45
C LYS E 120 -24.64 15.41 -18.36
N PHE E 121 -23.88 15.11 -19.40
CA PHE E 121 -23.43 16.12 -20.34
C PHE E 121 -24.29 15.95 -21.60
N ARG E 122 -24.96 17.03 -22.01
CA ARG E 122 -25.84 16.96 -23.18
C ARG E 122 -25.36 17.67 -24.45
N ILE E 123 -24.86 18.89 -24.33
CA ILE E 123 -24.32 19.62 -25.49
C ILE E 123 -22.87 20.03 -25.18
N PRO E 124 -21.94 19.69 -26.07
CA PRO E 124 -20.54 20.06 -25.84
C PRO E 124 -20.33 21.57 -25.71
N VAL E 125 -19.53 21.98 -24.73
CA VAL E 125 -19.26 23.39 -24.52
C VAL E 125 -17.98 23.70 -25.29
N THR E 126 -17.98 24.85 -25.95
CA THR E 126 -16.84 25.24 -26.78
C THR E 126 -16.51 26.71 -26.62
N PRO E 127 -15.32 27.12 -27.11
CA PRO E 127 -14.89 28.51 -27.03
C PRO E 127 -15.96 29.41 -27.66
N GLY E 128 -16.36 30.44 -26.92
CA GLY E 128 -17.36 31.36 -27.41
C GLY E 128 -18.69 31.28 -26.69
N ASP E 129 -18.83 30.25 -25.85
CA ASP E 129 -20.03 30.01 -25.05
C ASP E 129 -19.93 30.64 -23.66
N ARG E 130 -21.09 30.98 -23.12
CA ARG E 130 -21.20 31.54 -21.79
C ARG E 130 -21.72 30.34 -21.01
N LEU E 131 -20.96 29.89 -20.02
CA LEU E 131 -21.37 28.73 -19.25
C LEU E 131 -21.99 29.23 -17.95
N GLU E 132 -23.31 29.15 -17.90
CA GLU E 132 -24.07 29.60 -16.73
C GLU E 132 -24.28 28.48 -15.71
N TYR E 133 -23.93 28.75 -14.46
CA TYR E 133 -24.10 27.78 -13.39
C TYR E 133 -25.39 28.06 -12.61
N HIS E 134 -26.29 27.09 -12.56
CA HIS E 134 -27.56 27.24 -11.83
C HIS E 134 -27.61 26.23 -10.70
N LEU E 135 -27.39 26.66 -9.46
CA LEU E 135 -27.43 25.71 -8.36
C LEU E 135 -28.35 26.06 -7.21
N GLU E 136 -28.85 25.03 -6.54
CA GLU E 136 -29.76 25.16 -5.40
C GLU E 136 -29.30 24.17 -4.34
N VAL E 137 -29.59 24.49 -3.10
CA VAL E 137 -29.22 23.66 -1.97
C VAL E 137 -30.16 22.47 -1.77
N LEU E 138 -29.60 21.28 -1.68
CA LEU E 138 -30.40 20.10 -1.45
C LEU E 138 -30.38 19.79 0.04
N LYS E 139 -29.31 20.21 0.72
CA LYS E 139 -29.15 20.00 2.15
C LYS E 139 -27.87 20.67 2.68
N HIS E 140 -27.99 21.34 3.81
CA HIS E 140 -26.87 22.04 4.42
C HIS E 140 -26.71 21.54 5.86
N LYS E 141 -25.48 21.22 6.23
CA LYS E 141 -25.20 20.70 7.58
C LYS E 141 -23.84 21.16 8.05
N GLY E 142 -23.79 22.41 8.52
CA GLY E 142 -22.55 22.98 8.99
C GLY E 142 -21.75 23.45 7.79
N MET E 143 -20.61 22.82 7.56
CA MET E 143 -19.77 23.19 6.43
C MET E 143 -19.77 22.06 5.42
N ILE E 144 -20.82 21.23 5.47
CA ILE E 144 -20.99 20.12 4.54
C ILE E 144 -22.26 20.41 3.73
N TRP E 145 -22.05 20.97 2.54
CA TRP E 145 -23.12 21.35 1.64
C TRP E 145 -23.40 20.42 0.45
N GLN E 146 -24.69 20.15 0.23
CA GLN E 146 -25.13 19.32 -0.89
C GLN E 146 -25.91 20.26 -1.82
N VAL E 147 -25.52 20.28 -3.09
CA VAL E 147 -26.16 21.14 -4.05
C VAL E 147 -26.55 20.33 -5.26
N GLY E 148 -27.25 21.00 -6.16
CA GLY E 148 -27.71 20.36 -7.38
C GLY E 148 -28.15 21.49 -8.28
N GLY E 149 -28.06 21.26 -9.57
CA GLY E 149 -28.47 22.30 -10.51
C GLY E 149 -28.08 21.89 -11.91
N THR E 150 -27.82 22.89 -12.74
CA THR E 150 -27.47 22.63 -14.11
C THR E 150 -26.38 23.54 -14.62
N ALA E 151 -26.11 23.43 -15.91
CA ALA E 151 -25.13 24.25 -16.59
C ALA E 151 -25.79 24.59 -17.93
N GLN E 152 -25.97 25.87 -18.20
CA GLN E 152 -26.64 26.30 -19.42
C GLN E 152 -25.82 27.20 -20.35
N VAL E 153 -26.11 27.11 -21.64
CA VAL E 153 -25.44 27.93 -22.64
C VAL E 153 -26.49 28.49 -23.59
N ASP E 154 -26.65 29.81 -23.56
CA ASP E 154 -27.59 30.49 -24.41
C ASP E 154 -28.99 29.89 -24.35
N GLY E 155 -29.47 29.59 -23.14
CA GLY E 155 -30.81 29.08 -22.96
C GLY E 155 -31.04 27.60 -22.74
N LYS E 156 -30.34 26.75 -23.48
CA LYS E 156 -30.50 25.30 -23.36
C LYS E 156 -29.64 24.77 -22.21
N VAL E 157 -30.06 23.64 -21.62
CA VAL E 157 -29.28 23.02 -20.55
C VAL E 157 -28.16 22.30 -21.27
N VAL E 158 -27.00 22.21 -20.64
CA VAL E 158 -25.87 21.58 -21.28
C VAL E 158 -25.32 20.45 -20.40
N ALA E 159 -25.54 20.59 -19.10
CA ALA E 159 -25.12 19.60 -18.16
C ALA E 159 -25.98 19.76 -16.92
N GLU E 160 -26.05 18.69 -16.14
CA GLU E 160 -26.80 18.70 -14.89
C GLU E 160 -26.03 17.80 -13.95
N ALA E 161 -26.07 18.11 -12.66
CA ALA E 161 -25.38 17.32 -11.67
C ALA E 161 -25.82 17.66 -10.27
N GLU E 162 -25.25 16.94 -9.31
CA GLU E 162 -25.51 17.15 -7.90
C GLU E 162 -24.18 16.81 -7.24
N LEU E 163 -23.80 17.57 -6.22
CA LEU E 163 -22.53 17.31 -5.57
C LEU E 163 -22.52 17.79 -4.13
N LYS E 164 -21.60 17.23 -3.37
CA LYS E 164 -21.43 17.58 -1.97
C LYS E 164 -19.99 18.06 -1.78
N ALA E 165 -19.81 19.06 -0.94
CA ALA E 165 -18.50 19.63 -0.66
C ALA E 165 -18.42 20.18 0.75
N MET E 166 -17.20 20.22 1.28
CA MET E 166 -16.99 20.73 2.61
C MET E 166 -16.06 21.94 2.54
N ILE E 167 -16.35 22.93 3.37
CA ILE E 167 -15.54 24.13 3.41
C ILE E 167 -14.74 24.00 4.69
N ALA E 168 -13.77 23.09 4.67
CA ALA E 168 -12.91 22.83 5.83
C ALA E 168 -11.88 23.93 6.11
N GLU E 169 -11.12 23.75 7.19
CA GLU E 169 -10.07 24.71 7.56
C GLU E 169 -8.90 24.54 6.60
N ARG E 170 -8.24 25.65 6.26
CA ARG E 170 -7.12 25.61 5.31
C ARG E 170 -5.86 24.95 5.87
N GLU E 171 -5.99 24.25 7.00
CA GLU E 171 -4.85 23.55 7.63
C GLU E 171 -5.12 23.17 9.08
N LEU F 20 -1.86 -7.67 -28.43
CA LEU F 20 -2.25 -6.51 -27.57
C LEU F 20 -1.52 -6.64 -26.23
N GLN F 21 -0.28 -6.18 -26.18
CA GLN F 21 0.52 -6.28 -24.96
C GLN F 21 -0.31 -5.82 -23.76
N SER F 22 0.22 -6.03 -22.56
CA SER F 22 -0.52 -5.66 -21.37
C SER F 22 -0.06 -4.35 -20.74
N GLN F 23 1.24 -4.10 -20.76
CA GLN F 23 1.80 -2.88 -20.20
C GLN F 23 2.10 -1.82 -21.27
N PHE F 24 1.73 -0.57 -20.97
CA PHE F 24 1.95 0.53 -21.92
C PHE F 24 2.54 1.80 -21.34
N PHE F 25 3.55 2.33 -22.03
CA PHE F 25 4.21 3.57 -21.61
C PHE F 25 3.63 4.79 -22.33
N ILE F 26 3.82 5.96 -21.74
CA ILE F 26 3.32 7.25 -22.26
C ILE F 26 3.46 7.33 -23.78
N GLU F 27 4.58 6.83 -24.27
CA GLU F 27 4.87 6.81 -25.70
C GLU F 27 3.70 6.15 -26.46
N HIS F 28 3.21 5.04 -25.91
CA HIS F 28 2.08 4.30 -26.50
C HIS F 28 0.77 5.04 -26.27
N ILE F 29 0.63 5.59 -25.07
CA ILE F 29 -0.57 6.33 -24.67
C ILE F 29 -0.83 7.50 -25.62
N LEU F 30 0.24 8.19 -25.99
CA LEU F 30 0.14 9.32 -26.90
C LEU F 30 -0.50 8.92 -28.24
N GLN F 31 -0.03 7.83 -28.84
CA GLN F 31 -0.57 7.38 -30.12
C GLN F 31 -2.02 6.94 -30.02
N ILE F 32 -2.44 6.52 -28.84
CA ILE F 32 -3.80 6.05 -28.68
C ILE F 32 -4.79 7.13 -28.23
N LEU F 33 -4.53 7.76 -27.09
CA LEU F 33 -5.43 8.80 -26.60
C LEU F 33 -5.20 10.11 -27.34
N PRO F 34 -6.29 10.82 -27.67
CA PRO F 34 -6.20 12.11 -28.37
C PRO F 34 -5.77 13.22 -27.42
N HIS F 35 -6.03 13.02 -26.13
CA HIS F 35 -5.68 14.00 -25.09
C HIS F 35 -4.22 14.43 -25.16
N ARG F 36 -3.97 15.71 -24.90
CA ARG F 36 -2.62 16.27 -24.92
C ARG F 36 -2.46 17.21 -23.74
N TYR F 37 -1.22 17.67 -23.51
CA TYR F 37 -0.95 18.59 -22.41
C TYR F 37 -1.85 19.82 -22.55
N PRO F 38 -2.41 20.32 -21.44
CA PRO F 38 -2.27 19.80 -20.08
C PRO F 38 -3.48 18.98 -19.65
N MET F 39 -4.01 18.19 -20.57
CA MET F 39 -5.17 17.36 -20.24
C MET F 39 -4.93 15.87 -20.50
N LEU F 40 -3.67 15.44 -20.53
CA LEU F 40 -3.39 14.01 -20.68
C LEU F 40 -2.95 13.58 -19.29
N LEU F 41 -3.88 12.96 -18.55
CA LEU F 41 -3.63 12.55 -17.18
C LEU F 41 -3.41 11.06 -16.88
N VAL F 42 -2.64 10.38 -17.74
CA VAL F 42 -2.31 8.98 -17.57
C VAL F 42 -0.90 8.81 -18.16
N ASP F 43 0.06 8.48 -17.31
CA ASP F 43 1.44 8.31 -17.73
C ASP F 43 1.73 6.89 -18.14
N ARG F 44 1.16 5.93 -17.42
CA ARG F 44 1.44 4.54 -17.71
C ARG F 44 0.30 3.54 -17.48
N ILE F 45 0.34 2.44 -18.24
CA ILE F 45 -0.67 1.38 -18.12
C ILE F 45 0.00 0.15 -17.48
N THR F 46 -0.41 -0.22 -16.27
CA THR F 46 0.19 -1.38 -15.59
C THR F 46 -0.37 -2.71 -16.08
N GLU F 47 -1.67 -2.74 -16.36
CA GLU F 47 -2.32 -3.94 -16.86
C GLU F 47 -3.59 -3.66 -17.69
N LEU F 48 -3.88 -4.52 -18.65
CA LEU F 48 -5.04 -4.34 -19.50
C LEU F 48 -5.60 -5.65 -20.05
N GLN F 49 -6.92 -5.76 -20.07
CA GLN F 49 -7.61 -6.94 -20.59
C GLN F 49 -8.80 -6.47 -21.39
N ALA F 50 -8.75 -6.72 -22.70
CA ALA F 50 -9.80 -6.31 -23.63
C ALA F 50 -11.21 -6.45 -23.13
N ASN F 51 -11.96 -5.35 -23.15
CA ASN F 51 -13.35 -5.33 -22.70
C ASN F 51 -13.52 -5.81 -21.26
N GLN F 52 -12.42 -5.90 -20.53
CA GLN F 52 -12.46 -6.37 -19.14
C GLN F 52 -12.11 -5.29 -18.11
N LYS F 53 -10.83 -5.19 -17.79
CA LYS F 53 -10.34 -4.22 -16.82
C LYS F 53 -9.06 -3.57 -17.31
N ILE F 54 -8.68 -2.50 -16.62
CA ILE F 54 -7.46 -1.80 -16.96
C ILE F 54 -6.92 -1.15 -15.71
N VAL F 55 -5.61 -1.22 -15.56
CA VAL F 55 -4.92 -0.60 -14.44
C VAL F 55 -3.78 0.24 -15.02
N ALA F 56 -3.78 1.52 -14.68
CA ALA F 56 -2.77 2.48 -15.15
C ALA F 56 -2.56 3.50 -14.06
N TYR F 57 -1.62 4.42 -14.25
CA TYR F 57 -1.40 5.44 -13.24
C TYR F 57 -0.84 6.72 -13.77
N LYS F 58 -0.95 7.75 -12.94
CA LYS F 58 -0.46 9.09 -13.25
C LYS F 58 0.29 9.59 -12.04
N ASN F 59 1.53 9.96 -12.21
CA ASN F 59 2.30 10.47 -11.09
C ASN F 59 1.84 11.88 -10.80
N ILE F 60 1.83 12.23 -9.52
CA ILE F 60 1.42 13.56 -9.10
C ILE F 60 2.66 14.25 -8.56
N THR F 61 3.00 15.38 -9.16
CA THR F 61 4.17 16.16 -8.74
C THR F 61 3.76 17.60 -8.47
N PHE F 62 4.63 18.35 -7.80
CA PHE F 62 4.34 19.76 -7.53
C PHE F 62 4.54 20.55 -8.83
N ASN F 63 5.38 20.02 -9.72
CA ASN F 63 5.66 20.70 -10.97
C ASN F 63 4.52 20.68 -12.01
N GLU F 64 3.29 20.87 -11.55
CA GLU F 64 2.13 20.89 -12.43
C GLU F 64 1.43 22.23 -12.27
N ASP F 65 1.17 22.87 -13.39
CA ASP F 65 0.51 24.17 -13.43
C ASP F 65 -0.79 24.18 -12.62
N VAL F 66 -1.57 23.11 -12.71
CA VAL F 66 -2.83 23.03 -11.97
C VAL F 66 -2.65 23.38 -10.49
N PHE F 67 -1.47 23.11 -9.94
CA PHE F 67 -1.20 23.40 -8.52
C PHE F 67 -0.99 24.86 -8.18
N ASN F 68 -0.79 25.73 -9.17
CA ASN F 68 -0.62 27.15 -8.88
C ASN F 68 -1.91 27.71 -8.28
N GLY F 69 -3.04 27.20 -8.74
CA GLY F 69 -4.31 27.69 -8.23
C GLY F 69 -5.19 26.77 -7.41
N HIS F 70 -4.74 25.53 -7.15
CA HIS F 70 -5.54 24.57 -6.38
C HIS F 70 -4.68 23.78 -5.38
N PHE F 71 -4.30 24.38 -4.25
CA PHE F 71 -4.62 25.75 -3.89
C PHE F 71 -3.31 26.39 -3.46
N PRO F 72 -3.15 27.70 -3.69
CA PRO F 72 -1.89 28.35 -3.28
C PRO F 72 -1.58 28.03 -1.83
N ASN F 73 -0.34 27.61 -1.58
CA ASN F 73 0.13 27.24 -0.25
C ASN F 73 -0.45 25.92 0.27
N LYS F 74 -1.18 25.21 -0.58
CA LYS F 74 -1.81 23.94 -0.18
C LYS F 74 -2.13 23.08 -1.43
N PRO F 75 -1.11 22.42 -2.01
CA PRO F 75 -1.26 21.57 -3.21
C PRO F 75 -2.13 20.31 -3.11
N ILE F 76 -3.24 20.33 -3.84
CA ILE F 76 -4.18 19.22 -3.89
C ILE F 76 -4.56 18.90 -5.35
N PHE F 77 -4.42 17.65 -5.76
CA PHE F 77 -4.81 17.30 -7.12
C PHE F 77 -6.34 17.29 -7.14
N PRO F 78 -6.94 18.13 -7.98
CA PRO F 78 -8.41 18.21 -8.07
C PRO F 78 -9.11 16.86 -8.21
N GLY F 79 -10.21 16.70 -7.48
CA GLY F 79 -10.97 15.48 -7.56
C GLY F 79 -11.50 15.26 -8.96
N VAL F 80 -12.04 16.32 -9.56
CA VAL F 80 -12.57 16.22 -10.91
C VAL F 80 -11.54 15.67 -11.91
N LEU F 81 -10.26 15.95 -11.67
CA LEU F 81 -9.21 15.47 -12.59
C LEU F 81 -8.93 14.00 -12.36
N ILE F 82 -9.15 13.55 -11.13
CA ILE F 82 -8.96 12.14 -10.81
C ILE F 82 -10.00 11.40 -11.67
N VAL F 83 -11.22 11.90 -11.66
CA VAL F 83 -12.31 11.34 -12.45
C VAL F 83 -11.90 11.36 -13.92
N GLU F 84 -11.43 12.52 -14.38
CA GLU F 84 -10.97 12.68 -15.75
C GLU F 84 -9.91 11.62 -16.06
N GLY F 85 -9.01 11.40 -15.13
CA GLY F 85 -7.97 10.40 -15.31
C GLY F 85 -8.50 8.99 -15.50
N MET F 86 -9.53 8.62 -14.74
CA MET F 86 -10.12 7.30 -14.86
C MET F 86 -10.83 7.19 -16.20
N ALA F 87 -11.49 8.27 -16.60
CA ALA F 87 -12.17 8.32 -17.87
C ALA F 87 -11.17 8.09 -19.00
N GLN F 88 -9.98 8.68 -18.87
CA GLN F 88 -8.94 8.51 -19.89
C GLN F 88 -8.41 7.08 -19.91
N SER F 89 -8.33 6.45 -18.75
CA SER F 89 -7.85 5.08 -18.68
C SER F 89 -8.86 4.16 -19.37
N GLY F 90 -10.12 4.33 -19.02
CA GLY F 90 -11.15 3.54 -19.66
C GLY F 90 -11.05 3.77 -21.15
N GLY F 91 -10.85 5.03 -21.53
CA GLY F 91 -10.73 5.37 -22.93
C GLY F 91 -9.64 4.56 -23.60
N PHE F 92 -8.48 4.52 -22.98
CA PHE F 92 -7.39 3.75 -23.55
C PHE F 92 -7.92 2.34 -23.79
N LEU F 93 -8.43 1.75 -22.72
CA LEU F 93 -8.99 0.40 -22.77
C LEU F 93 -10.02 0.25 -23.88
N ALA F 94 -10.93 1.20 -23.98
CA ALA F 94 -11.96 1.14 -25.02
C ALA F 94 -11.34 1.23 -26.42
N PHE F 95 -10.41 2.16 -26.62
CA PHE F 95 -9.78 2.31 -27.93
C PHE F 95 -9.15 0.98 -28.34
N THR F 96 -8.24 0.48 -27.50
CA THR F 96 -7.54 -0.76 -27.81
C THR F 96 -8.46 -1.96 -27.95
N SER F 97 -9.59 -1.96 -27.24
CA SER F 97 -10.52 -3.08 -27.37
C SER F 97 -11.22 -3.01 -28.72
N LEU F 98 -11.76 -1.84 -29.04
CA LEU F 98 -12.46 -1.61 -30.30
C LEU F 98 -11.60 -1.87 -31.54
N TRP F 99 -10.35 -1.44 -31.51
CA TRP F 99 -9.46 -1.59 -32.66
C TRP F 99 -8.05 -2.10 -32.36
N GLY F 100 -7.77 -2.55 -31.15
CA GLY F 100 -6.42 -3.00 -30.84
C GLY F 100 -5.47 -1.82 -30.83
N PHE F 101 -4.16 -2.06 -30.82
CA PHE F 101 -3.23 -0.93 -30.81
C PHE F 101 -3.12 -0.34 -32.21
N ASP F 102 -3.94 0.66 -32.50
CA ASP F 102 -3.95 1.27 -33.83
C ASP F 102 -3.92 2.80 -33.79
N PRO F 103 -2.80 3.39 -34.19
CA PRO F 103 -2.71 4.86 -34.16
C PRO F 103 -3.41 5.62 -35.31
N GLU F 104 -3.56 5.01 -36.47
CA GLU F 104 -4.21 5.68 -37.60
C GLU F 104 -5.73 5.85 -37.45
N ILE F 105 -6.36 5.02 -36.62
CA ILE F 105 -7.80 5.13 -36.37
C ILE F 105 -7.96 6.09 -35.20
N ALA F 106 -7.04 5.99 -34.24
CA ALA F 106 -7.06 6.83 -33.05
C ALA F 106 -6.95 8.31 -33.40
N LYS F 107 -6.09 8.61 -34.37
CA LYS F 107 -5.83 9.98 -34.83
C LYS F 107 -7.14 10.65 -35.25
N THR F 108 -8.11 9.83 -35.65
CA THR F 108 -9.39 10.34 -36.11
C THR F 108 -10.50 10.34 -35.06
N LYS F 109 -10.14 10.38 -33.77
CA LYS F 109 -11.14 10.33 -32.72
C LYS F 109 -10.92 11.23 -31.50
N ILE F 110 -12.00 11.45 -30.76
CA ILE F 110 -11.99 12.23 -29.52
C ILE F 110 -12.86 11.47 -28.53
N VAL F 111 -12.66 11.71 -27.24
CA VAL F 111 -13.45 11.03 -26.23
C VAL F 111 -14.31 12.04 -25.55
N ALA F 112 -15.58 11.70 -25.35
CA ALA F 112 -16.51 12.60 -24.71
C ALA F 112 -17.20 11.96 -23.51
N PHE F 113 -17.22 12.68 -22.40
CA PHE F 113 -17.87 12.25 -21.16
C PHE F 113 -19.38 12.30 -21.35
N MET F 114 -20.08 11.21 -21.01
CA MET F 114 -21.55 11.20 -21.15
C MET F 114 -22.25 11.41 -19.81
N THR F 115 -21.84 10.63 -18.81
CA THR F 115 -22.44 10.75 -17.48
C THR F 115 -21.43 10.31 -16.43
N ILE F 116 -21.67 10.66 -15.17
CA ILE F 116 -20.80 10.24 -14.08
C ILE F 116 -21.72 9.97 -12.90
N ASP F 117 -21.42 8.91 -12.16
CA ASP F 117 -22.24 8.54 -11.00
C ASP F 117 -21.45 7.92 -9.85
N LYS F 118 -22.00 8.08 -8.66
CA LYS F 118 -21.43 7.50 -7.47
C LYS F 118 -19.93 7.72 -7.26
N VAL F 119 -19.48 8.97 -7.45
CA VAL F 119 -18.09 9.28 -7.21
C VAL F 119 -17.94 9.72 -5.76
N LYS F 120 -16.94 9.17 -5.09
CA LYS F 120 -16.66 9.47 -3.70
C LYS F 120 -15.20 9.82 -3.62
N PHE F 121 -14.90 10.90 -2.91
CA PHE F 121 -13.51 11.32 -2.73
C PHE F 121 -13.19 11.06 -1.24
N ARG F 122 -12.41 10.03 -0.97
CA ARG F 122 -12.06 9.66 0.42
C ARG F 122 -10.82 10.34 0.97
N ILE F 123 -9.77 10.37 0.18
CA ILE F 123 -8.51 10.95 0.62
C ILE F 123 -7.95 11.94 -0.38
N PRO F 124 -7.41 13.06 0.10
CA PRO F 124 -6.87 14.02 -0.85
C PRO F 124 -5.57 13.52 -1.46
N VAL F 125 -5.39 13.78 -2.75
CA VAL F 125 -4.20 13.38 -3.50
C VAL F 125 -3.30 14.62 -3.52
N THR F 126 -2.00 14.44 -3.29
CA THR F 126 -1.07 15.56 -3.26
C THR F 126 0.22 15.22 -3.98
N PRO F 127 1.08 16.22 -4.23
CA PRO F 127 2.34 15.93 -4.93
C PRO F 127 3.07 14.82 -4.19
N GLY F 128 3.60 13.86 -4.94
CA GLY F 128 4.32 12.75 -4.33
C GLY F 128 3.57 11.45 -4.53
N ASP F 129 2.24 11.50 -4.36
CA ASP F 129 1.36 10.34 -4.54
C ASP F 129 1.43 9.78 -5.95
N ARG F 130 1.26 8.47 -6.05
CA ARG F 130 1.25 7.76 -7.32
C ARG F 130 -0.25 7.49 -7.53
N LEU F 131 -0.88 8.25 -8.42
CA LEU F 131 -2.30 8.10 -8.65
C LEU F 131 -2.56 6.88 -9.54
N GLU F 132 -3.11 5.84 -8.92
CA GLU F 132 -3.40 4.61 -9.63
C GLU F 132 -4.88 4.50 -9.97
N TYR F 133 -5.16 4.22 -11.24
CA TYR F 133 -6.54 4.11 -11.69
C TYR F 133 -6.91 2.63 -11.84
N HIS F 134 -8.13 2.27 -11.46
CA HIS F 134 -8.60 0.88 -11.56
C HIS F 134 -10.00 0.89 -12.12
N LEU F 135 -10.18 0.27 -13.28
CA LEU F 135 -11.50 0.24 -13.87
C LEU F 135 -11.86 -1.06 -14.55
N GLU F 136 -13.11 -1.44 -14.38
CA GLU F 136 -13.65 -2.66 -14.97
C GLU F 136 -14.78 -2.16 -15.85
N VAL F 137 -15.10 -2.90 -16.90
CA VAL F 137 -16.17 -2.48 -17.79
C VAL F 137 -17.52 -2.93 -17.25
N LEU F 138 -18.42 -1.97 -17.10
CA LEU F 138 -19.76 -2.24 -16.61
C LEU F 138 -20.68 -2.56 -17.79
N LYS F 139 -20.43 -1.91 -18.92
CA LYS F 139 -21.24 -2.14 -20.12
C LYS F 139 -20.68 -1.34 -21.29
N HIS F 140 -20.65 -1.96 -22.45
CA HIS F 140 -20.14 -1.28 -23.64
C HIS F 140 -20.89 -1.72 -24.90
N LYS F 141 -21.17 -0.75 -25.77
CA LYS F 141 -21.87 -1.04 -27.01
C LYS F 141 -21.55 0.02 -28.05
N GLY F 142 -20.65 -0.32 -28.96
CA GLY F 142 -20.24 0.59 -30.00
C GLY F 142 -19.18 1.51 -29.46
N MET F 143 -19.38 2.81 -29.64
CA MET F 143 -18.43 3.81 -29.18
C MET F 143 -18.72 4.21 -27.74
N ILE F 144 -19.90 3.84 -27.25
CA ILE F 144 -20.29 4.17 -25.88
C ILE F 144 -19.83 3.11 -24.90
N TRP F 145 -19.02 3.52 -23.94
CA TRP F 145 -18.51 2.61 -22.94
C TRP F 145 -18.81 3.09 -21.54
N GLN F 146 -19.07 2.15 -20.65
CA GLN F 146 -19.39 2.45 -19.27
C GLN F 146 -18.36 1.71 -18.43
N VAL F 147 -17.77 2.40 -17.45
CA VAL F 147 -16.76 1.79 -16.61
C VAL F 147 -16.90 2.25 -15.17
N GLY F 148 -16.40 1.43 -14.27
CA GLY F 148 -16.46 1.77 -12.87
C GLY F 148 -15.21 1.29 -12.19
N GLY F 149 -14.85 1.96 -11.11
CA GLY F 149 -13.66 1.56 -10.40
C GLY F 149 -13.23 2.58 -9.38
N THR F 150 -11.96 2.51 -9.04
CA THR F 150 -11.41 3.39 -8.05
C THR F 150 -10.10 4.05 -8.49
N ALA F 151 -9.63 4.96 -7.66
CA ALA F 151 -8.39 5.66 -7.88
C ALA F 151 -7.66 5.34 -6.60
N GLN F 152 -6.44 4.83 -6.70
CA GLN F 152 -5.70 4.42 -5.52
C GLN F 152 -4.30 5.00 -5.37
N VAL F 153 -3.94 5.28 -4.12
CA VAL F 153 -2.63 5.79 -3.81
C VAL F 153 -2.07 4.86 -2.74
N ASP F 154 -0.92 4.27 -3.00
CA ASP F 154 -0.27 3.37 -2.05
C ASP F 154 -1.23 2.28 -1.51
N GLY F 155 -2.18 1.85 -2.33
CA GLY F 155 -3.12 0.84 -1.90
C GLY F 155 -4.43 1.39 -1.34
N LYS F 156 -4.37 2.52 -0.64
CA LYS F 156 -5.58 3.08 -0.07
C LYS F 156 -6.51 3.63 -1.17
N VAL F 157 -7.79 3.29 -1.10
CA VAL F 157 -8.77 3.79 -2.06
C VAL F 157 -8.96 5.27 -1.84
N VAL F 158 -8.39 6.07 -2.72
CA VAL F 158 -8.48 7.51 -2.59
C VAL F 158 -9.84 8.01 -3.06
N ALA F 159 -10.41 7.35 -4.06
CA ALA F 159 -11.70 7.74 -4.59
C ALA F 159 -12.44 6.63 -5.36
N GLU F 160 -13.75 6.79 -5.43
CA GLU F 160 -14.62 5.86 -6.12
C GLU F 160 -15.29 6.61 -7.27
N ALA F 161 -15.58 5.92 -8.35
CA ALA F 161 -16.24 6.57 -9.47
C ALA F 161 -16.89 5.63 -10.46
N GLU F 162 -17.92 6.14 -11.11
CA GLU F 162 -18.65 5.39 -12.11
C GLU F 162 -18.90 6.40 -13.21
N LEU F 163 -18.72 5.99 -14.47
CA LEU F 163 -18.93 6.91 -15.57
C LEU F 163 -19.16 6.22 -16.90
N LYS F 164 -19.78 6.93 -17.83
CA LYS F 164 -20.04 6.44 -19.17
C LYS F 164 -19.42 7.46 -20.14
N ALA F 165 -18.59 6.98 -21.07
CA ALA F 165 -17.96 7.86 -22.04
C ALA F 165 -18.06 7.28 -23.44
N MET F 166 -17.96 8.15 -24.43
CA MET F 166 -18.04 7.71 -25.83
C MET F 166 -16.85 8.18 -26.66
N ILE F 167 -16.59 7.42 -27.72
CA ILE F 167 -15.52 7.73 -28.66
C ILE F 167 -16.19 8.36 -29.87
N ALA F 168 -15.85 9.61 -30.16
CA ALA F 168 -16.48 10.28 -31.30
C ALA F 168 -15.47 10.65 -32.38
N GLU F 169 -15.97 10.73 -33.61
CA GLU F 169 -15.12 11.08 -34.74
C GLU F 169 -14.80 12.57 -34.66
N ARG F 170 -13.51 12.91 -34.70
CA ARG F 170 -13.07 14.29 -34.63
C ARG F 170 -13.71 15.12 -35.76
N GLU F 171 -13.97 14.46 -36.90
CA GLU F 171 -14.59 15.12 -38.05
C GLU F 171 -14.02 16.52 -38.26
N GLN G 21 -19.09 -26.61 49.77
CA GLN G 21 -20.26 -26.54 48.84
C GLN G 21 -20.49 -27.94 48.30
N SER G 22 -21.54 -28.10 47.51
CA SER G 22 -21.82 -29.41 46.93
C SER G 22 -21.58 -29.38 45.42
N GLN G 23 -21.70 -28.19 44.83
CA GLN G 23 -21.48 -27.98 43.40
C GLN G 23 -20.24 -27.13 43.21
N PHE G 24 -19.34 -27.58 42.35
CA PHE G 24 -18.11 -26.84 42.06
C PHE G 24 -17.99 -26.66 40.56
N PHE G 25 -17.38 -25.58 40.12
CA PHE G 25 -17.25 -25.34 38.70
C PHE G 25 -15.81 -25.47 38.22
N ILE G 26 -15.60 -25.43 36.92
CA ILE G 26 -14.28 -25.61 36.36
C ILE G 26 -13.19 -24.82 37.08
N GLU G 27 -13.52 -23.60 37.49
CA GLU G 27 -12.53 -22.78 38.19
C GLU G 27 -12.04 -23.47 39.45
N HIS G 28 -12.93 -24.15 40.17
CA HIS G 28 -12.56 -24.86 41.40
C HIS G 28 -11.73 -26.09 41.07
N ILE G 29 -12.14 -26.81 40.03
CA ILE G 29 -11.48 -28.01 39.57
C ILE G 29 -10.05 -27.71 39.17
N LEU G 30 -9.84 -26.54 38.58
CA LEU G 30 -8.50 -26.12 38.17
C LEU G 30 -7.64 -25.89 39.42
N GLN G 31 -8.28 -25.51 40.51
CA GLN G 31 -7.58 -25.26 41.76
C GLN G 31 -7.38 -26.53 42.59
N ILE G 32 -8.29 -27.48 42.46
CA ILE G 32 -8.20 -28.72 43.22
C ILE G 32 -7.36 -29.83 42.56
N LEU G 33 -7.61 -30.12 41.28
CA LEU G 33 -6.85 -31.15 40.58
C LEU G 33 -5.56 -30.64 39.96
N PRO G 34 -4.55 -31.52 39.87
CA PRO G 34 -3.26 -31.13 39.28
C PRO G 34 -3.33 -31.27 37.77
N HIS G 35 -4.43 -31.85 37.28
CA HIS G 35 -4.61 -32.04 35.86
C HIS G 35 -4.78 -30.75 35.06
N ARG G 36 -4.25 -30.74 33.84
CA ARG G 36 -4.33 -29.59 32.95
C ARG G 36 -4.49 -30.06 31.51
N TYR G 37 -4.85 -29.13 30.62
CA TYR G 37 -5.05 -29.44 29.22
C TYR G 37 -3.78 -30.05 28.62
N PRO G 38 -3.92 -31.12 27.81
CA PRO G 38 -5.17 -31.79 27.42
C PRO G 38 -5.58 -33.03 28.24
N MET G 39 -5.38 -33.02 29.56
CA MET G 39 -5.74 -34.17 30.39
C MET G 39 -6.68 -33.87 31.55
N LEU G 40 -7.23 -32.67 31.60
CA LEU G 40 -8.21 -32.33 32.64
C LEU G 40 -9.54 -32.68 31.97
N LEU G 41 -10.04 -33.87 32.28
CA LEU G 41 -11.25 -34.37 31.65
C LEU G 41 -12.54 -34.34 32.46
N VAL G 42 -12.67 -33.33 33.33
CA VAL G 42 -13.88 -33.15 34.14
C VAL G 42 -14.14 -31.64 34.14
N ASP G 43 -15.37 -31.25 33.80
CA ASP G 43 -15.74 -29.85 33.73
C ASP G 43 -16.52 -29.27 34.91
N ARG G 44 -17.41 -30.06 35.50
CA ARG G 44 -18.21 -29.57 36.60
C ARG G 44 -18.54 -30.67 37.63
N ILE G 45 -18.65 -30.28 38.90
CA ILE G 45 -18.97 -31.21 39.99
C ILE G 45 -20.39 -30.96 40.46
N THR G 46 -21.32 -31.87 40.15
CA THR G 46 -22.73 -31.73 40.55
C THR G 46 -23.04 -32.22 41.96
N GLU G 47 -22.34 -33.26 42.45
CA GLU G 47 -22.60 -33.75 43.80
C GLU G 47 -21.38 -34.25 44.53
N LEU G 48 -21.20 -33.75 45.75
CA LEU G 48 -20.07 -34.15 46.56
C LEU G 48 -20.52 -34.59 47.97
N GLN G 49 -19.93 -35.68 48.44
CA GLN G 49 -20.18 -36.23 49.78
C GLN G 49 -18.84 -36.75 50.30
N ALA G 50 -18.19 -35.94 51.13
CA ALA G 50 -16.90 -36.27 51.69
C ALA G 50 -16.73 -37.75 52.05
N ASN G 51 -15.80 -38.38 51.60
CA ASN G 51 -15.26 -39.69 51.89
C ASN G 51 -16.21 -40.83 51.58
N GLN G 52 -17.45 -40.30 51.02
CA GLN G 52 -18.44 -41.20 50.44
C GLN G 52 -18.60 -41.30 48.93
N LYS G 53 -19.30 -40.35 48.32
CA LYS G 53 -19.53 -40.40 46.87
C LYS G 53 -19.46 -39.06 46.13
N ILE G 54 -19.31 -39.13 44.80
CA ILE G 54 -19.24 -37.93 43.97
C ILE G 54 -19.84 -38.12 42.58
N VAL G 55 -20.59 -37.11 42.14
CA VAL G 55 -21.20 -37.10 40.82
C VAL G 55 -20.70 -35.84 40.10
N ALA G 56 -20.12 -36.05 38.92
CA ALA G 56 -19.57 -34.95 38.12
C ALA G 56 -19.72 -35.32 36.67
N TYR G 57 -19.28 -34.44 35.79
CA TYR G 57 -19.39 -34.73 34.37
C TYR G 57 -18.43 -33.92 33.51
N LYS G 58 -18.32 -34.33 32.25
CA LYS G 58 -17.48 -33.66 31.27
C LYS G 58 -18.26 -33.57 29.96
N ASN G 59 -18.26 -32.41 29.33
CA ASN G 59 -18.97 -32.29 28.05
C ASN G 59 -18.02 -32.77 26.96
N ILE G 60 -18.60 -33.42 25.96
CA ILE G 60 -17.81 -33.90 24.84
C ILE G 60 -18.22 -33.07 23.62
N THR G 61 -17.24 -32.48 22.95
CA THR G 61 -17.49 -31.64 21.79
C THR G 61 -16.50 -31.99 20.69
N PHE G 62 -16.91 -31.80 19.43
CA PHE G 62 -16.03 -32.12 18.32
C PHE G 62 -14.74 -31.31 18.41
N ASN G 63 -14.84 -30.07 18.88
CA ASN G 63 -13.68 -29.19 19.01
C ASN G 63 -12.64 -29.66 20.03
N GLU G 64 -12.39 -30.97 20.07
CA GLU G 64 -11.38 -31.55 20.96
C GLU G 64 -10.37 -32.26 20.07
N ASP G 65 -9.10 -32.04 20.35
CA ASP G 65 -8.00 -32.61 19.58
C ASP G 65 -8.04 -34.14 19.39
N VAL G 66 -8.42 -34.86 20.44
CA VAL G 66 -8.46 -36.32 20.35
C VAL G 66 -9.23 -36.82 19.15
N PHE G 67 -10.30 -36.11 18.79
CA PHE G 67 -11.12 -36.56 17.68
C PHE G 67 -10.44 -36.47 16.33
N ASN G 68 -9.32 -35.76 16.26
CA ASN G 68 -8.56 -35.69 15.01
C ASN G 68 -8.11 -37.10 14.65
N GLY G 69 -7.81 -37.91 15.68
CA GLY G 69 -7.35 -39.25 15.44
C GLY G 69 -8.18 -40.39 16.01
N HIS G 70 -9.33 -40.09 16.60
CA HIS G 70 -10.14 -41.16 17.16
C HIS G 70 -11.65 -41.06 16.88
N PHE G 71 -12.08 -41.32 15.65
CA PHE G 71 -11.23 -41.69 14.52
C PHE G 71 -11.65 -40.75 13.38
N PRO G 72 -10.77 -40.52 12.40
CA PRO G 72 -11.14 -39.64 11.29
C PRO G 72 -12.53 -39.95 10.73
N ASN G 73 -13.36 -38.92 10.60
CA ASN G 73 -14.71 -39.04 10.07
C ASN G 73 -15.73 -39.78 10.93
N LYS G 74 -15.30 -40.25 12.10
CA LYS G 74 -16.19 -40.93 13.03
C LYS G 74 -15.67 -40.70 14.45
N PRO G 75 -16.03 -39.56 15.04
CA PRO G 75 -15.60 -39.20 16.40
C PRO G 75 -16.18 -40.08 17.51
N ILE G 76 -15.29 -40.55 18.35
CA ILE G 76 -15.65 -41.44 19.45
C ILE G 76 -14.73 -41.16 20.64
N PHE G 77 -15.32 -40.73 21.76
CA PHE G 77 -14.50 -40.46 22.93
C PHE G 77 -13.81 -41.74 23.38
N PRO G 78 -12.47 -41.74 23.45
CA PRO G 78 -11.71 -42.92 23.87
C PRO G 78 -12.19 -43.52 25.19
N GLY G 79 -12.45 -44.83 25.17
CA GLY G 79 -12.90 -45.52 26.36
C GLY G 79 -11.99 -45.31 27.55
N VAL G 80 -10.69 -45.41 27.32
CA VAL G 80 -9.74 -45.21 28.39
C VAL G 80 -9.84 -43.79 28.93
N LEU G 81 -10.24 -42.84 28.09
CA LEU G 81 -10.35 -41.48 28.56
C LEU G 81 -11.59 -41.30 29.42
N ILE G 82 -12.59 -42.16 29.24
CA ILE G 82 -13.79 -42.10 30.08
C ILE G 82 -13.35 -42.58 31.47
N VAL G 83 -12.46 -43.57 31.48
CA VAL G 83 -11.94 -44.12 32.73
C VAL G 83 -11.12 -43.05 33.45
N GLU G 84 -10.29 -42.35 32.68
CA GLU G 84 -9.45 -41.28 33.22
C GLU G 84 -10.33 -40.20 33.82
N GLY G 85 -11.46 -39.97 33.19
CA GLY G 85 -12.39 -38.96 33.69
C GLY G 85 -12.87 -39.32 35.07
N MET G 86 -13.27 -40.58 35.23
CA MET G 86 -13.77 -41.08 36.50
C MET G 86 -12.65 -41.00 37.52
N ALA G 87 -11.44 -41.34 37.09
CA ALA G 87 -10.30 -41.28 37.99
C ALA G 87 -10.20 -39.86 38.53
N GLN G 88 -10.23 -38.89 37.62
CA GLN G 88 -10.12 -37.50 38.02
C GLN G 88 -11.21 -37.04 39.00
N SER G 89 -12.41 -37.60 38.88
CA SER G 89 -13.48 -37.22 39.79
C SER G 89 -13.21 -37.79 41.18
N GLY G 90 -12.70 -39.02 41.22
CA GLY G 90 -12.39 -39.64 42.49
C GLY G 90 -11.26 -38.85 43.11
N GLY G 91 -10.30 -38.47 42.28
CA GLY G 91 -9.17 -37.70 42.76
C GLY G 91 -9.66 -36.42 43.42
N PHE G 92 -10.63 -35.78 42.80
CA PHE G 92 -11.18 -34.54 43.34
C PHE G 92 -11.81 -34.83 44.70
N LEU G 93 -12.58 -35.92 44.75
CA LEU G 93 -13.20 -36.29 46.00
C LEU G 93 -12.10 -36.58 47.00
N ALA G 94 -11.05 -37.26 46.53
CA ALA G 94 -9.93 -37.59 47.41
C ALA G 94 -9.31 -36.31 47.98
N PHE G 95 -8.95 -35.36 47.10
CA PHE G 95 -8.33 -34.10 47.51
C PHE G 95 -9.16 -33.28 48.52
N THR G 96 -10.43 -33.06 48.21
CA THR G 96 -11.24 -32.26 49.11
C THR G 96 -11.47 -32.96 50.44
N SER G 97 -11.52 -34.29 50.42
CA SER G 97 -11.67 -35.07 51.65
C SER G 97 -10.41 -34.95 52.50
N LEU G 98 -9.24 -35.06 51.87
CA LEU G 98 -7.95 -34.98 52.59
C LEU G 98 -7.52 -33.59 53.12
N TRP G 99 -7.88 -32.51 52.43
CA TRP G 99 -7.45 -31.19 52.87
C TRP G 99 -8.55 -30.13 52.93
N GLY G 100 -9.71 -30.46 52.39
CA GLY G 100 -10.81 -29.52 52.36
C GLY G 100 -10.60 -28.80 51.04
N PHE G 101 -11.27 -27.67 50.83
CA PHE G 101 -11.07 -26.95 49.59
C PHE G 101 -9.77 -26.17 49.79
N ASP G 102 -8.66 -26.80 49.40
CA ASP G 102 -7.36 -26.16 49.59
C ASP G 102 -6.57 -26.03 48.28
N PRO G 103 -6.58 -24.83 47.67
CA PRO G 103 -5.84 -24.61 46.43
C PRO G 103 -4.32 -24.67 46.57
N GLU G 104 -3.81 -24.22 47.71
CA GLU G 104 -2.36 -24.23 47.95
C GLU G 104 -1.71 -25.61 47.98
N ILE G 105 -2.26 -26.51 48.80
CA ILE G 105 -1.74 -27.88 48.95
C ILE G 105 -2.31 -28.82 47.90
N ALA G 106 -2.19 -28.42 46.64
CA ALA G 106 -2.70 -29.18 45.50
C ALA G 106 -1.68 -29.05 44.37
N LYS G 107 -0.96 -27.94 44.40
CA LYS G 107 0.10 -27.66 43.44
C LYS G 107 1.23 -28.59 43.82
N THR G 108 1.17 -29.05 45.07
CA THR G 108 2.16 -29.94 45.66
C THR G 108 1.92 -31.42 45.40
N LYS G 109 0.72 -31.76 44.91
CA LYS G 109 0.39 -33.16 44.68
C LYS G 109 0.07 -33.53 43.24
N ILE G 110 0.32 -34.78 42.92
CA ILE G 110 -0.01 -35.32 41.60
C ILE G 110 -0.85 -36.55 41.93
N VAL G 111 -1.47 -37.12 40.91
CA VAL G 111 -2.30 -38.29 41.11
C VAL G 111 -1.67 -39.41 40.30
N ALA G 112 -1.42 -40.55 40.94
CA ALA G 112 -0.81 -41.66 40.25
C ALA G 112 -1.76 -42.84 40.25
N PHE G 113 -2.11 -43.30 39.05
CA PHE G 113 -2.99 -44.44 38.90
C PHE G 113 -2.33 -45.66 39.54
N MET G 114 -3.13 -46.56 40.11
CA MET G 114 -2.57 -47.77 40.73
C MET G 114 -3.13 -49.05 40.14
N THR G 115 -4.45 -49.13 40.03
CA THR G 115 -5.10 -50.29 39.44
C THR G 115 -6.44 -49.91 38.83
N ILE G 116 -6.89 -50.71 37.87
CA ILE G 116 -8.18 -50.52 37.20
C ILE G 116 -8.82 -51.91 37.10
N ASP G 117 -10.12 -51.98 37.35
CA ASP G 117 -10.78 -53.27 37.31
C ASP G 117 -12.24 -53.23 36.97
N LYS G 118 -12.71 -54.39 36.51
CA LYS G 118 -14.09 -54.60 36.12
C LYS G 118 -14.62 -53.42 35.27
N VAL G 119 -13.83 -53.00 34.28
CA VAL G 119 -14.30 -51.91 33.45
C VAL G 119 -14.95 -52.43 32.17
N LYS G 120 -16.09 -51.83 31.86
CA LYS G 120 -16.87 -52.19 30.70
C LYS G 120 -17.21 -50.95 29.89
N PHE G 121 -17.55 -51.20 28.63
CA PHE G 121 -17.91 -50.16 27.71
C PHE G 121 -19.17 -50.72 27.08
N ARG G 122 -20.29 -50.03 27.29
CA ARG G 122 -21.55 -50.49 26.77
C ARG G 122 -22.09 -49.68 25.59
N ILE G 123 -21.80 -48.38 25.58
CA ILE G 123 -22.27 -47.55 24.49
C ILE G 123 -21.24 -46.48 24.18
N PRO G 124 -20.97 -46.24 22.90
CA PRO G 124 -19.98 -45.20 22.60
C PRO G 124 -20.46 -43.79 22.91
N VAL G 125 -19.51 -42.95 23.34
CA VAL G 125 -19.77 -41.55 23.68
C VAL G 125 -19.32 -40.75 22.48
N THR G 126 -20.18 -39.87 22.00
CA THR G 126 -19.86 -39.06 20.85
C THR G 126 -20.00 -37.58 21.08
N PRO G 127 -19.49 -36.76 20.15
CA PRO G 127 -19.61 -35.31 20.27
C PRO G 127 -21.08 -34.95 20.43
N GLY G 128 -21.38 -34.15 21.44
CA GLY G 128 -22.76 -33.77 21.69
C GLY G 128 -23.27 -34.40 22.97
N ASP G 129 -22.53 -35.38 23.48
CA ASP G 129 -22.91 -36.07 24.70
C ASP G 129 -22.39 -35.36 25.95
N ARG G 130 -23.12 -35.52 27.06
CA ARG G 130 -22.71 -34.97 28.35
C ARG G 130 -22.31 -36.19 29.17
N LEU G 131 -21.01 -36.49 29.20
CA LEU G 131 -20.46 -37.65 29.93
C LEU G 131 -20.52 -37.42 31.43
N GLU G 132 -21.33 -38.24 32.10
CA GLU G 132 -21.56 -38.14 33.53
C GLU G 132 -20.81 -39.23 34.31
N TYR G 133 -20.00 -38.83 35.28
CA TYR G 133 -19.24 -39.77 36.09
C TYR G 133 -19.91 -39.99 37.45
N HIS G 134 -20.25 -41.24 37.77
CA HIS G 134 -20.90 -41.57 39.04
C HIS G 134 -19.98 -42.51 39.81
N LEU G 135 -19.42 -42.03 40.90
CA LEU G 135 -18.50 -42.83 41.69
C LEU G 135 -18.81 -42.87 43.17
N GLU G 136 -18.66 -44.04 43.75
CA GLU G 136 -18.86 -44.23 45.18
C GLU G 136 -17.53 -44.75 45.67
N VAL G 137 -17.09 -44.29 46.84
CA VAL G 137 -15.82 -44.76 47.36
C VAL G 137 -15.94 -46.20 47.85
N LEU G 138 -15.05 -47.05 47.37
CA LEU G 138 -15.06 -48.44 47.77
C LEU G 138 -14.15 -48.59 48.98
N LYS G 139 -13.08 -47.81 48.98
CA LYS G 139 -12.10 -47.85 50.06
C LYS G 139 -11.25 -46.60 49.98
N HIS G 140 -10.94 -46.02 51.14
CA HIS G 140 -10.07 -44.86 51.20
C HIS G 140 -9.11 -45.05 52.37
N LYS G 141 -7.82 -45.04 52.08
CA LYS G 141 -6.82 -45.22 53.10
C LYS G 141 -5.82 -44.06 53.07
N GLY G 142 -6.32 -42.85 53.33
CA GLY G 142 -5.48 -41.68 53.32
C GLY G 142 -4.46 -41.69 52.19
N MET G 143 -4.47 -41.19 51.26
CA MET G 143 -3.74 -40.82 50.05
C MET G 143 -3.84 -41.92 49.00
N ILE G 144 -4.32 -43.12 49.46
CA ILE G 144 -4.64 -44.18 48.51
C ILE G 144 -6.15 -44.39 48.45
N TRP G 145 -6.72 -44.13 47.27
CA TRP G 145 -8.14 -44.23 47.07
C TRP G 145 -8.53 -45.24 46.01
N GLN G 146 -9.59 -45.98 46.31
CA GLN G 146 -10.14 -46.98 45.41
C GLN G 146 -11.61 -46.61 45.26
N VAL G 147 -12.05 -46.44 44.02
CA VAL G 147 -13.43 -46.03 43.77
C VAL G 147 -14.01 -46.85 42.67
N GLY G 148 -15.34 -46.84 42.60
CA GLY G 148 -16.04 -47.60 41.59
C GLY G 148 -17.33 -46.91 41.20
N GLY G 149 -17.81 -47.23 40.02
CA GLY G 149 -19.05 -46.62 39.56
C GLY G 149 -19.21 -46.69 38.06
N THR G 150 -20.07 -45.80 37.55
CA THR G 150 -20.35 -45.75 36.13
C THR G 150 -20.13 -44.39 35.45
N ALA G 151 -20.32 -44.40 34.14
CA ALA G 151 -20.23 -43.24 33.30
C ALA G 151 -21.59 -43.29 32.60
N GLN G 152 -22.31 -42.18 32.60
CA GLN G 152 -23.64 -42.15 32.03
C GLN G 152 -23.90 -40.97 31.11
N VAL G 153 -24.75 -41.19 30.12
CA VAL G 153 -25.12 -40.17 29.16
C VAL G 153 -26.64 -40.24 29.04
N ASP G 154 -27.28 -39.17 29.47
CA ASP G 154 -28.73 -39.07 29.40
C ASP G 154 -29.51 -40.27 29.95
N GLY G 155 -29.17 -40.70 31.16
CA GLY G 155 -29.87 -41.82 31.76
C GLY G 155 -29.24 -43.19 31.58
N LYS G 156 -28.82 -43.52 30.37
CA LYS G 156 -28.23 -44.82 30.11
C LYS G 156 -26.78 -44.94 30.55
N VAL G 157 -26.48 -46.03 31.25
CA VAL G 157 -25.13 -46.33 31.72
C VAL G 157 -24.27 -46.62 30.50
N VAL G 158 -23.44 -45.64 30.15
CA VAL G 158 -22.55 -45.74 29.00
C VAL G 158 -21.33 -46.61 29.23
N ALA G 159 -20.91 -46.73 30.49
CA ALA G 159 -19.76 -47.57 30.80
C ALA G 159 -19.55 -47.65 32.31
N GLU G 160 -18.85 -48.68 32.75
CA GLU G 160 -18.60 -48.85 34.19
C GLU G 160 -17.15 -49.22 34.47
N ALA G 161 -16.71 -48.95 35.70
CA ALA G 161 -15.33 -49.24 36.08
C ALA G 161 -15.09 -49.11 37.59
N GLU G 162 -13.90 -49.52 37.98
CA GLU G 162 -13.41 -49.50 39.36
C GLU G 162 -11.93 -49.25 39.18
N LEU G 163 -11.36 -48.43 40.05
CA LEU G 163 -9.95 -48.09 39.95
C LEU G 163 -9.42 -47.66 41.30
N LYS G 164 -8.10 -47.56 41.39
CA LYS G 164 -7.45 -47.16 42.62
C LYS G 164 -6.25 -46.29 42.27
N ALA G 165 -6.04 -45.23 43.05
CA ALA G 165 -4.90 -44.35 42.80
C ALA G 165 -4.61 -43.59 44.07
N MET G 166 -3.40 -43.06 44.19
CA MET G 166 -3.04 -42.29 45.36
C MET G 166 -2.62 -40.87 45.03
N ILE G 167 -2.68 -39.99 46.03
CA ILE G 167 -2.26 -38.62 45.88
C ILE G 167 -0.79 -38.65 46.30
N ALA G 168 0.12 -38.39 45.38
CA ALA G 168 1.54 -38.41 45.70
C ALA G 168 2.15 -37.02 45.65
N GLU G 169 3.38 -36.90 46.13
CA GLU G 169 4.09 -35.63 46.21
C GLU G 169 4.79 -35.13 44.94
N ARG G 170 5.02 -33.81 44.93
CA ARG G 170 5.68 -33.04 43.87
C ARG G 170 4.98 -33.09 42.55
N SER H 22 8.22 -60.04 9.88
CA SER H 22 8.64 -60.02 11.32
C SER H 22 8.46 -58.63 11.90
N GLN H 23 9.31 -57.70 11.44
CA GLN H 23 9.31 -56.30 11.84
C GLN H 23 8.21 -55.53 11.10
N PHE H 24 7.50 -54.66 11.80
CA PHE H 24 6.45 -53.83 11.20
C PHE H 24 6.58 -52.40 11.64
N PHE H 25 6.84 -51.51 10.70
CA PHE H 25 7.02 -50.10 11.01
C PHE H 25 5.76 -49.29 11.04
N ILE H 26 5.92 -47.99 11.30
CA ILE H 26 4.80 -47.08 11.41
C ILE H 26 3.88 -47.07 10.17
N GLU H 27 4.47 -47.16 8.98
CA GLU H 27 3.68 -47.17 7.75
C GLU H 27 2.77 -48.37 7.78
N HIS H 28 3.32 -49.54 8.12
CA HIS H 28 2.54 -50.77 8.19
C HIS H 28 1.42 -50.62 9.22
N ILE H 29 1.75 -50.03 10.36
CA ILE H 29 0.78 -49.81 11.42
C ILE H 29 -0.35 -48.90 10.93
N LEU H 30 0.00 -47.81 10.25
CA LEU H 30 -1.00 -46.89 9.72
C LEU H 30 -1.98 -47.62 8.82
N GLN H 31 -1.46 -48.61 8.07
CA GLN H 31 -2.25 -49.39 7.14
C GLN H 31 -3.20 -50.40 7.75
N ILE H 32 -3.10 -50.63 9.06
CA ILE H 32 -3.98 -51.59 9.68
C ILE H 32 -4.89 -50.88 10.67
N LEU H 33 -4.27 -50.24 11.66
CA LEU H 33 -5.04 -49.52 12.67
C LEU H 33 -5.60 -48.26 12.03
N PRO H 34 -6.83 -47.88 12.40
CA PRO H 34 -7.46 -46.68 11.83
C PRO H 34 -7.06 -45.45 12.66
N HIS H 35 -6.44 -45.71 13.81
CA HIS H 35 -6.01 -44.64 14.71
C HIS H 35 -5.05 -43.68 14.04
N ARG H 36 -5.18 -42.42 14.40
CA ARG H 36 -4.31 -41.38 13.86
C ARG H 36 -4.00 -40.46 15.04
N TYR H 37 -3.16 -39.45 14.78
CA TYR H 37 -2.78 -38.49 15.81
C TYR H 37 -4.02 -37.78 16.38
N PRO H 38 -4.05 -37.56 17.72
CA PRO H 38 -3.03 -37.93 18.70
C PRO H 38 -3.39 -39.21 19.48
N MET H 39 -3.99 -40.20 18.83
CA MET H 39 -4.38 -41.44 19.51
C MET H 39 -3.78 -42.73 18.96
N LEU H 40 -2.71 -42.64 18.17
CA LEU H 40 -2.06 -43.85 17.68
C LEU H 40 -0.85 -43.97 18.59
N LEU H 41 -0.98 -44.82 19.60
CA LEU H 41 0.07 -44.99 20.57
C LEU H 41 0.96 -46.22 20.39
N VAL H 42 1.23 -46.59 19.15
CA VAL H 42 2.12 -47.71 18.87
C VAL H 42 3.01 -47.36 17.68
N ASP H 43 4.31 -47.31 17.94
CA ASP H 43 5.27 -46.94 16.91
C ASP H 43 5.90 -48.05 16.10
N ARG H 44 6.03 -49.23 16.67
CA ARG H 44 6.68 -50.33 15.96
C ARG H 44 6.31 -51.70 16.52
N ILE H 45 6.21 -52.68 15.63
CA ILE H 45 5.92 -54.06 16.00
C ILE H 45 7.23 -54.83 15.81
N THR H 46 7.84 -55.30 16.90
CA THR H 46 9.10 -56.02 16.79
C THR H 46 8.97 -57.53 16.79
N GLU H 47 7.78 -58.04 17.08
CA GLU H 47 7.56 -59.48 17.08
C GLU H 47 6.07 -59.74 16.85
N LEU H 48 5.77 -60.70 15.98
CA LEU H 48 4.40 -61.03 15.66
C LEU H 48 4.22 -62.54 15.42
N GLN H 49 3.27 -63.15 16.13
CA GLN H 49 3.00 -64.57 15.99
C GLN H 49 1.49 -64.74 16.00
N ALA H 50 0.91 -64.90 14.82
CA ALA H 50 -0.52 -65.01 14.67
C ALA H 50 -1.19 -65.87 15.73
N ASN H 51 -2.34 -65.41 16.20
CA ASN H 51 -3.11 -66.13 17.20
C ASN H 51 -2.40 -66.39 18.53
N GLN H 52 -1.15 -65.93 18.65
CA GLN H 52 -0.39 -66.14 19.89
C GLN H 52 0.13 -64.86 20.57
N LYS H 53 1.31 -64.38 20.17
CA LYS H 53 1.79 -63.16 20.81
C LYS H 53 2.42 -62.10 19.89
N ILE H 54 2.55 -60.90 20.45
CA ILE H 54 3.13 -59.77 19.75
C ILE H 54 3.89 -58.88 20.71
N VAL H 55 4.96 -58.29 20.21
CA VAL H 55 5.78 -57.37 20.97
C VAL H 55 5.97 -56.14 20.09
N ALA H 56 5.62 -54.98 20.64
CA ALA H 56 5.71 -53.71 19.94
C ALA H 56 6.11 -52.66 20.95
N TYR H 57 6.32 -51.44 20.48
CA TYR H 57 6.67 -50.38 21.39
C TYR H 57 6.30 -48.98 20.90
N LYS H 58 6.34 -48.05 21.84
CA LYS H 58 6.04 -46.68 21.56
C LYS H 58 7.04 -45.87 22.37
N ASN H 59 7.73 -44.95 21.70
CA ASN H 59 8.69 -44.09 22.37
C ASN H 59 7.95 -42.98 23.09
N ILE H 60 8.44 -42.63 24.28
CA ILE H 60 7.84 -41.54 25.05
C ILE H 60 8.83 -40.39 24.98
N THR H 61 8.37 -39.26 24.48
CA THR H 61 9.20 -38.08 24.35
C THR H 61 8.47 -36.95 25.07
N PHE H 62 9.20 -35.92 25.45
CA PHE H 62 8.59 -34.79 26.14
C PHE H 62 7.71 -34.05 25.13
N ASN H 63 8.14 -34.14 23.87
CA ASN H 63 7.48 -33.48 22.76
C ASN H 63 6.13 -34.07 22.39
N GLU H 64 5.28 -34.31 23.38
CA GLU H 64 3.95 -34.86 23.16
C GLU H 64 2.95 -33.98 23.94
N ASP H 65 1.92 -33.51 23.24
CA ASP H 65 0.92 -32.63 23.81
C ASP H 65 0.39 -33.07 25.16
N VAL H 66 0.16 -34.37 25.30
CA VAL H 66 -0.35 -34.93 26.55
C VAL H 66 0.50 -34.54 27.76
N PHE H 67 1.77 -34.20 27.57
CA PHE H 67 2.58 -33.82 28.71
C PHE H 67 2.36 -32.39 29.17
N ASN H 68 1.62 -31.60 28.40
CA ASN H 68 1.34 -30.22 28.81
C ASN H 68 0.43 -30.24 30.05
N GLY H 69 -0.34 -31.31 30.21
CA GLY H 69 -1.25 -31.39 31.35
C GLY H 69 -1.17 -32.58 32.28
N HIS H 70 -0.18 -33.45 32.11
CA HIS H 70 -0.05 -34.62 32.97
C HIS H 70 1.41 -34.93 33.27
N PHE H 71 2.05 -34.12 34.13
CA PHE H 71 1.46 -32.96 34.77
C PHE H 71 2.50 -31.88 34.57
N PRO H 72 2.13 -30.60 34.80
CA PRO H 72 3.12 -29.54 34.63
C PRO H 72 4.32 -29.79 35.54
N ASN H 73 5.53 -29.78 34.99
CA ASN H 73 6.77 -29.99 35.75
C ASN H 73 7.04 -31.44 36.14
N LYS H 74 6.04 -32.29 36.03
CA LYS H 74 6.21 -33.69 36.38
C LYS H 74 5.61 -34.55 35.28
N PRO H 75 6.28 -34.62 34.12
CA PRO H 75 5.80 -35.41 32.98
C PRO H 75 5.71 -36.91 33.21
N ILE H 76 4.48 -37.41 33.24
CA ILE H 76 4.21 -38.84 33.45
C ILE H 76 3.24 -39.34 32.38
N PHE H 77 3.68 -40.27 31.54
CA PHE H 77 2.78 -40.78 30.51
C PHE H 77 1.55 -41.41 31.21
N PRO H 78 0.35 -40.90 30.90
CA PRO H 78 -0.91 -41.37 31.50
C PRO H 78 -1.06 -42.90 31.52
N GLY H 79 -1.34 -43.45 32.71
CA GLY H 79 -1.52 -44.88 32.85
C GLY H 79 -2.53 -45.45 31.87
N VAL H 80 -3.67 -44.79 31.72
CA VAL H 80 -4.71 -45.25 30.81
C VAL H 80 -4.27 -45.29 29.35
N LEU H 81 -3.28 -44.47 28.99
CA LEU H 81 -2.78 -44.46 27.61
C LEU H 81 -1.84 -45.66 27.39
N ILE H 82 -1.27 -46.18 28.48
CA ILE H 82 -0.40 -47.35 28.39
C ILE H 82 -1.30 -48.52 28.02
N VAL H 83 -2.47 -48.58 28.66
CA VAL H 83 -3.46 -49.61 28.42
C VAL H 83 -3.90 -49.54 26.97
N GLU H 84 -4.20 -48.33 26.52
CA GLU H 84 -4.64 -48.08 25.17
C GLU H 84 -3.57 -48.53 24.20
N GLY H 85 -2.31 -48.28 24.56
CA GLY H 85 -1.20 -48.70 23.72
C GLY H 85 -1.21 -50.21 23.61
N MET H 86 -1.41 -50.87 24.74
CA MET H 86 -1.48 -52.32 24.79
C MET H 86 -2.69 -52.78 23.98
N ALA H 87 -3.81 -52.07 24.10
CA ALA H 87 -5.02 -52.45 23.37
C ALA H 87 -4.80 -52.37 21.86
N GLN H 88 -4.06 -51.37 21.41
CA GLN H 88 -3.81 -51.20 19.98
C GLN H 88 -2.88 -52.27 19.44
N SER H 89 -1.88 -52.64 20.22
CA SER H 89 -0.96 -53.70 19.79
C SER H 89 -1.77 -54.98 19.67
N GLY H 90 -2.64 -55.20 20.66
CA GLY H 90 -3.47 -56.37 20.65
C GLY H 90 -4.34 -56.31 19.42
N GLY H 91 -4.90 -55.14 19.16
CA GLY H 91 -5.74 -54.96 18.00
C GLY H 91 -5.00 -55.35 16.73
N PHE H 92 -3.72 -54.99 16.65
CA PHE H 92 -2.91 -55.33 15.49
C PHE H 92 -2.78 -56.84 15.41
N LEU H 93 -2.26 -57.44 16.49
CA LEU H 93 -2.09 -58.89 16.59
C LEU H 93 -3.41 -59.49 16.17
N ALA H 94 -4.48 -59.00 16.77
CA ALA H 94 -5.82 -59.48 16.47
C ALA H 94 -6.05 -59.55 14.98
N PHE H 95 -6.22 -58.38 14.37
CA PHE H 95 -6.50 -58.29 12.94
C PHE H 95 -5.61 -59.14 12.04
N THR H 96 -4.33 -58.84 12.03
CA THR H 96 -3.41 -59.55 11.17
C THR H 96 -3.45 -61.06 11.44
N SER H 97 -3.96 -61.45 12.60
CA SER H 97 -4.06 -62.86 12.93
C SER H 97 -5.20 -63.44 12.09
N LEU H 98 -6.30 -62.72 12.03
CA LEU H 98 -7.42 -63.20 11.24
C LEU H 98 -7.15 -63.08 9.75
N TRP H 99 -6.76 -61.88 9.30
CA TRP H 99 -6.54 -61.62 7.88
C TRP H 99 -5.13 -61.42 7.32
N GLY H 100 -4.12 -61.42 8.17
CA GLY H 100 -2.78 -61.21 7.67
C GLY H 100 -2.70 -59.76 7.22
N PHE H 101 -1.49 -59.28 6.98
CA PHE H 101 -1.28 -57.90 6.58
C PHE H 101 -2.12 -57.50 5.37
N ASP H 102 -3.39 -57.21 5.61
CA ASP H 102 -4.32 -56.83 4.55
C ASP H 102 -4.88 -55.42 4.71
N PRO H 103 -4.18 -54.41 4.19
CA PRO H 103 -4.60 -53.01 4.29
C PRO H 103 -6.04 -52.66 3.85
N GLU H 104 -6.50 -53.25 2.74
CA GLU H 104 -7.83 -52.92 2.23
C GLU H 104 -9.00 -53.48 3.02
N ILE H 105 -8.90 -54.74 3.44
CA ILE H 105 -9.97 -55.35 4.24
C ILE H 105 -9.99 -54.70 5.62
N ALA H 106 -8.86 -54.09 5.98
CA ALA H 106 -8.72 -53.41 7.27
C ALA H 106 -9.31 -52.01 7.19
N LYS H 107 -9.12 -51.36 6.04
CA LYS H 107 -9.62 -50.00 5.86
C LYS H 107 -11.11 -49.91 6.15
N THR H 108 -11.75 -51.06 6.33
CA THR H 108 -13.18 -51.09 6.64
C THR H 108 -13.40 -51.04 8.15
N LYS H 109 -12.87 -52.06 8.83
CA LYS H 109 -13.00 -52.24 10.26
C LYS H 109 -12.36 -51.25 11.23
N ILE H 110 -12.62 -51.53 12.51
CA ILE H 110 -12.11 -50.79 13.66
C ILE H 110 -12.12 -51.92 14.70
N VAL H 111 -11.75 -51.61 15.94
CA VAL H 111 -11.81 -52.62 16.99
C VAL H 111 -12.51 -52.00 18.17
N ALA H 112 -13.37 -52.78 18.81
CA ALA H 112 -14.10 -52.27 19.96
C ALA H 112 -13.43 -52.66 21.25
N PHE H 113 -13.32 -51.67 22.14
CA PHE H 113 -12.75 -51.86 23.46
C PHE H 113 -13.98 -52.30 24.25
N MET H 114 -14.02 -53.58 24.65
CA MET H 114 -15.17 -54.08 25.38
C MET H 114 -15.04 -54.06 26.89
N THR H 115 -13.90 -54.54 27.38
CA THR H 115 -13.66 -54.60 28.81
C THR H 115 -12.18 -54.52 29.09
N ILE H 116 -11.85 -54.03 30.28
CA ILE H 116 -10.48 -53.93 30.72
C ILE H 116 -10.48 -54.57 32.11
N ASP H 117 -9.47 -55.38 32.39
CA ASP H 117 -9.38 -56.07 33.68
C ASP H 117 -7.99 -56.29 34.24
N LYS H 118 -7.95 -56.39 35.55
CA LYS H 118 -6.71 -56.68 36.26
C LYS H 118 -5.57 -55.79 35.81
N VAL H 119 -5.82 -54.50 35.66
CA VAL H 119 -4.75 -53.62 35.24
C VAL H 119 -4.07 -53.11 36.50
N LYS H 120 -2.75 -53.10 36.45
CA LYS H 120 -1.95 -52.68 37.58
C LYS H 120 -0.75 -51.90 37.04
N PHE H 121 -0.45 -50.77 37.68
CA PHE H 121 0.67 -49.94 37.26
C PHE H 121 1.72 -50.01 38.38
N ARG H 122 2.93 -50.46 38.04
CA ARG H 122 3.97 -50.58 39.05
C ARG H 122 4.97 -49.46 39.03
N ILE H 123 5.41 -49.08 37.84
CA ILE H 123 6.41 -48.03 37.71
C ILE H 123 5.98 -46.95 36.71
N PRO H 124 6.18 -45.68 37.07
CA PRO H 124 5.81 -44.56 36.21
C PRO H 124 6.62 -44.46 34.92
N VAL H 125 5.93 -44.16 33.83
CA VAL H 125 6.53 -44.02 32.51
C VAL H 125 6.79 -42.54 32.30
N THR H 126 7.97 -42.22 31.76
CA THR H 126 8.32 -40.82 31.54
C THR H 126 9.12 -40.62 30.25
N PRO H 127 9.36 -39.35 29.87
CA PRO H 127 10.11 -39.04 28.66
C PRO H 127 11.49 -39.71 28.69
N GLY H 128 11.80 -40.44 27.63
CA GLY H 128 13.06 -41.14 27.54
C GLY H 128 12.90 -42.65 27.63
N ASP H 129 11.66 -43.10 27.84
CA ASP H 129 11.40 -44.53 27.95
C ASP H 129 10.85 -45.16 26.66
N ARG H 130 11.24 -46.41 26.44
CA ARG H 130 10.80 -47.19 25.31
C ARG H 130 9.71 -48.10 25.89
N LEU H 131 8.47 -47.64 25.85
CA LEU H 131 7.31 -48.36 26.37
C LEU H 131 7.04 -49.56 25.47
N GLU H 132 7.57 -50.70 25.89
CA GLU H 132 7.48 -51.97 25.18
C GLU H 132 6.25 -52.79 25.62
N TYR H 133 5.35 -53.07 24.68
CA TYR H 133 4.12 -53.81 24.94
C TYR H 133 4.25 -55.33 24.70
N HIS H 134 3.90 -56.13 25.70
CA HIS H 134 3.99 -57.58 25.58
C HIS H 134 2.62 -58.20 25.77
N LEU H 135 2.05 -58.69 24.68
CA LEU H 135 0.73 -59.30 24.74
C LEU H 135 0.70 -60.66 24.08
N GLU H 136 -0.26 -61.46 24.51
CA GLU H 136 -0.45 -62.79 23.98
C GLU H 136 -1.96 -62.94 23.96
N VAL H 137 -2.46 -63.77 23.05
CA VAL H 137 -3.89 -64.02 23.00
C VAL H 137 -4.15 -65.04 24.11
N LEU H 138 -5.31 -64.95 24.75
CA LEU H 138 -5.65 -65.89 25.82
C LEU H 138 -6.93 -66.62 25.40
N LYS H 139 -7.69 -66.02 24.50
CA LYS H 139 -8.94 -66.60 24.02
C LYS H 139 -9.67 -65.67 23.03
N HIS H 140 -10.59 -66.27 22.25
CA HIS H 140 -11.44 -65.57 21.27
C HIS H 140 -12.51 -66.51 20.66
N LYS H 141 -13.54 -65.91 20.06
CA LYS H 141 -14.63 -66.66 19.43
C LYS H 141 -14.46 -66.48 17.94
N GLY H 142 -13.71 -65.43 17.57
CA GLY H 142 -13.47 -65.17 16.16
C GLY H 142 -13.33 -63.68 15.90
N MET H 143 -14.46 -62.97 15.91
CA MET H 143 -14.46 -61.54 15.66
C MET H 143 -14.41 -60.75 16.98
N ILE H 144 -13.94 -61.42 18.02
CA ILE H 144 -13.81 -60.81 19.34
C ILE H 144 -12.68 -61.56 20.01
N TRP H 145 -11.68 -60.81 20.47
CA TRP H 145 -10.50 -61.41 21.07
C TRP H 145 -10.25 -60.99 22.51
N GLN H 146 -9.42 -61.78 23.19
CA GLN H 146 -9.11 -61.53 24.58
C GLN H 146 -7.62 -61.73 24.77
N VAL H 147 -6.92 -60.63 25.04
CA VAL H 147 -5.47 -60.65 25.25
C VAL H 147 -5.12 -60.17 26.64
N GLY H 148 -3.85 -60.38 26.98
CA GLY H 148 -3.37 -59.96 28.28
C GLY H 148 -1.86 -59.83 28.17
N GLY H 149 -1.27 -59.05 29.05
CA GLY H 149 0.17 -58.88 29.01
C GLY H 149 0.67 -57.78 29.93
N THR H 150 1.85 -57.29 29.61
CA THR H 150 2.48 -56.24 30.38
C THR H 150 3.07 -55.19 29.45
N ALA H 151 3.47 -54.07 30.03
CA ALA H 151 4.12 -52.99 29.30
C ALA H 151 5.46 -53.02 30.00
N GLN H 152 6.54 -52.76 29.26
CA GLN H 152 7.87 -52.83 29.84
C GLN H 152 8.84 -51.74 29.39
N VAL H 153 9.68 -51.34 30.31
CA VAL H 153 10.69 -50.34 30.04
C VAL H 153 11.96 -50.95 30.57
N ASP H 154 13.01 -50.97 29.75
CA ASP H 154 14.28 -51.53 30.14
C ASP H 154 14.05 -52.93 30.71
N GLY H 155 13.32 -53.75 29.97
CA GLY H 155 13.06 -55.11 30.43
C GLY H 155 12.40 -55.27 31.80
N LYS H 156 11.90 -54.19 32.38
CA LYS H 156 11.26 -54.27 33.70
C LYS H 156 9.76 -53.96 33.63
N VAL H 157 8.95 -54.90 34.12
CA VAL H 157 7.50 -54.77 34.10
C VAL H 157 7.00 -53.46 34.70
N VAL H 158 6.49 -52.60 33.82
CA VAL H 158 5.98 -51.30 34.21
C VAL H 158 4.47 -51.30 34.44
N ALA H 159 3.76 -52.20 33.75
CA ALA H 159 2.32 -52.28 33.89
C ALA H 159 1.73 -53.64 33.48
N GLU H 160 0.51 -53.91 33.95
CA GLU H 160 -0.17 -55.16 33.65
C GLU H 160 -1.57 -54.89 33.15
N ALA H 161 -2.09 -55.79 32.32
CA ALA H 161 -3.44 -55.63 31.81
C ALA H 161 -3.97 -56.84 31.08
N GLU H 162 -5.29 -56.94 31.08
CA GLU H 162 -6.00 -57.98 30.36
C GLU H 162 -7.19 -57.24 29.78
N LEU H 163 -7.54 -57.52 28.54
CA LEU H 163 -8.69 -56.85 27.95
C LEU H 163 -9.25 -57.63 26.79
N LYS H 164 -10.46 -57.27 26.40
CA LYS H 164 -11.18 -57.94 25.32
C LYS H 164 -11.66 -56.94 24.27
N ALA H 165 -11.58 -57.33 23.00
CA ALA H 165 -12.00 -56.46 21.90
C ALA H 165 -12.76 -57.22 20.81
N MET H 166 -13.46 -56.48 19.91
CA MET H 166 -14.26 -57.08 18.83
C MET H 166 -13.86 -56.66 17.39
N ILE H 167 -14.61 -57.16 16.40
CA ILE H 167 -14.39 -56.90 14.97
C ILE H 167 -15.14 -55.63 14.44
N ALA H 168 -14.90 -54.48 15.04
CA ALA H 168 -15.61 -53.25 14.63
C ALA H 168 -15.60 -53.02 13.12
N GLU H 169 -16.63 -52.31 12.61
CA GLU H 169 -16.78 -52.05 11.17
C GLU H 169 -17.10 -50.61 10.75
N LEU I 20 28.38 -32.31 40.03
CA LEU I 20 27.77 -32.25 38.67
C LEU I 20 27.70 -33.68 38.09
N GLN I 21 26.54 -34.32 38.21
CA GLN I 21 26.33 -35.69 37.70
C GLN I 21 26.73 -35.83 36.22
N SER I 22 26.70 -37.05 35.73
CA SER I 22 27.04 -37.36 34.33
C SER I 22 25.77 -37.74 33.55
N GLN I 23 24.67 -37.99 34.28
CA GLN I 23 23.39 -38.34 33.65
C GLN I 23 22.25 -37.54 34.24
N PHE I 24 21.48 -36.88 33.38
CA PHE I 24 20.33 -36.08 33.83
C PHE I 24 19.06 -36.61 33.18
N PHE I 25 17.92 -36.31 33.78
CA PHE I 25 16.65 -36.74 33.24
C PHE I 25 15.85 -35.51 32.76
N ILE I 26 14.73 -35.74 32.09
CA ILE I 26 13.89 -34.65 31.59
C ILE I 26 13.57 -33.65 32.70
N GLU I 27 13.77 -34.07 33.94
CA GLU I 27 13.51 -33.23 35.11
C GLU I 27 14.62 -32.18 35.18
N HIS I 28 15.86 -32.65 35.19
CA HIS I 28 17.03 -31.79 35.25
C HIS I 28 17.14 -30.94 33.99
N ILE I 29 16.69 -31.48 32.86
CA ILE I 29 16.77 -30.71 31.62
C ILE I 29 15.78 -29.52 31.64
N LEU I 30 14.61 -29.77 32.23
CA LEU I 30 13.59 -28.73 32.35
C LEU I 30 14.10 -27.61 33.24
N GLN I 31 15.07 -27.93 34.10
CA GLN I 31 15.62 -26.94 35.01
C GLN I 31 16.80 -26.18 34.44
N ILE I 32 17.34 -26.62 33.32
CA ILE I 32 18.47 -25.91 32.75
C ILE I 32 18.15 -25.19 31.45
N LEU I 33 17.48 -25.87 30.53
CA LEU I 33 17.13 -25.24 29.27
C LEU I 33 15.83 -24.42 29.40
N PRO I 34 15.71 -23.31 28.68
CA PRO I 34 14.48 -22.53 28.78
C PRO I 34 13.44 -23.11 27.82
N HIS I 35 13.90 -23.91 26.85
CA HIS I 35 13.03 -24.53 25.86
C HIS I 35 11.87 -25.31 26.50
N ARG I 36 10.73 -25.30 25.83
CA ARG I 36 9.54 -26.00 26.30
C ARG I 36 8.76 -26.48 25.09
N TYR I 37 7.71 -27.24 25.33
CA TYR I 37 6.88 -27.78 24.25
C TYR I 37 6.39 -26.67 23.34
N PRO I 38 6.41 -26.90 22.01
CA PRO I 38 6.85 -28.13 21.34
C PRO I 38 8.25 -27.94 20.78
N MET I 39 9.09 -27.21 21.50
CA MET I 39 10.46 -26.97 21.06
C MET I 39 11.53 -27.48 22.01
N LEU I 40 11.19 -28.37 22.95
CA LEU I 40 12.22 -28.94 23.83
C LEU I 40 12.48 -30.31 23.21
N LEU I 41 13.62 -30.43 22.53
CA LEU I 41 13.95 -31.67 21.84
C LEU I 41 15.05 -32.54 22.46
N VAL I 42 15.15 -32.56 23.78
CA VAL I 42 16.14 -33.39 24.46
C VAL I 42 15.45 -34.07 25.65
N ASP I 43 15.31 -35.37 25.55
CA ASP I 43 14.65 -36.17 26.59
C ASP I 43 15.49 -36.67 27.75
N ARG I 44 16.72 -37.07 27.46
CA ARG I 44 17.59 -37.59 28.52
C ARG I 44 19.06 -37.41 28.18
N ILE I 45 19.88 -37.18 29.20
CA ILE I 45 21.30 -37.00 28.99
C ILE I 45 22.04 -38.20 29.58
N THR I 46 22.56 -39.05 28.70
CA THR I 46 23.25 -40.26 29.13
C THR I 46 24.65 -40.07 29.73
N GLU I 47 25.44 -39.13 29.20
CA GLU I 47 26.77 -38.90 29.74
C GLU I 47 27.18 -37.46 29.54
N LEU I 48 27.88 -36.91 30.53
CA LEU I 48 28.34 -35.54 30.46
C LEU I 48 29.72 -35.37 31.08
N GLN I 49 30.58 -34.65 30.36
CA GLN I 49 31.93 -34.39 30.78
C GLN I 49 32.12 -32.89 30.55
N ALA I 50 32.17 -32.11 31.63
CA ALA I 50 32.33 -30.66 31.53
C ALA I 50 33.34 -30.29 30.42
N ASN I 51 33.13 -29.13 29.81
CA ASN I 51 33.97 -28.62 28.71
C ASN I 51 34.44 -29.68 27.73
N GLN I 52 33.85 -30.85 27.77
CA GLN I 52 34.26 -31.93 26.87
C GLN I 52 33.17 -32.36 25.89
N LYS I 53 32.47 -33.43 26.22
CA LYS I 53 31.43 -33.93 25.35
C LYS I 53 30.18 -34.34 26.11
N ILE I 54 29.10 -34.45 25.38
CA ILE I 54 27.84 -34.84 25.98
C ILE I 54 27.17 -35.79 25.02
N VAL I 55 26.32 -36.63 25.58
CA VAL I 55 25.57 -37.57 24.78
C VAL I 55 24.19 -37.60 25.41
N ALA I 56 23.20 -37.15 24.64
CA ALA I 56 21.83 -37.12 25.09
C ALA I 56 21.01 -37.62 23.93
N TYR I 57 19.71 -37.75 24.13
CA TYR I 57 18.88 -38.22 23.06
C TYR I 57 17.44 -37.80 23.24
N LYS I 58 16.70 -37.88 22.15
CA LYS I 58 15.30 -37.55 22.14
C LYS I 58 14.61 -38.74 21.52
N ASN I 59 13.55 -39.23 22.15
CA ASN I 59 12.82 -40.33 21.56
C ASN I 59 11.95 -39.71 20.46
N ILE I 60 11.83 -40.39 19.32
CA ILE I 60 10.97 -39.90 18.24
C ILE I 60 9.77 -40.83 18.16
N THR I 61 8.58 -40.27 18.31
CA THR I 61 7.37 -41.09 18.27
C THR I 61 6.37 -40.51 17.27
N PHE I 62 5.38 -41.30 16.89
CA PHE I 62 4.38 -40.82 15.95
C PHE I 62 3.52 -39.75 16.63
N ASN I 63 3.37 -39.88 17.94
CA ASN I 63 2.55 -38.98 18.74
C ASN I 63 3.08 -37.55 18.90
N GLU I 64 3.80 -37.06 17.92
CA GLU I 64 4.31 -35.70 17.95
C GLU I 64 3.58 -34.92 16.87
N ASP I 65 3.15 -33.71 17.20
CA ASP I 65 2.39 -32.87 16.28
C ASP I 65 3.12 -32.58 14.97
N VAL I 66 4.44 -32.43 15.04
CA VAL I 66 5.22 -32.13 13.86
C VAL I 66 4.98 -33.09 12.70
N PHE I 67 4.67 -34.35 13.00
CA PHE I 67 4.44 -35.33 11.95
C PHE I 67 3.13 -35.14 11.17
N ASN I 68 2.25 -34.26 11.65
CA ASN I 68 1.00 -34.03 10.94
C ASN I 68 1.28 -33.43 9.58
N GLY I 69 2.39 -32.70 9.47
CA GLY I 69 2.73 -32.07 8.22
C GLY I 69 4.13 -32.32 7.65
N HIS I 70 4.81 -33.35 8.12
CA HIS I 70 6.14 -33.62 7.61
C HIS I 70 6.43 -35.12 7.68
N PHE I 71 5.83 -35.92 6.80
CA PHE I 71 4.91 -35.49 5.75
C PHE I 71 3.66 -36.35 5.88
N PRO I 72 2.53 -35.92 5.30
CA PRO I 72 1.30 -36.73 5.39
C PRO I 72 1.54 -38.14 4.83
N ASN I 73 1.44 -39.17 5.67
CA ASN I 73 1.67 -40.57 5.25
C ASN I 73 3.13 -40.89 4.90
N LYS I 74 4.06 -40.35 5.68
CA LYS I 74 5.49 -40.58 5.52
C LYS I 74 6.20 -39.65 6.50
N PRO I 75 6.04 -39.91 7.80
CA PRO I 75 6.66 -39.12 8.86
C PRO I 75 8.19 -39.18 8.91
N ILE I 76 8.83 -38.03 8.68
CA ILE I 76 10.28 -37.90 8.70
C ILE I 76 10.62 -36.76 9.67
N PHE I 77 11.41 -37.04 10.71
CA PHE I 77 11.78 -36.01 11.65
C PHE I 77 12.61 -34.98 10.89
N PRO I 78 12.17 -33.71 10.88
CA PRO I 78 12.85 -32.61 10.19
C PRO I 78 14.34 -32.51 10.48
N GLY I 79 15.15 -32.54 9.43
CA GLY I 79 16.57 -32.44 9.61
C GLY I 79 16.93 -31.26 10.50
N VAL I 80 16.37 -30.09 10.21
CA VAL I 80 16.65 -28.91 11.01
C VAL I 80 16.31 -29.14 12.49
N LEU I 81 15.34 -30.01 12.76
CA LEU I 81 14.98 -30.28 14.16
C LEU I 81 16.00 -31.24 14.78
N ILE I 82 16.78 -31.89 13.93
CA ILE I 82 17.82 -32.79 14.41
C ILE I 82 18.94 -31.87 14.90
N VAL I 83 19.23 -30.86 14.07
CA VAL I 83 20.25 -29.88 14.38
C VAL I 83 19.89 -29.17 15.68
N GLU I 84 18.63 -28.77 15.79
CA GLU I 84 18.13 -28.07 16.98
C GLU I 84 18.39 -28.89 18.25
N GLY I 85 18.10 -30.19 18.19
CA GLY I 85 18.31 -31.05 19.34
C GLY I 85 19.79 -31.08 19.70
N MET I 86 20.64 -31.13 18.68
CA MET I 86 22.08 -31.14 18.89
C MET I 86 22.49 -29.82 19.55
N ALA I 87 21.90 -28.73 19.07
CA ALA I 87 22.20 -27.42 19.61
C ALA I 87 21.77 -27.29 21.07
N GLN I 88 20.67 -27.93 21.43
CA GLN I 88 20.18 -27.87 22.81
C GLN I 88 21.07 -28.72 23.68
N SER I 89 21.45 -29.88 23.15
CA SER I 89 22.33 -30.78 23.88
C SER I 89 23.62 -30.02 24.15
N GLY I 90 24.09 -29.34 23.10
CA GLY I 90 25.31 -28.56 23.19
C GLY I 90 25.16 -27.45 24.21
N GLY I 91 23.99 -26.81 24.22
CA GLY I 91 23.73 -25.74 25.16
C GLY I 91 23.64 -26.21 26.60
N PHE I 92 23.18 -27.43 26.82
CA PHE I 92 23.09 -27.95 28.19
C PHE I 92 24.51 -28.17 28.68
N LEU I 93 25.39 -28.49 27.75
CA LEU I 93 26.80 -28.74 28.05
C LEU I 93 27.48 -27.39 28.29
N ALA I 94 27.25 -26.47 27.36
CA ALA I 94 27.84 -25.13 27.47
C ALA I 94 27.43 -24.51 28.79
N PHE I 95 26.21 -24.81 29.24
CA PHE I 95 25.74 -24.26 30.52
C PHE I 95 26.36 -24.92 31.75
N THR I 96 26.12 -26.22 31.92
CA THR I 96 26.66 -26.96 33.06
C THR I 96 28.20 -26.92 33.10
N SER I 97 28.83 -26.60 31.98
CA SER I 97 30.29 -26.51 31.95
C SER I 97 30.71 -25.27 32.72
N LEU I 98 30.05 -24.15 32.44
CA LEU I 98 30.33 -22.91 33.13
C LEU I 98 29.79 -23.02 34.58
N TRP I 99 28.57 -22.54 34.77
CA TRP I 99 27.90 -22.51 36.08
C TRP I 99 27.57 -23.79 36.86
N GLY I 100 27.75 -24.96 36.27
CA GLY I 100 27.41 -26.18 37.01
C GLY I 100 25.89 -26.35 37.00
N PHE I 101 25.36 -27.37 37.68
CA PHE I 101 23.90 -27.56 37.70
C PHE I 101 23.27 -26.47 38.55
N ASP I 102 23.05 -25.32 37.94
CA ASP I 102 22.50 -24.17 38.64
C ASP I 102 21.17 -23.64 38.11
N PRO I 103 20.04 -24.15 38.66
CA PRO I 103 18.68 -23.74 38.25
C PRO I 103 18.42 -22.23 38.34
N GLU I 104 18.88 -21.60 39.41
CA GLU I 104 18.69 -20.17 39.57
C GLU I 104 19.33 -19.43 38.40
N ILE I 105 20.64 -19.60 38.25
CA ILE I 105 21.39 -18.93 37.18
C ILE I 105 20.79 -19.24 35.81
N ALA I 106 20.51 -20.51 35.54
CA ALA I 106 19.90 -20.90 34.27
C ALA I 106 18.59 -20.15 34.06
N LYS I 107 17.81 -20.02 35.13
CA LYS I 107 16.51 -19.33 35.05
C LYS I 107 16.63 -18.00 34.29
N THR I 108 17.69 -17.25 34.57
CA THR I 108 17.92 -15.97 33.92
C THR I 108 18.84 -16.27 32.73
N LYS I 109 18.28 -16.67 31.59
CA LYS I 109 19.14 -16.96 30.44
C LYS I 109 18.41 -17.50 29.22
N ILE I 110 19.17 -17.72 28.15
CA ILE I 110 18.63 -18.22 26.88
C ILE I 110 19.87 -18.61 26.06
N VAL I 111 19.71 -19.32 24.95
CA VAL I 111 20.92 -19.71 24.22
C VAL I 111 20.83 -19.77 22.71
N ALA I 112 20.59 -18.62 22.10
CA ALA I 112 20.49 -18.54 20.64
C ALA I 112 21.86 -18.86 20.03
N PHE I 113 21.86 -19.65 18.95
CA PHE I 113 23.11 -19.97 18.30
C PHE I 113 23.23 -19.14 17.05
N MET I 114 24.44 -18.62 16.85
CA MET I 114 24.76 -17.74 15.74
C MET I 114 25.17 -18.36 14.42
N THR I 115 25.62 -19.61 14.43
CA THR I 115 26.02 -20.24 13.18
C THR I 115 25.86 -21.76 13.19
N ILE I 116 25.84 -22.33 12.00
CA ILE I 116 25.75 -23.78 11.82
C ILE I 116 26.56 -24.01 10.55
N ASP I 117 27.39 -25.05 10.54
CA ASP I 117 28.21 -25.34 9.37
C ASP I 117 28.48 -26.82 9.16
N LYS I 118 28.67 -27.17 7.89
CA LYS I 118 28.96 -28.53 7.53
C LYS I 118 27.90 -29.49 8.06
N VAL I 119 26.65 -29.17 7.78
CA VAL I 119 25.54 -30.02 8.22
C VAL I 119 25.30 -31.05 7.12
N LYS I 120 25.13 -32.31 7.50
CA LYS I 120 24.89 -33.37 6.52
C LYS I 120 23.84 -34.36 7.01
N PHE I 121 22.88 -34.66 6.15
CA PHE I 121 21.83 -35.59 6.52
C PHE I 121 22.05 -36.88 5.74
N ARG I 122 22.43 -37.92 6.47
CA ARG I 122 22.74 -39.20 5.87
C ARG I 122 21.59 -40.22 5.86
N ILE I 123 20.77 -40.23 6.91
CA ILE I 123 19.67 -41.18 6.98
C ILE I 123 18.47 -40.53 7.62
N PRO I 124 17.29 -40.75 7.04
CA PRO I 124 16.09 -40.15 7.62
C PRO I 124 15.70 -40.78 8.96
N VAL I 125 15.26 -39.93 9.88
CA VAL I 125 14.83 -40.36 11.21
C VAL I 125 13.31 -40.52 11.21
N THR I 126 12.81 -41.62 11.78
CA THR I 126 11.39 -41.88 11.80
C THR I 126 10.86 -42.30 13.16
N PRO I 127 9.53 -42.31 13.31
CA PRO I 127 8.92 -42.72 14.57
C PRO I 127 9.46 -44.07 14.99
N GLY I 128 9.90 -44.17 16.24
CA GLY I 128 10.43 -45.42 16.72
C GLY I 128 11.95 -45.41 16.90
N ASP I 129 12.60 -44.39 16.34
CA ASP I 129 14.05 -44.27 16.46
C ASP I 129 14.41 -43.57 17.76
N ARG I 130 15.60 -43.86 18.26
CA ARG I 130 16.12 -43.23 19.46
C ARG I 130 17.16 -42.29 18.84
N LEU I 131 16.89 -40.98 18.84
CA LEU I 131 17.82 -40.04 18.22
C LEU I 131 18.85 -39.52 19.23
N GLU I 132 20.07 -40.06 19.16
CA GLU I 132 21.13 -39.66 20.09
C GLU I 132 22.02 -38.56 19.54
N TYR I 133 22.26 -37.56 20.36
CA TYR I 133 23.10 -36.46 19.96
C TYR I 133 24.48 -36.65 20.57
N HIS I 134 25.52 -36.57 19.73
CA HIS I 134 26.91 -36.72 20.16
C HIS I 134 27.65 -35.44 19.86
N LEU I 135 27.80 -34.59 20.87
CA LEU I 135 28.51 -33.33 20.68
C LEU I 135 29.79 -33.28 21.48
N GLU I 136 30.75 -32.54 20.93
CA GLU I 136 32.08 -32.31 21.51
C GLU I 136 32.28 -30.81 21.42
N VAL I 137 32.97 -30.25 22.40
CA VAL I 137 33.22 -28.82 22.45
C VAL I 137 34.49 -28.41 21.70
N LEU I 138 34.50 -28.61 20.39
CA LEU I 138 35.66 -28.27 19.57
C LEU I 138 36.42 -27.04 20.07
N LYS I 139 35.70 -25.93 20.26
CA LYS I 139 36.29 -24.69 20.73
C LYS I 139 35.35 -23.87 21.60
N HIS I 140 35.79 -23.53 22.80
CA HIS I 140 34.96 -22.76 23.71
C HIS I 140 35.69 -21.55 24.30
N LYS I 141 35.08 -20.38 24.15
CA LYS I 141 35.61 -19.09 24.61
C LYS I 141 34.89 -18.54 25.86
N GLY I 142 34.26 -17.37 25.75
CA GLY I 142 33.55 -16.80 26.88
C GLY I 142 32.20 -17.47 26.98
N MET I 143 31.14 -16.70 26.73
CA MET I 143 29.79 -17.23 26.76
C MET I 143 29.46 -17.87 25.40
N ILE I 144 30.39 -17.73 24.45
CA ILE I 144 30.23 -18.28 23.10
C ILE I 144 30.87 -19.64 23.01
N TRP I 145 30.15 -20.59 22.42
CA TRP I 145 30.66 -21.96 22.32
C TRP I 145 30.56 -22.56 20.93
N GLN I 146 31.62 -23.26 20.56
CA GLN I 146 31.71 -23.90 19.27
C GLN I 146 31.58 -25.38 19.58
N VAL I 147 30.50 -26.00 19.10
CA VAL I 147 30.26 -27.41 19.35
C VAL I 147 30.04 -28.15 18.04
N GLY I 148 30.39 -29.44 18.04
CA GLY I 148 30.25 -30.25 16.84
C GLY I 148 30.11 -31.72 17.16
N GLY I 149 29.49 -32.45 16.22
CA GLY I 149 29.29 -33.86 16.40
C GLY I 149 28.26 -34.44 15.44
N THR I 150 27.57 -35.49 15.89
CA THR I 150 26.57 -36.15 15.06
C THR I 150 25.29 -36.51 15.82
N ALA I 151 24.37 -37.13 15.09
CA ALA I 151 23.11 -37.61 15.62
C ALA I 151 23.09 -39.05 15.12
N GLN I 152 22.78 -39.99 16.00
CA GLN I 152 22.81 -41.40 15.62
C GLN I 152 21.60 -42.22 16.03
N VAL I 153 21.33 -43.27 15.27
CA VAL I 153 20.23 -44.19 15.51
C VAL I 153 20.82 -45.59 15.35
N ASP I 154 20.87 -46.37 16.44
CA ASP I 154 21.48 -47.71 16.44
C ASP I 154 22.94 -47.61 15.98
N GLY I 155 23.74 -46.86 16.73
CA GLY I 155 25.15 -46.69 16.40
C GLY I 155 25.43 -46.31 14.95
N LYS I 156 24.55 -45.53 14.34
CA LYS I 156 24.77 -45.10 12.97
C LYS I 156 24.53 -43.61 12.79
N VAL I 157 25.52 -42.93 12.20
CA VAL I 157 25.42 -41.49 11.98
C VAL I 157 24.35 -41.16 10.97
N VAL I 158 23.32 -40.46 11.42
CA VAL I 158 22.25 -40.07 10.51
C VAL I 158 22.44 -38.60 10.16
N ALA I 159 23.28 -37.92 10.93
CA ALA I 159 23.55 -36.53 10.65
C ALA I 159 24.80 -36.02 11.35
N GLU I 160 25.39 -34.98 10.76
CA GLU I 160 26.56 -34.34 11.33
C GLU I 160 26.42 -32.83 11.16
N ALA I 161 26.90 -32.07 12.14
CA ALA I 161 26.83 -30.63 12.10
C ALA I 161 27.78 -29.90 13.05
N GLU I 162 28.15 -28.68 12.67
CA GLU I 162 29.01 -27.85 13.49
C GLU I 162 28.16 -26.63 13.79
N LEU I 163 28.16 -26.22 15.04
CA LEU I 163 27.35 -25.06 15.39
C LEU I 163 28.01 -24.21 16.47
N LYS I 164 27.52 -22.97 16.60
CA LYS I 164 28.04 -22.03 17.59
C LYS I 164 26.90 -21.22 18.18
N ALA I 165 26.87 -21.11 19.50
CA ALA I 165 25.80 -20.37 20.18
C ALA I 165 26.34 -19.58 21.38
N MET I 166 25.66 -18.48 21.71
CA MET I 166 26.07 -17.69 22.86
C MET I 166 25.13 -17.95 24.03
N ILE I 167 25.64 -17.80 25.25
CA ILE I 167 24.80 -17.98 26.43
C ILE I 167 24.25 -16.58 26.75
N ALA I 168 23.15 -16.23 26.11
CA ALA I 168 22.53 -14.92 26.28
C ALA I 168 21.79 -14.62 27.59
N GLU I 169 20.96 -13.57 27.54
CA GLU I 169 20.17 -13.08 28.69
C GLU I 169 18.71 -12.89 28.24
N ARG I 170 17.81 -12.60 29.20
CA ARG I 170 16.41 -12.43 28.82
C ARG I 170 15.97 -10.98 28.53
N GLU I 171 15.46 -10.27 29.53
CA GLU I 171 15.03 -8.89 29.31
C GLU I 171 16.14 -8.07 28.63
N LEU J 20 4.66 -19.45 -17.05
CA LEU J 20 5.08 -19.85 -15.68
C LEU J 20 5.18 -18.63 -14.78
N GLN J 21 4.04 -18.01 -14.47
CA GLN J 21 3.99 -16.79 -13.63
C GLN J 21 5.08 -16.64 -12.56
N SER J 22 5.17 -15.46 -11.96
CA SER J 22 6.19 -15.18 -10.96
C SER J 22 5.70 -14.92 -9.54
N GLN J 23 4.40 -14.79 -9.36
CA GLN J 23 3.88 -14.53 -8.03
C GLN J 23 2.92 -15.64 -7.65
N PHE J 24 3.19 -16.31 -6.54
CA PHE J 24 2.32 -17.40 -6.13
C PHE J 24 1.86 -17.24 -4.70
N PHE J 25 0.59 -17.56 -4.48
CA PHE J 25 0.00 -17.47 -3.15
C PHE J 25 -0.06 -18.83 -2.49
N ILE J 26 -0.48 -18.84 -1.24
CA ILE J 26 -0.55 -20.06 -0.45
C ILE J 26 -1.13 -21.33 -1.13
N GLU J 27 -2.16 -21.16 -1.96
CA GLU J 27 -2.76 -22.31 -2.65
C GLU J 27 -1.80 -22.91 -3.66
N HIS J 28 -1.00 -22.06 -4.31
CA HIS J 28 0.00 -22.50 -5.28
C HIS J 28 1.12 -23.27 -4.57
N ILE J 29 1.63 -22.67 -3.50
CA ILE J 29 2.68 -23.25 -2.69
C ILE J 29 2.25 -24.63 -2.21
N LEU J 30 0.98 -24.71 -1.77
CA LEU J 30 0.38 -25.95 -1.29
C LEU J 30 0.34 -27.02 -2.38
N GLN J 31 0.29 -26.60 -3.63
CA GLN J 31 0.23 -27.55 -4.74
C GLN J 31 1.59 -28.07 -5.17
N ILE J 32 2.66 -27.39 -4.79
CA ILE J 32 4.00 -27.82 -5.16
C ILE J 32 4.72 -28.51 -4.03
N LEU J 33 4.81 -27.83 -2.89
CA LEU J 33 5.48 -28.38 -1.73
C LEU J 33 4.58 -29.38 -1.02
N PRO J 34 5.16 -30.47 -0.50
CA PRO J 34 4.43 -31.51 0.23
C PRO J 34 4.25 -31.13 1.68
N HIS J 35 5.09 -30.21 2.16
CA HIS J 35 5.02 -29.78 3.54
C HIS J 35 3.62 -29.29 3.92
N ARG J 36 3.22 -29.59 5.15
CA ARG J 36 1.93 -29.16 5.66
C ARG J 36 2.13 -28.71 7.09
N TYR J 37 1.07 -28.16 7.69
CA TYR J 37 1.11 -27.67 9.06
C TYR J 37 1.55 -28.78 9.99
N PRO J 38 2.40 -28.48 10.99
CA PRO J 38 2.98 -27.17 11.33
C PRO J 38 4.41 -27.08 10.77
N MET J 39 4.57 -27.46 9.51
CA MET J 39 5.87 -27.46 8.87
C MET J 39 5.98 -26.79 7.50
N LEU J 40 4.90 -26.14 7.05
CA LEU J 40 4.98 -25.40 5.78
C LEU J 40 5.31 -23.97 6.24
N LEU J 41 6.54 -23.55 5.97
CA LEU J 41 7.00 -22.24 6.43
C LEU J 41 7.23 -21.16 5.39
N VAL J 42 6.38 -21.12 4.37
CA VAL J 42 6.45 -20.11 3.33
C VAL J 42 5.01 -19.80 3.00
N ASP J 43 4.62 -18.54 3.12
CA ASP J 43 3.24 -18.15 2.87
C ASP J 43 2.96 -17.64 1.46
N ARG J 44 3.93 -16.94 0.89
CA ARG J 44 3.76 -16.34 -0.43
C ARG J 44 5.07 -16.29 -1.23
N ILE J 45 4.95 -16.30 -2.55
CA ILE J 45 6.09 -16.19 -3.46
C ILE J 45 5.91 -14.86 -4.22
N THR J 46 6.68 -13.84 -3.87
CA THR J 46 6.54 -12.55 -4.53
C THR J 46 7.30 -12.39 -5.86
N GLU J 47 8.37 -13.17 -6.05
CA GLU J 47 9.19 -13.07 -7.26
C GLU J 47 9.80 -14.43 -7.61
N LEU J 48 9.93 -14.74 -8.90
CA LEU J 48 10.49 -16.03 -9.30
C LEU J 48 11.07 -15.99 -10.72
N GLN J 49 12.36 -16.33 -10.82
CA GLN J 49 13.05 -16.38 -12.12
C GLN J 49 13.50 -17.83 -12.22
N ALA J 50 12.88 -18.60 -13.09
CA ALA J 50 13.27 -20.00 -13.20
C ALA J 50 14.77 -20.23 -13.35
N ASN J 51 15.29 -21.13 -12.52
CA ASN J 51 16.70 -21.48 -12.58
C ASN J 51 17.64 -20.34 -12.20
N GLN J 52 17.13 -19.30 -11.53
CA GLN J 52 18.02 -18.20 -11.14
C GLN J 52 17.78 -17.73 -9.72
N LYS J 53 16.61 -17.13 -9.47
CA LYS J 53 16.31 -16.69 -8.12
C LYS J 53 14.85 -16.80 -7.75
N ILE J 54 14.59 -16.63 -6.45
CA ILE J 54 13.24 -16.73 -5.90
C ILE J 54 13.11 -15.86 -4.65
N VAL J 55 12.06 -15.05 -4.59
CA VAL J 55 11.82 -14.22 -3.42
C VAL J 55 10.47 -14.62 -2.81
N ALA J 56 10.47 -14.96 -1.53
CA ALA J 56 9.24 -15.36 -0.88
C ALA J 56 9.31 -14.92 0.57
N TYR J 57 8.21 -15.04 1.30
CA TYR J 57 8.24 -14.68 2.71
C TYR J 57 7.27 -15.52 3.53
N LYS J 58 7.38 -15.41 4.85
CA LYS J 58 6.53 -16.13 5.77
C LYS J 58 6.26 -15.16 6.91
N ASN J 59 4.99 -14.93 7.24
CA ASN J 59 4.67 -14.02 8.32
C ASN J 59 4.85 -14.69 9.66
N ILE J 60 5.38 -13.93 10.61
CA ILE J 60 5.58 -14.43 11.95
C ILE J 60 4.56 -13.74 12.84
N THR J 61 3.82 -14.54 13.60
CA THR J 61 2.79 -14.03 14.49
C THR J 61 2.84 -14.82 15.80
N PHE J 62 2.39 -14.21 16.90
CA PHE J 62 2.40 -14.92 18.19
C PHE J 62 1.56 -16.18 18.13
N ASN J 63 0.52 -16.17 17.30
CA ASN J 63 -0.40 -17.31 17.16
C ASN J 63 0.17 -18.58 16.49
N GLU J 64 1.40 -18.94 16.84
CA GLU J 64 2.05 -20.13 16.29
C GLU J 64 2.47 -21.01 17.46
N ASP J 65 2.10 -22.30 17.41
CA ASP J 65 2.40 -23.27 18.47
C ASP J 65 3.86 -23.20 18.94
N VAL J 66 4.77 -23.10 17.98
CA VAL J 66 6.19 -23.01 18.24
C VAL J 66 6.58 -22.06 19.39
N PHE J 67 5.88 -20.94 19.51
CA PHE J 67 6.18 -19.95 20.54
C PHE J 67 5.83 -20.34 21.98
N ASN J 68 5.03 -21.39 22.15
CA ASN J 68 4.70 -21.84 23.51
C ASN J 68 5.95 -22.38 24.21
N GLY J 69 6.97 -22.74 23.45
CA GLY J 69 8.18 -23.26 24.04
C GLY J 69 9.49 -22.62 23.60
N HIS J 70 9.43 -21.63 22.72
CA HIS J 70 10.65 -20.98 22.24
C HIS J 70 10.47 -19.46 22.05
N PHE J 71 10.46 -18.70 23.14
CA PHE J 71 10.60 -19.19 24.51
C PHE J 71 9.46 -18.56 25.33
N PRO J 72 9.05 -19.22 26.43
CA PRO J 72 7.98 -18.64 27.24
C PRO J 72 8.31 -17.18 27.58
N ASN J 73 7.43 -16.26 27.19
CA ASN J 73 7.64 -14.83 27.45
C ASN J 73 8.95 -14.35 26.85
N LYS J 74 9.12 -14.66 25.57
CA LYS J 74 10.30 -14.27 24.83
C LYS J 74 10.13 -14.97 23.49
N PRO J 75 9.08 -14.62 22.75
CA PRO J 75 8.87 -15.25 21.45
C PRO J 75 9.96 -14.94 20.44
N ILE J 76 10.69 -15.96 20.04
CA ILE J 76 11.75 -15.81 19.05
C ILE J 76 11.59 -16.94 18.05
N PHE J 77 11.31 -16.60 16.80
CA PHE J 77 11.14 -17.60 15.75
C PHE J 77 12.45 -18.40 15.65
N PRO J 78 12.38 -19.74 15.86
CA PRO J 78 13.58 -20.58 15.78
C PRO J 78 14.43 -20.43 14.54
N GLY J 79 15.72 -20.18 14.78
CA GLY J 79 16.67 -20.02 13.69
C GLY J 79 16.59 -21.14 12.69
N VAL J 80 16.58 -22.39 13.17
CA VAL J 80 16.52 -23.54 12.30
C VAL J 80 15.27 -23.54 11.46
N LEU J 81 14.24 -22.86 11.92
CA LEU J 81 13.01 -22.81 11.15
C LEU J 81 13.13 -21.80 10.01
N ILE J 82 13.93 -20.76 10.22
CA ILE J 82 14.16 -19.77 9.18
C ILE J 82 14.90 -20.51 8.06
N VAL J 83 15.91 -21.31 8.44
CA VAL J 83 16.69 -22.10 7.49
C VAL J 83 15.75 -23.02 6.70
N GLU J 84 14.90 -23.72 7.44
CA GLU J 84 13.95 -24.64 6.83
C GLU J 84 13.08 -23.86 5.83
N GLY J 85 12.78 -22.60 6.15
CA GLY J 85 11.96 -21.80 5.28
C GLY J 85 12.68 -21.46 3.98
N MET J 86 14.00 -21.37 4.06
CA MET J 86 14.80 -21.06 2.89
C MET J 86 14.86 -22.27 1.98
N ALA J 87 15.02 -23.45 2.57
CA ALA J 87 15.09 -24.67 1.79
C ALA J 87 13.78 -24.90 1.03
N GLN J 88 12.67 -24.73 1.71
CA GLN J 88 11.37 -24.91 1.08
C GLN J 88 11.31 -23.99 -0.12
N SER J 89 11.69 -22.73 0.09
CA SER J 89 11.70 -21.75 -0.98
C SER J 89 12.63 -22.23 -2.09
N GLY J 90 13.80 -22.74 -1.73
CA GLY J 90 14.69 -23.26 -2.75
C GLY J 90 13.98 -24.39 -3.48
N GLY J 91 13.26 -25.20 -2.70
CA GLY J 91 12.52 -26.31 -3.26
C GLY J 91 11.55 -25.84 -4.31
N PHE J 92 10.74 -24.84 -3.98
CA PHE J 92 9.77 -24.31 -4.94
C PHE J 92 10.49 -23.91 -6.22
N LEU J 93 11.65 -23.28 -6.05
CA LEU J 93 12.47 -22.83 -7.18
C LEU J 93 12.98 -24.00 -8.00
N ALA J 94 13.58 -24.99 -7.35
CA ALA J 94 14.13 -26.14 -8.05
C ALA J 94 13.06 -26.89 -8.85
N PHE J 95 11.92 -27.14 -8.21
CA PHE J 95 10.85 -27.85 -8.88
C PHE J 95 10.33 -27.15 -10.13
N THR J 96 9.85 -25.92 -9.98
CA THR J 96 9.31 -25.17 -11.10
C THR J 96 10.36 -25.08 -12.22
N SER J 97 11.61 -24.84 -11.85
CA SER J 97 12.66 -24.76 -12.85
C SER J 97 12.76 -26.07 -13.63
N LEU J 98 12.43 -27.16 -12.96
CA LEU J 98 12.51 -28.45 -13.60
C LEU J 98 11.29 -28.84 -14.42
N TRP J 99 10.10 -28.70 -13.85
CA TRP J 99 8.87 -29.08 -14.54
C TRP J 99 7.89 -27.94 -14.77
N GLY J 100 8.28 -26.72 -14.43
CA GLY J 100 7.36 -25.61 -14.59
C GLY J 100 6.37 -25.74 -13.47
N PHE J 101 5.33 -24.92 -13.43
CA PHE J 101 4.36 -25.07 -12.36
C PHE J 101 3.50 -26.29 -12.66
N ASP J 102 3.96 -27.46 -12.22
CA ASP J 102 3.21 -28.69 -12.47
C ASP J 102 2.76 -29.43 -11.20
N PRO J 103 1.56 -29.12 -10.69
CA PRO J 103 1.02 -29.74 -9.48
C PRO J 103 0.90 -31.27 -9.56
N GLU J 104 0.62 -31.80 -10.75
CA GLU J 104 0.50 -33.25 -10.89
C GLU J 104 1.82 -33.96 -10.62
N ILE J 105 2.89 -33.55 -11.31
CA ILE J 105 4.21 -34.15 -11.11
C ILE J 105 4.63 -33.90 -9.68
N ALA J 106 4.21 -32.76 -9.12
CA ALA J 106 4.55 -32.41 -7.75
C ALA J 106 4.07 -33.44 -6.72
N LYS J 107 2.85 -33.93 -6.89
CA LYS J 107 2.28 -34.94 -5.98
C LYS J 107 3.31 -36.03 -5.68
N THR J 108 3.96 -36.50 -6.73
CA THR J 108 4.95 -37.58 -6.62
C THR J 108 6.25 -37.23 -5.88
N LYS J 109 6.92 -36.17 -6.34
CA LYS J 109 8.20 -35.74 -5.76
C LYS J 109 8.16 -35.27 -4.30
N ILE J 110 9.31 -35.33 -3.63
CA ILE J 110 9.49 -34.94 -2.23
C ILE J 110 10.82 -34.16 -2.15
N VAL J 111 10.99 -33.31 -1.14
CA VAL J 111 12.22 -32.51 -1.04
C VAL J 111 13.27 -33.09 -0.09
N ALA J 112 14.43 -33.42 -0.65
CA ALA J 112 15.50 -34.00 0.14
C ALA J 112 16.62 -33.06 0.56
N PHE J 113 16.55 -32.66 1.83
CA PHE J 113 17.51 -31.80 2.54
C PHE J 113 18.81 -32.62 2.65
N MET J 114 19.85 -32.31 1.86
CA MET J 114 21.08 -33.09 2.01
C MET J 114 22.06 -32.44 2.95
N THR J 115 22.42 -31.20 2.64
CA THR J 115 23.37 -30.47 3.47
C THR J 115 23.04 -29.00 3.61
N ILE J 116 23.46 -28.42 4.74
CA ILE J 116 23.26 -27.01 5.03
C ILE J 116 24.63 -26.46 5.45
N ASP J 117 24.98 -25.26 4.98
CA ASP J 117 26.28 -24.67 5.30
C ASP J 117 26.29 -23.14 5.22
N LYS J 118 27.29 -22.53 5.87
CA LYS J 118 27.46 -21.07 5.91
C LYS J 118 26.26 -20.38 6.55
N VAL J 119 25.67 -21.02 7.54
CA VAL J 119 24.52 -20.46 8.21
C VAL J 119 24.90 -19.47 9.30
N LYS J 120 24.49 -18.23 9.13
CA LYS J 120 24.74 -17.20 10.12
C LYS J 120 23.45 -16.47 10.43
N PHE J 121 23.21 -16.26 11.72
CA PHE J 121 22.03 -15.55 12.21
C PHE J 121 22.50 -14.23 12.77
N ARG J 122 22.15 -13.14 12.08
CA ARG J 122 22.56 -11.80 12.49
C ARG J 122 21.55 -11.09 13.40
N ILE J 123 20.28 -11.47 13.30
CA ILE J 123 19.26 -10.79 14.11
C ILE J 123 18.10 -11.72 14.47
N PRO J 124 17.61 -11.64 15.71
CA PRO J 124 16.51 -12.51 16.10
C PRO J 124 15.21 -12.05 15.44
N VAL J 125 14.42 -13.01 15.00
CA VAL J 125 13.15 -12.75 14.34
C VAL J 125 12.01 -13.01 15.34
N THR J 126 11.12 -12.04 15.48
CA THR J 126 10.04 -12.15 16.43
C THR J 126 8.67 -11.89 15.82
N PRO J 127 7.58 -12.12 16.59
CA PRO J 127 6.21 -11.92 16.14
C PRO J 127 5.96 -10.48 15.66
N GLY J 128 5.53 -10.35 14.40
CA GLY J 128 5.28 -9.05 13.83
C GLY J 128 6.17 -8.81 12.61
N ASP J 129 7.25 -9.57 12.51
CA ASP J 129 8.21 -9.48 11.39
C ASP J 129 7.67 -10.21 10.17
N ARG J 130 8.18 -9.82 9.01
CA ARG J 130 7.80 -10.43 7.73
C ARG J 130 9.07 -11.13 7.24
N LEU J 131 9.31 -12.34 7.73
CA LEU J 131 10.49 -13.14 7.39
C LEU J 131 10.59 -13.40 5.89
N GLU J 132 11.50 -12.67 5.26
CA GLU J 132 11.70 -12.72 3.82
C GLU J 132 12.86 -13.60 3.33
N TYR J 133 12.55 -14.55 2.44
CA TYR J 133 13.53 -15.48 1.90
C TYR J 133 14.07 -15.07 0.52
N HIS J 134 15.39 -14.97 0.41
CA HIS J 134 16.04 -14.61 -0.86
C HIS J 134 17.00 -15.74 -1.20
N LEU J 135 16.63 -16.57 -2.18
CA LEU J 135 17.45 -17.69 -2.58
C LEU J 135 17.91 -17.57 -4.01
N GLU J 136 19.11 -18.06 -4.25
CA GLU J 136 19.72 -18.00 -5.56
C GLU J 136 20.24 -19.37 -5.98
N VAL J 137 20.05 -19.68 -7.24
CA VAL J 137 20.52 -20.95 -7.77
C VAL J 137 22.04 -20.90 -7.85
N LEU J 138 22.71 -21.32 -6.78
CA LEU J 138 24.17 -21.34 -6.74
C LEU J 138 24.74 -22.30 -7.75
N LYS J 139 24.12 -23.45 -7.90
CA LYS J 139 24.59 -24.46 -8.84
C LYS J 139 23.59 -25.62 -8.84
N HIS J 140 23.44 -26.29 -9.99
CA HIS J 140 22.51 -27.41 -10.09
C HIS J 140 22.91 -28.37 -11.22
N LYS J 141 22.67 -29.65 -11.03
CA LYS J 141 23.01 -30.66 -12.02
C LYS J 141 21.77 -31.34 -12.64
N GLY J 142 21.04 -32.08 -11.81
CA GLY J 142 19.85 -32.73 -12.28
C GLY J 142 18.75 -32.43 -11.29
N MET J 143 18.66 -33.26 -10.27
CA MET J 143 17.67 -33.07 -9.23
C MET J 143 18.40 -32.47 -8.04
N ILE J 144 19.73 -32.35 -8.16
CA ILE J 144 20.57 -31.80 -7.10
C ILE J 144 20.80 -30.30 -7.30
N TRP J 145 20.23 -29.51 -6.40
CA TRP J 145 20.36 -28.06 -6.47
C TRP J 145 21.02 -27.47 -5.24
N GLN J 146 21.88 -26.48 -5.48
CA GLN J 146 22.57 -25.78 -4.40
C GLN J 146 22.03 -24.35 -4.42
N VAL J 147 21.36 -23.93 -3.35
CA VAL J 147 20.84 -22.59 -3.32
C VAL J 147 21.56 -21.79 -2.26
N GLY J 148 21.66 -20.48 -2.50
CA GLY J 148 22.31 -19.62 -1.55
C GLY J 148 21.54 -18.34 -1.46
N GLY J 149 21.51 -17.77 -0.26
CA GLY J 149 20.78 -16.53 -0.10
C GLY J 149 20.74 -16.05 1.33
N THR J 150 19.72 -15.24 1.61
CA THR J 150 19.56 -14.65 2.92
C THR J 150 18.10 -14.54 3.35
N ALA J 151 17.91 -14.32 4.65
CA ALA J 151 16.60 -14.12 5.25
C ALA J 151 16.59 -12.65 5.66
N GLN J 152 15.54 -11.92 5.30
CA GLN J 152 15.47 -10.50 5.62
C GLN J 152 14.20 -10.00 6.29
N VAL J 153 14.38 -9.01 7.14
CA VAL J 153 13.27 -8.38 7.82
C VAL J 153 13.51 -6.89 7.67
N ASP J 154 12.56 -6.17 7.08
CA ASP J 154 12.71 -4.73 6.91
C ASP J 154 13.93 -4.37 6.08
N GLY J 155 14.31 -5.24 5.15
CA GLY J 155 15.47 -4.97 4.33
C GLY J 155 16.78 -5.31 5.04
N LYS J 156 16.74 -5.47 6.36
CA LYS J 156 17.94 -5.79 7.12
C LYS J 156 18.14 -7.30 7.19
N VAL J 157 19.20 -7.82 6.56
CA VAL J 157 19.46 -9.26 6.60
C VAL J 157 19.48 -9.74 8.04
N VAL J 158 18.75 -10.82 8.34
CA VAL J 158 18.68 -11.35 9.68
C VAL J 158 19.30 -12.76 9.71
N ALA J 159 19.45 -13.33 8.54
CA ALA J 159 20.04 -14.65 8.42
C ALA J 159 20.52 -14.88 7.00
N GLU J 160 21.52 -15.75 6.87
CA GLU J 160 22.06 -16.11 5.57
C GLU J 160 22.44 -17.58 5.72
N ALA J 161 22.41 -18.31 4.62
CA ALA J 161 22.76 -19.71 4.69
C ALA J 161 22.86 -20.29 3.30
N GLU J 162 23.59 -21.39 3.20
CA GLU J 162 23.75 -22.09 1.94
C GLU J 162 23.10 -23.46 2.12
N LEU J 163 22.41 -23.93 1.10
CA LEU J 163 21.71 -25.20 1.18
C LEU J 163 21.82 -25.95 -0.12
N LYS J 164 21.59 -27.24 -0.03
CA LYS J 164 21.58 -28.10 -1.20
C LYS J 164 20.55 -29.14 -0.88
N ALA J 165 19.75 -29.49 -1.87
CA ALA J 165 18.72 -30.48 -1.68
C ALA J 165 18.57 -31.32 -2.92
N MET J 166 17.53 -32.14 -2.92
CA MET J 166 17.25 -33.02 -4.03
C MET J 166 15.77 -33.31 -4.13
N ILE J 167 15.27 -33.29 -5.36
CA ILE J 167 13.87 -33.59 -5.58
C ILE J 167 13.77 -35.11 -5.73
N ALA J 168 13.21 -35.73 -4.69
CA ALA J 168 13.05 -37.18 -4.64
C ALA J 168 11.64 -37.58 -5.02
N GLU J 169 11.38 -38.88 -4.93
CA GLU J 169 10.07 -39.43 -5.24
C GLU J 169 9.51 -39.77 -3.87
N ARG J 170 8.21 -39.51 -3.65
CA ARG J 170 7.61 -39.78 -2.33
C ARG J 170 7.58 -41.26 -1.97
N GLU J 171 7.48 -42.11 -2.97
CA GLU J 171 7.44 -43.57 -2.75
C GLU J 171 7.69 -44.24 -4.11
N LEU K 20 4.23 6.95 28.35
CA LEU K 20 3.50 6.00 27.46
C LEU K 20 4.09 6.04 26.04
N GLN K 21 5.02 5.13 25.75
CA GLN K 21 5.62 5.08 24.42
C GLN K 21 4.50 4.98 23.40
N SER K 22 4.82 4.98 22.10
CA SER K 22 3.76 4.91 21.08
C SER K 22 3.67 3.58 20.35
N GLN K 23 4.80 2.93 20.13
CA GLN K 23 4.77 1.63 19.48
C GLN K 23 5.13 0.61 20.57
N PHE K 24 4.50 -0.56 20.52
CA PHE K 24 4.77 -1.62 21.51
C PHE K 24 4.97 -2.95 20.79
N PHE K 25 5.89 -3.76 21.30
CA PHE K 25 6.16 -5.05 20.71
C PHE K 25 5.43 -6.15 21.46
N ILE K 26 5.36 -7.32 20.84
CA ILE K 26 4.65 -8.45 21.45
C ILE K 26 4.94 -8.67 22.95
N GLU K 27 6.19 -8.46 23.38
CA GLU K 27 6.53 -8.64 24.79
C GLU K 27 5.70 -7.69 25.67
N HIS K 28 5.53 -6.46 25.21
CA HIS K 28 4.75 -5.48 25.97
C HIS K 28 3.29 -5.91 26.04
N ILE K 29 2.75 -6.26 24.88
CA ILE K 29 1.37 -6.69 24.73
C ILE K 29 1.04 -7.83 25.67
N LEU K 30 1.99 -8.75 25.79
CA LEU K 30 1.89 -9.89 26.67
C LEU K 30 1.72 -9.40 28.10
N GLN K 31 2.45 -8.35 28.46
CA GLN K 31 2.38 -7.80 29.81
C GLN K 31 1.10 -7.02 30.06
N ILE K 32 0.37 -6.70 29.00
CA ILE K 32 -0.84 -5.91 29.17
C ILE K 32 -2.14 -6.65 28.96
N LEU K 33 -2.28 -7.33 27.83
CA LEU K 33 -3.50 -8.07 27.60
C LEU K 33 -3.42 -9.43 28.31
N PRO K 34 -4.57 -9.90 28.83
CA PRO K 34 -4.66 -11.19 29.52
C PRO K 34 -4.68 -12.35 28.54
N HIS K 35 -5.05 -12.08 27.29
CA HIS K 35 -5.10 -13.09 26.24
C HIS K 35 -3.79 -13.86 26.01
N ARG K 36 -3.91 -15.13 25.66
CA ARG K 36 -2.73 -15.94 25.41
C ARG K 36 -3.05 -16.87 24.26
N TYR K 37 -2.06 -17.63 23.81
CA TYR K 37 -2.25 -18.57 22.71
C TYR K 37 -3.38 -19.54 23.08
N PRO K 38 -4.25 -19.88 22.12
CA PRO K 38 -4.27 -19.44 20.72
C PRO K 38 -5.27 -18.29 20.49
N MET K 39 -5.41 -17.42 21.49
CA MET K 39 -6.36 -16.31 21.40
C MET K 39 -5.77 -14.91 21.58
N LEU K 40 -4.48 -14.75 21.28
CA LEU K 40 -3.85 -13.44 21.36
C LEU K 40 -3.61 -13.10 19.91
N LEU K 41 -4.49 -12.27 19.37
CA LEU K 41 -4.44 -11.90 17.98
C LEU K 41 -3.91 -10.50 17.62
N VAL K 42 -2.90 -10.04 18.36
CA VAL K 42 -2.26 -8.75 18.09
C VAL K 42 -0.76 -8.91 18.34
N ASP K 43 0.03 -8.74 17.29
CA ASP K 43 1.48 -8.89 17.37
C ASP K 43 2.24 -7.63 17.69
N ARG K 44 1.74 -6.49 17.22
CA ARG K 44 2.44 -5.24 17.43
C ARG K 44 1.51 -4.01 17.37
N ILE K 45 1.83 -2.98 18.15
CA ILE K 45 1.04 -1.73 18.16
C ILE K 45 1.87 -0.69 17.42
N THR K 46 1.39 -0.18 16.29
CA THR K 46 2.19 0.81 15.56
C THR K 46 1.95 2.26 15.97
N GLU K 47 0.75 2.54 16.46
CA GLU K 47 0.44 3.88 16.89
C GLU K 47 -0.61 3.85 17.99
N LEU K 48 -0.49 4.77 18.95
CA LEU K 48 -1.44 4.82 20.05
C LEU K 48 -1.53 6.18 20.74
N GLN K 49 -2.76 6.68 20.85
CA GLN K 49 -3.05 7.95 21.51
C GLN K 49 -3.97 7.64 22.65
N ALA K 50 -3.50 7.83 23.88
CA ALA K 50 -4.34 7.53 25.03
C ALA K 50 -5.74 8.11 24.84
N ASN K 51 -6.74 7.31 25.14
CA ASN K 51 -8.16 7.68 25.05
C ASN K 51 -8.73 8.09 23.70
N GLN K 52 -7.95 8.02 22.63
CA GLN K 52 -8.48 8.43 21.34
C GLN K 52 -8.42 7.39 20.22
N LYS K 53 -7.22 6.87 19.93
CA LYS K 53 -7.11 5.88 18.88
C LYS K 53 -5.90 4.96 19.02
N ILE K 54 -5.95 3.83 18.31
CA ILE K 54 -4.86 2.88 18.31
C ILE K 54 -4.78 2.23 16.93
N VAL K 55 -3.56 1.94 16.50
CA VAL K 55 -3.33 1.27 15.24
C VAL K 55 -2.32 0.17 15.57
N ALA K 56 -2.69 -1.06 15.25
CA ALA K 56 -1.86 -2.23 15.53
C ALA K 56 -2.04 -3.24 14.40
N TYR K 57 -1.32 -4.35 14.47
CA TYR K 57 -1.48 -5.37 13.45
C TYR K 57 -1.12 -6.76 13.91
N LYS K 58 -1.64 -7.72 13.16
CA LYS K 58 -1.42 -9.13 13.40
C LYS K 58 -1.10 -9.76 12.06
N ASN K 59 0.00 -10.52 12.02
CA ASN K 59 0.37 -11.19 10.79
C ASN K 59 -0.46 -12.45 10.63
N ILE K 60 -0.71 -12.81 9.37
CA ILE K 60 -1.45 -14.00 9.08
C ILE K 60 -0.50 -14.92 8.34
N THR K 61 -0.26 -16.10 8.91
CA THR K 61 0.62 -17.10 8.32
C THR K 61 -0.15 -18.41 8.20
N PHE K 62 0.20 -19.23 7.22
CA PHE K 62 -0.45 -20.53 7.07
C PHE K 62 -0.20 -21.35 8.35
N ASN K 63 0.98 -21.18 8.95
CA ASN K 63 1.36 -21.92 10.16
C ASN K 63 0.55 -21.62 11.45
N GLU K 64 -0.77 -21.53 11.31
CA GLU K 64 -1.66 -21.29 12.43
C GLU K 64 -2.65 -22.44 12.48
N ASP K 65 -2.85 -22.99 13.68
CA ASP K 65 -3.76 -24.12 13.87
C ASP K 65 -5.16 -23.88 13.31
N VAL K 66 -5.69 -22.67 13.52
CA VAL K 66 -7.02 -22.32 13.03
C VAL K 66 -7.22 -22.60 11.53
N PHE K 67 -6.14 -22.56 10.76
CA PHE K 67 -6.24 -22.81 9.32
C PHE K 67 -6.48 -24.26 8.91
N ASN K 68 -6.31 -25.18 9.86
CA ASN K 68 -6.55 -26.58 9.57
C ASN K 68 -8.02 -26.81 9.28
N GLY K 69 -8.88 -26.01 9.91
CA GLY K 69 -10.30 -26.17 9.69
C GLY K 69 -11.07 -25.03 9.05
N HIS K 70 -10.40 -23.97 8.63
CA HIS K 70 -11.11 -22.83 8.02
C HIS K 70 -10.41 -22.24 6.78
N PHE K 71 -10.44 -22.94 5.65
CA PHE K 71 -11.05 -24.26 5.49
C PHE K 71 -10.00 -25.16 4.84
N PRO K 72 -10.13 -26.49 5.02
CA PRO K 72 -9.15 -27.40 4.42
C PRO K 72 -8.99 -27.12 2.93
N ASN K 73 -7.75 -26.99 2.48
CA ASN K 73 -7.45 -26.70 1.07
C ASN K 73 -7.95 -25.31 0.64
N LYS K 74 -8.16 -24.41 1.59
CA LYS K 74 -8.66 -23.06 1.27
C LYS K 74 -8.58 -22.17 2.52
N PRO K 75 -7.38 -21.71 2.90
CA PRO K 75 -7.19 -20.87 4.08
C PRO K 75 -7.72 -19.43 4.06
N ILE K 76 -8.55 -19.13 5.05
CA ILE K 76 -9.18 -17.83 5.23
C ILE K 76 -9.22 -17.52 6.71
N PHE K 77 -8.59 -16.42 7.13
CA PHE K 77 -8.64 -16.09 8.53
C PHE K 77 -10.09 -15.83 8.90
N PRO K 78 -10.60 -16.53 9.93
CA PRO K 78 -12.00 -16.30 10.30
C PRO K 78 -12.37 -14.83 10.52
N GLY K 79 -13.51 -14.44 9.94
CA GLY K 79 -14.00 -13.08 10.10
C GLY K 79 -14.22 -12.73 11.56
N VAL K 80 -14.82 -13.64 12.33
CA VAL K 80 -15.06 -13.40 13.75
C VAL K 80 -13.77 -13.16 14.53
N LEU K 81 -12.65 -13.71 14.06
CA LEU K 81 -11.38 -13.49 14.74
C LEU K 81 -10.83 -12.11 14.37
N ILE K 82 -11.22 -11.62 13.21
CA ILE K 82 -10.80 -10.28 12.79
C ILE K 82 -11.38 -9.29 13.80
N VAL K 83 -12.64 -9.52 14.18
CA VAL K 83 -13.34 -8.68 15.14
C VAL K 83 -12.73 -8.84 16.54
N GLU K 84 -12.31 -10.06 16.85
CA GLU K 84 -11.69 -10.36 18.13
C GLU K 84 -10.38 -9.59 18.21
N GLY K 85 -9.65 -9.61 17.10
CA GLY K 85 -8.38 -8.89 17.02
C GLY K 85 -8.56 -7.40 17.18
N MET K 86 -9.64 -6.87 16.62
CA MET K 86 -9.92 -5.44 16.73
C MET K 86 -10.24 -5.14 18.18
N ALA K 87 -11.05 -6.00 18.79
CA ALA K 87 -11.40 -5.82 20.19
C ALA K 87 -10.18 -5.92 21.10
N GLN K 88 -9.19 -6.73 20.73
CA GLN K 88 -8.00 -6.85 21.56
C GLN K 88 -7.15 -5.60 21.44
N SER K 89 -7.19 -4.94 20.29
CA SER K 89 -6.41 -3.74 20.12
C SER K 89 -7.05 -2.66 20.99
N GLY K 90 -8.39 -2.67 21.00
CA GLY K 90 -9.12 -1.73 21.81
C GLY K 90 -8.77 -1.99 23.26
N GLY K 91 -8.75 -3.27 23.63
CA GLY K 91 -8.41 -3.63 24.99
C GLY K 91 -7.10 -3.02 25.40
N PHE K 92 -6.08 -3.16 24.56
CA PHE K 92 -4.78 -2.60 24.88
C PHE K 92 -4.92 -1.12 25.11
N LEU K 93 -5.70 -0.47 24.24
CA LEU K 93 -5.95 0.96 24.34
C LEU K 93 -6.61 1.30 25.67
N ALA K 94 -7.71 0.60 25.98
CA ALA K 94 -8.43 0.84 27.23
C ALA K 94 -7.51 0.63 28.43
N PHE K 95 -6.74 -0.46 28.41
CA PHE K 95 -5.81 -0.76 29.51
C PHE K 95 -4.80 0.37 29.73
N THR K 96 -4.05 0.74 28.69
CA THR K 96 -3.05 1.78 28.85
C THR K 96 -3.64 3.15 29.14
N SER K 97 -4.78 3.47 28.55
CA SER K 97 -5.41 4.76 28.77
C SER K 97 -5.83 4.88 30.23
N LEU K 98 -6.37 3.79 30.75
CA LEU K 98 -6.86 3.71 32.12
C LEU K 98 -5.77 3.73 33.20
N TRP K 99 -4.70 2.96 33.00
CA TRP K 99 -3.63 2.88 33.99
C TRP K 99 -2.21 3.02 33.41
N GLY K 100 -2.06 3.51 32.18
CA GLY K 100 -0.72 3.61 31.61
C GLY K 100 -0.14 2.21 31.46
N PHE K 101 1.17 2.10 31.25
CA PHE K 101 1.79 0.80 31.10
C PHE K 101 2.05 0.22 32.49
N ASP K 102 1.14 -0.61 32.97
CA ASP K 102 1.23 -1.18 34.31
C ASP K 102 0.87 -2.67 34.37
N PRO K 103 1.87 -3.54 34.27
CA PRO K 103 1.62 -4.99 34.31
C PRO K 103 0.99 -5.53 35.62
N GLU K 104 1.35 -4.97 36.77
CA GLU K 104 0.80 -5.45 38.03
C GLU K 104 -0.71 -5.26 38.18
N ILE K 105 -1.29 -4.31 37.44
CA ILE K 105 -2.74 -4.10 37.51
C ILE K 105 -3.37 -4.91 36.39
N ALA K 106 -2.73 -4.89 35.23
CA ALA K 106 -3.21 -5.61 34.06
C ALA K 106 -3.42 -7.08 34.42
N LYS K 107 -2.42 -7.65 35.10
CA LYS K 107 -2.42 -9.06 35.53
C LYS K 107 -3.72 -9.52 36.17
N THR K 108 -4.44 -8.57 36.78
CA THR K 108 -5.66 -8.88 37.47
C THR K 108 -6.95 -8.61 36.70
N LYS K 109 -6.86 -8.44 35.38
CA LYS K 109 -8.06 -8.17 34.59
C LYS K 109 -8.28 -9.04 33.35
N ILE K 110 -9.54 -9.16 32.95
CA ILE K 110 -9.92 -9.90 31.74
C ILE K 110 -10.75 -8.92 30.92
N VAL K 111 -11.04 -9.26 29.67
CA VAL K 111 -11.83 -8.38 28.83
C VAL K 111 -13.02 -9.17 28.32
N ALA K 112 -14.22 -8.63 28.54
CA ALA K 112 -15.43 -9.29 28.11
C ALA K 112 -16.13 -8.49 27.03
N PHE K 113 -16.43 -9.13 25.91
CA PHE K 113 -17.13 -8.49 24.79
C PHE K 113 -18.55 -8.17 25.25
N MET K 114 -19.00 -6.94 25.07
CA MET K 114 -20.37 -6.59 25.49
C MET K 114 -21.34 -6.60 24.32
N THR K 115 -21.02 -5.84 23.28
CA THR K 115 -21.87 -5.81 22.10
C THR K 115 -20.99 -5.71 20.86
N ILE K 116 -21.56 -5.99 19.70
CA ILE K 116 -20.85 -5.91 18.44
C ILE K 116 -21.87 -5.34 17.47
N ASP K 117 -21.49 -4.30 16.73
CA ASP K 117 -22.42 -3.70 15.78
C ASP K 117 -21.83 -3.30 14.44
N LYS K 118 -22.70 -3.28 13.44
CA LYS K 118 -22.31 -2.86 12.10
C LYS K 118 -20.95 -3.35 11.62
N VAL K 119 -20.77 -4.67 11.54
CA VAL K 119 -19.51 -5.19 11.04
C VAL K 119 -19.78 -5.67 9.63
N LYS K 120 -18.84 -5.36 8.74
CA LYS K 120 -18.94 -5.74 7.34
C LYS K 120 -17.62 -6.34 6.96
N PHE K 121 -17.67 -7.48 6.27
CA PHE K 121 -16.47 -8.14 5.81
C PHE K 121 -16.40 -7.91 4.30
N ARG K 122 -15.44 -7.10 3.87
CA ARG K 122 -15.32 -6.78 2.45
C ARG K 122 -14.35 -7.68 1.67
N ILE K 123 -13.18 -7.92 2.23
CA ILE K 123 -12.21 -8.78 1.55
C ILE K 123 -11.75 -9.91 2.47
N PRO K 124 -11.64 -11.13 1.93
CA PRO K 124 -11.19 -12.23 2.78
C PRO K 124 -9.70 -12.06 3.12
N VAL K 125 -9.35 -12.42 4.36
CA VAL K 125 -7.97 -12.33 4.85
C VAL K 125 -7.34 -13.72 4.73
N THR K 126 -6.23 -13.80 4.03
CA THR K 126 -5.56 -15.08 3.83
C THR K 126 -4.11 -15.03 4.29
N PRO K 127 -3.46 -16.20 4.37
CA PRO K 127 -2.06 -16.25 4.81
C PRO K 127 -1.20 -15.37 3.91
N GLY K 128 -0.34 -14.57 4.52
CA GLY K 128 0.50 -13.67 3.77
C GLY K 128 0.13 -12.22 4.06
N ASP K 129 -1.15 -11.97 4.35
CA ASP K 129 -1.65 -10.62 4.66
C ASP K 129 -1.15 -10.12 6.01
N ARG K 130 -1.10 -8.80 6.14
CA ARG K 130 -0.72 -8.13 7.38
C ARG K 130 -2.00 -7.46 7.87
N LEU K 131 -2.76 -8.15 8.72
CA LEU K 131 -4.02 -7.65 9.25
C LEU K 131 -3.82 -6.43 10.14
N GLU K 132 -4.29 -5.29 9.65
CA GLU K 132 -4.14 -4.04 10.36
C GLU K 132 -5.43 -3.62 11.05
N TYR K 133 -5.31 -3.32 12.33
CA TYR K 133 -6.44 -2.90 13.14
C TYR K 133 -6.43 -1.38 13.34
N HIS K 134 -7.52 -0.71 13.00
CA HIS K 134 -7.61 0.74 13.17
C HIS K 134 -8.85 1.03 14.00
N LEU K 135 -8.66 1.59 15.19
CA LEU K 135 -9.80 1.89 16.05
C LEU K 135 -9.73 3.24 16.71
N GLU K 136 -10.89 3.87 16.82
CA GLU K 136 -10.99 5.17 17.46
C GLU K 136 -12.01 4.94 18.56
N VAL K 137 -11.84 5.67 19.66
CA VAL K 137 -12.76 5.54 20.78
C VAL K 137 -14.03 6.32 20.49
N LEU K 138 -15.16 5.64 20.59
CA LEU K 138 -16.46 6.25 20.35
C LEU K 138 -17.08 6.75 21.65
N LYS K 139 -16.76 6.08 22.74
CA LYS K 139 -17.27 6.47 24.05
C LYS K 139 -16.66 5.52 25.04
N HIS K 140 -16.48 5.99 26.26
CA HIS K 140 -15.91 5.16 27.31
C HIS K 140 -16.27 5.77 28.67
N LYS K 141 -16.60 4.89 29.62
CA LYS K 141 -16.96 5.30 30.96
C LYS K 141 -16.63 4.17 31.93
N GLY K 142 -15.53 4.35 32.67
CA GLY K 142 -15.09 3.35 33.62
C GLY K 142 -14.44 2.19 32.89
N MET K 143 -14.90 0.98 33.23
CA MET K 143 -14.37 -0.24 32.61
C MET K 143 -14.96 -0.52 31.24
N ILE K 144 -16.09 0.10 30.94
CA ILE K 144 -16.76 -0.09 29.66
C ILE K 144 -16.22 0.85 28.57
N TRP K 145 -15.82 0.27 27.43
CA TRP K 145 -15.26 1.02 26.32
C TRP K 145 -15.88 0.63 24.99
N GLN K 146 -16.31 1.64 24.24
CA GLN K 146 -16.93 1.47 22.95
C GLN K 146 -15.95 1.97 21.87
N VAL K 147 -15.58 1.10 20.94
CA VAL K 147 -14.65 1.47 19.89
C VAL K 147 -15.19 1.06 18.53
N GLY K 148 -14.66 1.71 17.50
CA GLY K 148 -15.08 1.42 16.14
C GLY K 148 -13.95 1.74 15.20
N GLY K 149 -13.95 1.08 14.06
CA GLY K 149 -12.90 1.30 13.09
C GLY K 149 -12.89 0.28 11.98
N THR K 150 -11.69 -0.06 11.50
CA THR K 150 -11.57 -0.98 10.39
C THR K 150 -10.46 -2.02 10.53
N ALA K 151 -10.47 -2.96 9.61
CA ALA K 151 -9.44 -4.00 9.55
C ALA K 151 -8.88 -3.75 8.16
N GLN K 152 -7.57 -3.54 8.06
CA GLN K 152 -6.99 -3.23 6.76
C GLN K 152 -5.82 -4.11 6.35
N VAL K 153 -5.79 -4.49 5.09
CA VAL K 153 -4.69 -5.28 4.54
C VAL K 153 -4.21 -4.44 3.37
N ASP K 154 -2.93 -4.09 3.40
CA ASP K 154 -2.32 -3.26 2.37
C ASP K 154 -3.19 -2.09 1.84
N GLY K 155 -3.63 -1.23 2.76
CA GLY K 155 -4.41 -0.06 2.37
C GLY K 155 -5.90 -0.22 2.14
N LYS K 156 -6.34 -1.42 1.78
CA LYS K 156 -7.75 -1.67 1.52
C LYS K 156 -8.50 -2.03 2.80
N VAL K 157 -9.75 -1.59 2.90
CA VAL K 157 -10.56 -1.89 4.07
C VAL K 157 -11.09 -3.31 3.90
N VAL K 158 -10.50 -4.23 4.67
CA VAL K 158 -10.85 -5.64 4.65
C VAL K 158 -12.14 -5.89 5.43
N ALA K 159 -12.34 -5.12 6.50
CA ALA K 159 -13.55 -5.24 7.33
C ALA K 159 -13.86 -3.98 8.15
N GLU K 160 -15.13 -3.85 8.54
CA GLU K 160 -15.60 -2.73 9.35
C GLU K 160 -16.24 -3.32 10.57
N ALA K 161 -16.14 -2.63 11.69
CA ALA K 161 -16.74 -3.13 12.91
C ALA K 161 -16.85 -2.09 14.01
N GLU K 162 -17.84 -2.30 14.87
CA GLU K 162 -18.13 -1.42 15.99
C GLU K 162 -18.34 -2.41 17.13
N LEU K 163 -17.92 -2.04 18.35
CA LEU K 163 -18.07 -2.93 19.49
C LEU K 163 -17.87 -2.25 20.85
N LYS K 164 -18.47 -2.84 21.87
CA LYS K 164 -18.36 -2.37 23.24
C LYS K 164 -17.80 -3.56 24.03
N ALA K 165 -16.81 -3.30 24.87
CA ALA K 165 -16.20 -4.34 25.67
C ALA K 165 -16.03 -3.85 27.10
N MET K 166 -15.81 -4.79 28.00
CA MET K 166 -15.64 -4.46 29.40
C MET K 166 -14.34 -5.01 29.95
N ILE K 167 -13.73 -4.27 30.88
CA ILE K 167 -12.49 -4.70 31.51
C ILE K 167 -12.92 -5.19 32.87
N ALA K 168 -13.05 -6.50 33.03
CA ALA K 168 -13.48 -7.06 34.29
C ALA K 168 -12.33 -7.57 35.14
N GLU K 169 -12.61 -7.71 36.42
CA GLU K 169 -11.65 -8.21 37.38
C GLU K 169 -11.72 -9.74 37.29
N ARG K 170 -10.56 -10.39 37.10
CA ARG K 170 -10.53 -11.85 37.04
C ARG K 170 -11.17 -12.37 38.33
N GLU K 171 -11.08 -11.55 39.36
CA GLU K 171 -11.65 -11.86 40.68
C GLU K 171 -11.63 -13.35 40.95
N GLN L 21 -34.35 -35.49 7.42
CA GLN L 21 -34.56 -35.72 8.88
C GLN L 21 -34.71 -34.36 9.59
N SER L 22 -34.79 -34.38 10.92
CA SER L 22 -34.91 -33.15 11.68
C SER L 22 -33.79 -33.10 12.73
N GLN L 23 -33.35 -34.27 13.18
CA GLN L 23 -32.26 -34.37 14.15
C GLN L 23 -31.02 -34.82 13.39
N PHE L 24 -29.93 -34.06 13.49
CA PHE L 24 -28.70 -34.44 12.81
C PHE L 24 -27.54 -34.50 13.77
N PHE L 25 -26.71 -35.52 13.63
CA PHE L 25 -25.57 -35.68 14.51
C PHE L 25 -24.25 -35.21 13.89
N ILE L 26 -23.22 -35.16 14.72
CA ILE L 26 -21.91 -34.72 14.27
C ILE L 26 -21.55 -35.36 12.91
N GLU L 27 -21.86 -36.63 12.72
CA GLU L 27 -21.56 -37.29 11.46
C GLU L 27 -22.19 -36.55 10.28
N HIS L 28 -23.47 -36.20 10.40
CA HIS L 28 -24.18 -35.48 9.33
C HIS L 28 -23.63 -34.06 9.12
N ILE L 29 -23.31 -33.38 10.22
CA ILE L 29 -22.78 -32.03 10.19
C ILE L 29 -21.47 -31.95 9.44
N LEU L 30 -20.61 -32.95 9.59
CA LEU L 30 -19.34 -32.98 8.90
C LEU L 30 -19.48 -33.11 7.38
N GLN L 31 -20.61 -33.63 6.94
CA GLN L 31 -20.86 -33.83 5.50
C GLN L 31 -21.49 -32.63 4.82
N ILE L 32 -22.04 -31.74 5.61
CA ILE L 32 -22.71 -30.57 5.08
C ILE L 32 -21.86 -29.32 5.17
N LEU L 33 -21.25 -29.11 6.33
CA LEU L 33 -20.40 -27.96 6.54
C LEU L 33 -18.95 -28.21 6.10
N PRO L 34 -18.31 -27.19 5.55
CA PRO L 34 -16.91 -27.30 5.10
C PRO L 34 -15.96 -27.19 6.28
N HIS L 35 -16.44 -26.59 7.36
CA HIS L 35 -15.66 -26.37 8.58
C HIS L 35 -15.11 -27.65 9.24
N ARG L 36 -13.85 -27.57 9.69
CA ARG L 36 -13.22 -28.69 10.36
C ARG L 36 -12.53 -28.19 11.62
N TYR L 37 -11.95 -29.08 12.39
CA TYR L 37 -11.25 -28.70 13.61
C TYR L 37 -10.09 -27.77 13.25
N PRO L 38 -9.85 -26.73 14.06
CA PRO L 38 -10.58 -26.36 15.28
C PRO L 38 -11.64 -25.27 15.08
N MET L 39 -12.36 -25.32 13.95
CA MET L 39 -13.37 -24.32 13.64
C MET L 39 -14.76 -24.85 13.35
N LEU L 40 -15.04 -26.10 13.72
CA LEU L 40 -16.37 -26.65 13.53
C LEU L 40 -16.96 -26.55 14.92
N LEU L 41 -17.80 -25.53 15.10
CA LEU L 41 -18.39 -25.27 16.40
C LEU L 41 -19.87 -25.60 16.55
N VAL L 42 -20.26 -26.75 15.99
CA VAL L 42 -21.63 -27.23 16.08
C VAL L 42 -21.51 -28.74 16.19
N ASP L 43 -22.11 -29.32 17.23
CA ASP L 43 -22.02 -30.76 17.42
C ASP L 43 -23.23 -31.56 17.07
N ARG L 44 -24.40 -30.92 17.10
CA ARG L 44 -25.62 -31.66 16.83
C ARG L 44 -26.78 -30.71 16.53
N ILE L 45 -27.65 -31.12 15.60
CA ILE L 45 -28.81 -30.34 15.20
C ILE L 45 -30.05 -31.02 15.76
N THR L 46 -30.77 -30.35 16.65
CA THR L 46 -31.95 -30.96 17.26
C THR L 46 -33.30 -30.51 16.66
N GLU L 47 -33.26 -29.57 15.72
CA GLU L 47 -34.51 -29.12 15.11
C GLU L 47 -34.24 -28.34 13.82
N LEU L 48 -34.80 -28.84 12.72
CA LEU L 48 -34.62 -28.22 11.42
C LEU L 48 -35.93 -28.06 10.65
N GLN L 49 -36.16 -26.86 10.13
CA GLN L 49 -37.35 -26.56 9.36
C GLN L 49 -36.90 -25.78 8.13
N ALA L 50 -36.77 -26.47 7.01
CA ALA L 50 -36.31 -25.85 5.78
C ALA L 50 -36.85 -24.45 5.61
N ASN L 51 -35.95 -23.51 5.35
CA ASN L 51 -36.28 -22.11 5.12
C ASN L 51 -36.82 -21.31 6.29
N GLN L 52 -37.01 -21.94 7.44
CA GLN L 52 -37.54 -21.21 8.59
C GLN L 52 -36.58 -21.10 9.76
N LYS L 53 -36.35 -22.21 10.45
CA LYS L 53 -35.48 -22.20 11.59
C LYS L 53 -34.65 -23.46 11.79
N ILE L 54 -33.80 -23.39 12.80
CA ILE L 54 -32.92 -24.48 13.17
C ILE L 54 -32.55 -24.31 14.63
N VAL L 55 -32.51 -25.42 15.34
CA VAL L 55 -32.14 -25.41 16.74
C VAL L 55 -31.03 -26.43 16.79
N ALA L 56 -29.87 -25.99 17.27
CA ALA L 56 -28.68 -26.83 17.37
C ALA L 56 -27.84 -26.38 18.54
N TYR L 57 -26.88 -27.20 18.93
CA TYR L 57 -26.03 -26.83 20.04
C TYR L 57 -24.60 -27.35 19.91
N LYS L 58 -23.76 -26.89 20.81
CA LYS L 58 -22.35 -27.26 20.88
C LYS L 58 -22.01 -27.30 22.37
N ASN L 59 -21.52 -28.44 22.85
CA ASN L 59 -21.14 -28.51 24.24
C ASN L 59 -19.85 -27.72 24.48
N ILE L 60 -19.71 -27.11 25.64
CA ILE L 60 -18.52 -26.36 25.95
C ILE L 60 -17.76 -27.18 26.99
N THR L 61 -16.50 -27.52 26.70
CA THR L 61 -15.71 -28.30 27.65
C THR L 61 -14.36 -27.62 27.86
N PHE L 62 -13.68 -27.94 28.95
CA PHE L 62 -12.39 -27.33 29.21
C PHE L 62 -11.33 -27.89 28.27
N ASN L 63 -11.56 -29.11 27.81
CA ASN L 63 -10.65 -29.78 26.91
C ASN L 63 -10.67 -29.21 25.49
N GLU L 64 -10.63 -27.89 25.37
CA GLU L 64 -10.63 -27.25 24.06
C GLU L 64 -9.41 -26.34 24.04
N ASP L 65 -8.72 -26.28 22.92
CA ASP L 65 -7.53 -25.46 22.80
C ASP L 65 -7.80 -24.00 23.11
N VAL L 66 -8.90 -23.44 22.60
CA VAL L 66 -9.20 -22.04 22.86
C VAL L 66 -9.00 -21.67 24.32
N PHE L 67 -9.36 -22.57 25.22
CA PHE L 67 -9.27 -22.29 26.64
C PHE L 67 -7.91 -22.13 27.26
N ASN L 68 -6.85 -22.39 26.49
CA ASN L 68 -5.51 -22.21 27.01
C ASN L 68 -5.18 -20.74 27.16
N GLY L 69 -5.80 -19.90 26.32
CA GLY L 69 -5.51 -18.49 26.41
C GLY L 69 -6.67 -17.52 26.50
N HIS L 70 -7.85 -18.00 26.88
CA HIS L 70 -9.04 -17.14 26.99
C HIS L 70 -9.99 -17.60 28.10
N PHE L 71 -9.60 -17.40 29.35
CA PHE L 71 -8.34 -16.80 29.70
C PHE L 71 -7.67 -17.75 30.66
N PRO L 72 -6.33 -17.68 30.80
CA PRO L 72 -5.67 -18.59 31.73
C PRO L 72 -6.28 -18.44 33.12
N ASN L 73 -6.55 -19.57 33.77
CA ASN L 73 -7.15 -19.58 35.11
C ASN L 73 -8.48 -18.83 35.17
N LYS L 74 -9.24 -18.90 34.08
CA LYS L 74 -10.55 -18.25 33.98
C LYS L 74 -11.11 -18.52 32.58
N PRO L 75 -11.50 -19.76 32.30
CA PRO L 75 -12.04 -20.13 30.99
C PRO L 75 -13.40 -19.57 30.59
N ILE L 76 -13.39 -18.66 29.62
CA ILE L 76 -14.61 -18.04 29.09
C ILE L 76 -14.66 -18.32 27.59
N PHE L 77 -15.74 -18.92 27.11
CA PHE L 77 -15.86 -19.19 25.67
C PHE L 77 -15.83 -17.84 24.98
N PRO L 78 -15.06 -17.71 23.89
CA PRO L 78 -15.03 -16.41 23.23
C PRO L 78 -16.37 -16.03 22.63
N GLY L 79 -16.82 -14.81 22.92
CA GLY L 79 -18.08 -14.33 22.38
C GLY L 79 -18.11 -14.40 20.86
N VAL L 80 -17.05 -13.96 20.20
CA VAL L 80 -17.01 -14.02 18.75
C VAL L 80 -17.22 -15.44 18.25
N LEU L 81 -16.88 -16.43 19.07
CA LEU L 81 -17.04 -17.84 18.69
C LEU L 81 -18.48 -18.31 18.86
N ILE L 82 -19.20 -17.69 19.79
CA ILE L 82 -20.61 -18.00 20.00
C ILE L 82 -21.28 -17.59 18.69
N VAL L 83 -20.89 -16.42 18.22
CA VAL L 83 -21.42 -15.87 16.99
C VAL L 83 -21.09 -16.77 15.81
N GLU L 84 -19.89 -17.35 15.83
CA GLU L 84 -19.45 -18.24 14.75
C GLU L 84 -20.30 -19.50 14.75
N GLY L 85 -20.67 -19.96 15.93
CA GLY L 85 -21.51 -21.15 16.04
C GLY L 85 -22.91 -20.92 15.50
N MET L 86 -23.40 -19.70 15.65
CA MET L 86 -24.73 -19.32 15.15
C MET L 86 -24.72 -19.22 13.62
N ALA L 87 -23.59 -18.81 13.07
CA ALA L 87 -23.46 -18.71 11.63
C ALA L 87 -23.37 -20.11 11.02
N GLN L 88 -22.67 -21.00 11.70
CA GLN L 88 -22.53 -22.36 11.22
C GLN L 88 -23.89 -23.06 11.28
N SER L 89 -24.66 -22.77 12.33
CA SER L 89 -26.00 -23.33 12.46
C SER L 89 -26.86 -22.80 11.32
N GLY L 90 -26.81 -21.48 11.11
CA GLY L 90 -27.54 -20.87 10.03
C GLY L 90 -27.07 -21.46 8.71
N GLY L 91 -25.76 -21.66 8.60
CA GLY L 91 -25.17 -22.22 7.40
C GLY L 91 -25.65 -23.63 7.11
N PHE L 92 -25.81 -24.44 8.15
CA PHE L 92 -26.28 -25.81 7.95
C PHE L 92 -27.71 -25.71 7.40
N LEU L 93 -28.47 -24.77 7.95
CA LEU L 93 -29.84 -24.54 7.52
C LEU L 93 -29.95 -24.13 6.06
N ALA L 94 -29.04 -23.26 5.60
CA ALA L 94 -29.07 -22.83 4.21
C ALA L 94 -28.71 -23.97 3.27
N PHE L 95 -27.58 -24.62 3.54
CA PHE L 95 -27.11 -25.75 2.73
C PHE L 95 -28.26 -26.71 2.46
N THR L 96 -28.81 -27.26 3.54
CA THR L 96 -29.90 -28.22 3.45
C THR L 96 -31.19 -27.65 2.83
N SER L 97 -31.41 -26.34 2.97
CA SER L 97 -32.59 -25.71 2.38
C SER L 97 -32.37 -25.54 0.87
N LEU L 98 -31.10 -25.39 0.46
CA LEU L 98 -30.81 -25.23 -0.95
C LEU L 98 -30.81 -26.57 -1.70
N TRP L 99 -29.94 -27.48 -1.31
CA TRP L 99 -29.85 -28.76 -2.00
C TRP L 99 -30.18 -29.95 -1.12
N GLY L 100 -31.03 -29.76 -0.13
CA GLY L 100 -31.37 -30.86 0.75
C GLY L 100 -30.08 -31.41 1.37
N PHE L 101 -30.11 -32.65 1.82
CA PHE L 101 -28.92 -33.25 2.42
C PHE L 101 -28.03 -33.83 1.34
N ASP L 102 -27.12 -33.02 0.79
CA ASP L 102 -26.23 -33.49 -0.29
C ASP L 102 -24.76 -33.38 0.10
N PRO L 103 -24.17 -34.47 0.64
CA PRO L 103 -22.76 -34.53 1.08
C PRO L 103 -21.81 -34.25 -0.07
N GLU L 104 -22.34 -34.38 -1.28
CA GLU L 104 -21.57 -34.17 -2.51
C GLU L 104 -21.32 -32.71 -2.92
N ILE L 105 -22.37 -31.87 -2.90
CA ILE L 105 -22.23 -30.47 -3.29
C ILE L 105 -21.45 -29.62 -2.28
N ALA L 106 -21.48 -30.04 -1.03
CA ALA L 106 -20.80 -29.31 0.05
C ALA L 106 -19.28 -29.27 -0.10
N LYS L 107 -18.73 -30.23 -0.84
CA LYS L 107 -17.28 -30.28 -1.02
C LYS L 107 -16.80 -29.06 -1.78
N THR L 108 -17.69 -28.43 -2.54
CA THR L 108 -17.30 -27.27 -3.32
C THR L 108 -17.86 -25.94 -2.82
N LYS L 109 -18.36 -25.92 -1.58
CA LYS L 109 -18.91 -24.67 -1.02
C LYS L 109 -18.20 -24.26 0.27
N ILE L 110 -18.22 -22.95 0.53
CA ILE L 110 -17.62 -22.41 1.74
C ILE L 110 -18.69 -21.51 2.33
N VAL L 111 -18.53 -21.18 3.61
CA VAL L 111 -19.48 -20.30 4.25
C VAL L 111 -18.72 -19.02 4.46
N ALA L 112 -19.11 -18.00 3.71
CA ALA L 112 -18.46 -16.70 3.80
C ALA L 112 -19.30 -15.74 4.61
N PHE L 113 -18.69 -15.23 5.68
CA PHE L 113 -19.34 -14.27 6.58
C PHE L 113 -19.37 -12.92 5.87
N MET L 114 -20.53 -12.28 5.85
CA MET L 114 -20.68 -10.96 5.22
C MET L 114 -20.87 -9.83 6.23
N THR L 115 -21.84 -9.98 7.13
CA THR L 115 -22.11 -8.97 8.15
C THR L 115 -22.51 -9.61 9.48
N ILE L 116 -22.43 -8.79 10.54
CA ILE L 116 -22.81 -9.20 11.88
C ILE L 116 -23.33 -7.91 12.51
N ASP L 117 -24.48 -7.98 13.20
CA ASP L 117 -25.06 -6.78 13.82
C ASP L 117 -26.01 -7.11 14.97
N LYS L 118 -26.28 -6.13 15.82
CA LYS L 118 -27.19 -6.29 16.94
C LYS L 118 -26.86 -7.51 17.81
N VAL L 119 -25.58 -7.74 18.03
CA VAL L 119 -25.16 -8.85 18.86
C VAL L 119 -24.91 -8.32 20.26
N LYS L 120 -25.39 -9.07 21.24
CA LYS L 120 -25.24 -8.70 22.64
C LYS L 120 -24.87 -9.93 23.49
N PHE L 121 -24.00 -9.72 24.46
CA PHE L 121 -23.57 -10.80 25.33
C PHE L 121 -24.10 -10.55 26.74
N ARG L 122 -25.01 -11.42 27.15
CA ARG L 122 -25.69 -11.32 28.46
C ARG L 122 -25.04 -12.08 29.61
N ILE L 123 -24.77 -13.35 29.39
CA ILE L 123 -24.16 -14.22 30.42
C ILE L 123 -22.94 -14.93 29.82
N PRO L 124 -21.78 -14.90 30.51
CA PRO L 124 -20.60 -15.57 29.95
C PRO L 124 -20.75 -17.08 29.85
N VAL L 125 -20.31 -17.64 28.72
CA VAL L 125 -20.38 -19.07 28.51
C VAL L 125 -19.06 -19.67 28.97
N THR L 126 -19.15 -20.82 29.63
CA THR L 126 -17.97 -21.47 30.17
C THR L 126 -18.06 -22.99 30.06
N PRO L 127 -16.95 -23.70 30.33
CA PRO L 127 -16.91 -25.16 30.28
C PRO L 127 -18.03 -25.75 31.11
N GLY L 128 -18.71 -26.75 30.56
CA GLY L 128 -19.81 -27.37 31.26
C GLY L 128 -21.15 -26.91 30.75
N ASP L 129 -21.17 -25.82 29.99
CA ASP L 129 -22.41 -25.28 29.44
C ASP L 129 -22.75 -25.97 28.13
N ARG L 130 -24.04 -26.07 27.86
CA ARG L 130 -24.53 -26.61 26.60
C ARG L 130 -24.93 -25.30 25.92
N LEU L 131 -24.23 -24.95 24.84
CA LEU L 131 -24.54 -23.72 24.13
C LEU L 131 -25.52 -24.03 23.02
N GLU L 132 -26.79 -23.72 23.25
CA GLU L 132 -27.83 -23.99 22.28
C GLU L 132 -28.05 -22.80 21.35
N TYR L 133 -28.03 -23.06 20.04
CA TYR L 133 -28.23 -22.03 19.02
C TYR L 133 -29.67 -22.02 18.52
N HIS L 134 -30.27 -20.83 18.45
CA HIS L 134 -31.64 -20.68 17.93
C HIS L 134 -31.65 -19.60 16.84
N LEU L 135 -31.74 -20.02 15.59
CA LEU L 135 -31.78 -19.07 14.49
C LEU L 135 -33.00 -19.23 13.59
N GLU L 136 -33.42 -18.11 13.01
CA GLU L 136 -34.57 -18.09 12.12
C GLU L 136 -34.17 -17.28 10.90
N VAL L 137 -34.75 -17.63 9.76
CA VAL L 137 -34.47 -16.94 8.50
C VAL L 137 -35.17 -15.59 8.48
N LEU L 138 -34.39 -14.53 8.27
CA LEU L 138 -34.91 -13.16 8.21
C LEU L 138 -35.05 -12.76 6.75
N LYS L 139 -34.05 -13.16 5.97
CA LYS L 139 -34.01 -12.89 4.54
C LYS L 139 -33.18 -13.95 3.85
N HIS L 140 -33.54 -14.26 2.60
CA HIS L 140 -32.84 -15.25 1.80
C HIS L 140 -32.91 -14.86 0.33
N LYS L 141 -31.77 -14.92 -0.36
CA LYS L 141 -31.70 -14.63 -1.80
C LYS L 141 -30.46 -15.30 -2.41
N GLY L 142 -30.69 -16.39 -3.14
CA GLY L 142 -29.60 -17.10 -3.77
C GLY L 142 -28.72 -17.79 -2.74
N MET L 143 -27.43 -17.46 -2.77
CA MET L 143 -26.47 -18.05 -1.83
C MET L 143 -26.44 -17.27 -0.53
N ILE L 144 -27.04 -16.08 -0.54
CA ILE L 144 -27.04 -15.18 0.62
C ILE L 144 -28.15 -15.46 1.64
N TRP L 145 -27.78 -15.52 2.92
CA TRP L 145 -28.76 -15.79 3.97
C TRP L 145 -28.62 -14.94 5.22
N GLN L 146 -29.75 -14.42 5.69
CA GLN L 146 -29.78 -13.59 6.88
C GLN L 146 -30.59 -14.33 7.92
N VAL L 147 -29.98 -14.49 9.09
CA VAL L 147 -30.59 -15.18 10.19
C VAL L 147 -30.47 -14.30 11.40
N GLY L 148 -31.24 -14.62 12.42
CA GLY L 148 -31.21 -13.83 13.62
C GLY L 148 -31.73 -14.69 14.74
N GLY L 149 -31.16 -14.54 15.92
CA GLY L 149 -31.63 -15.35 17.00
C GLY L 149 -30.89 -15.20 18.28
N THR L 150 -30.80 -16.32 18.98
CA THR L 150 -30.15 -16.31 20.28
C THR L 150 -29.20 -17.48 20.46
N ALA L 151 -28.40 -17.36 21.51
CA ALA L 151 -27.47 -18.40 21.92
C ALA L 151 -27.95 -18.61 23.36
N GLN L 152 -28.43 -19.81 23.66
CA GLN L 152 -28.95 -20.09 24.99
C GLN L 152 -28.22 -21.19 25.72
N VAL L 153 -28.20 -21.06 27.05
CA VAL L 153 -27.57 -22.04 27.93
C VAL L 153 -28.54 -22.28 29.07
N ASP L 154 -29.00 -23.51 29.17
CA ASP L 154 -29.93 -23.90 30.23
C ASP L 154 -31.17 -22.98 30.28
N GLY L 155 -31.74 -22.66 29.12
CA GLY L 155 -32.94 -21.85 29.11
C GLY L 155 -32.79 -20.35 28.93
N LYS L 156 -31.87 -19.73 29.66
CA LYS L 156 -31.67 -18.29 29.55
C LYS L 156 -31.05 -17.94 28.21
N VAL L 157 -31.21 -16.68 27.80
CA VAL L 157 -30.60 -16.23 26.56
C VAL L 157 -29.21 -15.77 26.99
N VAL L 158 -28.17 -16.34 26.40
CA VAL L 158 -26.81 -15.97 26.76
C VAL L 158 -26.26 -14.89 25.81
N ALA L 159 -26.80 -14.85 24.61
CA ALA L 159 -26.38 -13.87 23.62
C ALA L 159 -27.44 -13.78 22.53
N GLU L 160 -27.35 -12.73 21.73
CA GLU L 160 -28.26 -12.52 20.62
C GLU L 160 -27.48 -11.86 19.50
N ALA L 161 -27.84 -12.18 18.26
CA ALA L 161 -27.16 -11.59 17.12
C ALA L 161 -27.91 -11.78 15.82
N GLU L 162 -27.44 -11.08 14.80
CA GLU L 162 -28.00 -11.16 13.46
C GLU L 162 -26.82 -11.11 12.51
N LEU L 163 -26.83 -11.95 11.49
CA LEU L 163 -25.75 -11.96 10.53
C LEU L 163 -26.19 -12.44 9.18
N LYS L 164 -25.40 -12.11 8.18
CA LYS L 164 -25.66 -12.51 6.82
C LYS L 164 -24.44 -13.29 6.35
N ALA L 165 -24.67 -14.37 5.61
CA ALA L 165 -23.59 -15.18 5.13
C ALA L 165 -23.94 -15.77 3.77
N MET L 166 -22.96 -15.93 2.89
CA MET L 166 -23.29 -16.56 1.62
C MET L 166 -22.60 -17.92 1.52
N ILE L 167 -23.20 -18.79 0.73
CA ILE L 167 -22.67 -20.11 0.53
C ILE L 167 -22.12 -20.12 -0.87
N ALA L 168 -20.89 -19.62 -0.97
CA ALA L 168 -20.20 -19.50 -2.24
C ALA L 168 -19.50 -20.79 -2.63
N GLU L 169 -18.65 -20.69 -3.66
CA GLU L 169 -17.87 -21.83 -4.15
C GLU L 169 -16.44 -21.64 -3.66
N ARG L 170 -15.66 -22.72 -3.67
CA ARG L 170 -14.25 -22.63 -3.28
C ARG L 170 -13.55 -22.22 -4.57
N GLU L 171 -14.24 -21.37 -5.34
CA GLU L 171 -13.79 -20.87 -6.66
C GLU L 171 -12.47 -21.45 -7.15
CL CL M . 19.33 15.68 -20.98
CL CL N . 21.30 28.59 -9.76
CL CL O . 2.60 42.06 -35.78
CL CL P . -4.22 48.49 -20.95
CL CL Q . -11.33 18.94 -4.99
CL CL R . -15.50 15.53 -21.62
CL CL S . -1.64 -42.32 35.68
CL CL T . -12.32 -47.01 22.62
CL CL U . 14.30 -33.37 6.60
CL CL V . 17.75 -20.65 17.83
CL CL W . -15.41 -16.01 7.65
CL CL X . -15.45 -12.23 24.99
#